data_7SCN
#
_entry.id   7SCN
#
loop_
_entity.id
_entity.type
_entity.pdbx_description
1 polymer 'Hemagglutinin HA1 chain'
2 polymer 'Hemagglutinin HA2 chain'
3 polymer '310-63E6 Fab, Heavy Chain'
4 polymer '310-63E6 Fab, Light Chain'
5 non-polymer 2-acetamido-2-deoxy-beta-D-glucopyranose
#
loop_
_entity_poly.entity_id
_entity_poly.type
_entity_poly.pdbx_seq_one_letter_code
_entity_poly.pdbx_strand_id
1 'polypeptide(L)'
;DTICIGYHANNSTDTVDTVLEKNVTVTHSVNLLEDSHNGKLCLLKGIAPLQLGNCSVAGWILGNPECELLISKESWSYIV
ETPNPENGTCYPGYFADYEELREQLSSVSSFERFEIFPKESSWPNHTVTGVSASCSHNGKSSFYRNLLWLTGKNGLYPNL
SKSYVNNKEKEVLVLWGVHHPPNIGNQRALYHTENAYVSVVSSHYSRRFTPEIAKRPKVRDQEGRINYYWTLLEPGDTII
FEANGNLIAPWYAFALSRGFGSGIITSNAPMDECDAKCQTPQGAINSSLPFQNVHPVTIGECPKYVRSAKLRMVTGLRNI
PS
;
A,C,G
2 'polypeptide(L)'
;RETRGLFGAIAGFIEGGWTGMVDGWYGYHHQNEQGSGYAADQKSTQNAINGITNKVNSVIEKMNTQFTAVGKEFNKLERR
MENLNKKVDDGFLDIWTYNAELLVLLENERTLDFHDSNVKNLYEKVKSQLKNNAKEIGNGCFEFYHKCNNECMESVKNGT
YDYPKYSEESKLNREKIDGVKYIPEAPRDGQAYVRKDGEWVLLSTFLGSGLNDIFEAQKIEWHEGHHHHHH
;
B,D,I
3 'polypeptide(L)'
;QVQLVQSGAEVKKPGSSVKVSCTASGGTFSTYQFSWVRQAPGQGLEWMGRIVPIQGMDYAQKFRGRVTITADKWTSTVYM
EVTSLRSEDTAVYYCATSRSMYFYYQLDVWGRGTTVTVSS
;
H,E,J
4 'polypeptide(L)'
;EIVLTQSPGTLSLSPGERATVSCRASQSVTSTFLAWYQQRPGQAPRLLIYGASSRATGIPDRFSGSGSEADFTLTINRLE
PEDFAVYYCQQYATSPWTFGQGTKVEIK
;
L,F,K
#
# COMPACT_ATOMS: atom_id res chain seq x y z
N THR A 2 -13.58 48.00 -13.69
CA THR A 2 -15.04 47.93 -13.60
C THR A 2 -15.49 46.53 -13.15
N ILE A 3 -15.09 45.44 -13.86
CA ILE A 3 -15.43 44.04 -13.45
C ILE A 3 -14.15 43.29 -13.07
N CYS A 4 -14.10 42.70 -11.86
CA CYS A 4 -12.96 41.92 -11.35
C CYS A 4 -13.36 40.51 -11.00
N ILE A 5 -12.44 39.60 -11.23
CA ILE A 5 -12.56 38.19 -10.91
C ILE A 5 -11.64 37.83 -9.78
N GLY A 6 -12.15 37.18 -8.76
CA GLY A 6 -11.34 36.85 -7.62
C GLY A 6 -11.87 35.69 -6.83
N TYR A 7 -11.29 35.52 -5.66
CA TYR A 7 -11.64 34.43 -4.79
C TYR A 7 -11.67 34.87 -3.35
N HIS A 8 -12.40 34.11 -2.56
CA HIS A 8 -12.59 34.30 -1.14
C HIS A 8 -11.33 34.21 -0.28
N ALA A 9 -11.15 35.21 0.57
CA ALA A 9 -10.05 35.24 1.53
C ALA A 9 -10.69 35.23 2.89
N ASN A 10 -9.97 34.78 3.89
CA ASN A 10 -10.56 34.62 5.21
C ASN A 10 -9.51 34.88 6.29
N ASN A 11 -9.89 34.77 7.55
CA ASN A 11 -8.95 34.99 8.63
C ASN A 11 -8.51 33.68 9.31
N SER A 12 -8.69 32.56 8.61
CA SER A 12 -8.27 31.26 9.11
C SER A 12 -6.78 31.11 9.16
N THR A 13 -6.30 30.44 10.20
CA THR A 13 -4.88 30.16 10.40
C THR A 13 -4.57 28.67 10.30
N ASP A 14 -5.53 27.89 9.83
CA ASP A 14 -5.34 26.45 9.67
C ASP A 14 -4.39 26.18 8.51
N THR A 15 -3.38 25.31 8.70
CA THR A 15 -2.51 25.01 7.57
C THR A 15 -2.51 23.56 7.18
N VAL A 16 -2.12 23.33 5.94
CA VAL A 16 -1.99 22.00 5.38
C VAL A 16 -0.66 21.80 4.71
N ASP A 17 -0.30 20.55 4.49
CA ASP A 17 0.91 20.24 3.75
C ASP A 17 0.57 19.61 2.39
N THR A 18 1.46 19.82 1.42
CA THR A 18 1.42 19.24 0.09
C THR A 18 2.81 18.67 -0.13
N VAL A 19 3.08 18.09 -1.31
CA VAL A 19 4.41 17.53 -1.50
C VAL A 19 5.46 18.61 -1.72
N LEU A 20 5.15 19.61 -2.55
CA LEU A 20 6.08 20.69 -2.88
C LEU A 20 6.24 21.75 -1.81
N GLU A 21 5.22 21.96 -0.99
CA GLU A 21 5.26 23.02 0.02
C GLU A 21 4.64 22.60 1.33
N LYS A 22 5.07 23.23 2.41
CA LYS A 22 4.57 22.93 3.75
C LYS A 22 3.96 24.17 4.39
N ASN A 23 3.05 23.97 5.38
CA ASN A 23 2.38 25.01 6.17
C ASN A 23 1.65 26.08 5.31
N VAL A 24 0.82 25.61 4.36
CA VAL A 24 0.02 26.44 3.46
C VAL A 24 -1.25 26.81 4.20
N THR A 25 -1.55 28.10 4.34
CA THR A 25 -2.74 28.47 5.09
C THR A 25 -3.93 28.38 4.15
N VAL A 26 -5.04 27.78 4.60
CA VAL A 26 -6.23 27.63 3.77
C VAL A 26 -7.47 28.22 4.44
N THR A 27 -8.51 28.51 3.64
CA THR A 27 -9.73 29.10 4.18
C THR A 27 -10.68 28.08 4.80
N HIS A 28 -10.63 26.84 4.32
CA HIS A 28 -11.48 25.78 4.83
C HIS A 28 -10.73 24.47 4.84
N SER A 29 -10.92 23.69 5.88
CA SER A 29 -10.29 22.39 5.96
C SER A 29 -11.04 21.44 6.87
N VAL A 30 -10.73 20.17 6.73
CA VAL A 30 -11.26 19.12 7.57
C VAL A 30 -10.19 18.33 8.29
N ASN A 31 -10.30 18.24 9.60
CA ASN A 31 -9.36 17.48 10.37
C ASN A 31 -9.82 16.05 10.37
N LEU A 32 -9.07 15.16 9.74
CA LEU A 32 -9.48 13.79 9.61
C LEU A 32 -8.97 12.88 10.72
N LEU A 33 -8.17 13.42 11.64
CA LEU A 33 -7.54 12.61 12.67
C LEU A 33 -7.97 12.94 14.11
N GLU A 34 -8.38 11.92 14.87
CA GLU A 34 -8.72 12.09 16.29
C GLU A 34 -7.45 11.92 17.12
N ASP A 35 -7.19 12.85 18.01
CA ASP A 35 -6.02 12.78 18.84
C ASP A 35 -6.26 12.94 20.33
N SER A 36 -7.47 12.69 20.77
CA SER A 36 -7.76 12.83 22.18
C SER A 36 -8.75 11.80 22.63
N HIS A 37 -8.78 11.60 23.93
CA HIS A 37 -9.63 10.64 24.62
C HIS A 37 -10.10 11.22 25.94
N ASN A 38 -11.17 10.65 26.49
CA ASN A 38 -11.69 11.15 27.76
C ASN A 38 -10.94 10.70 29.02
N GLY A 39 -10.21 9.59 28.91
CA GLY A 39 -9.42 9.05 30.03
C GLY A 39 -10.19 8.10 30.92
N LYS A 40 -11.37 7.68 30.47
CA LYS A 40 -12.22 6.82 31.27
C LYS A 40 -12.69 5.59 30.52
N LEU A 41 -13.09 4.57 31.27
CA LEU A 41 -13.69 3.38 30.68
C LEU A 41 -15.19 3.66 30.60
N CYS A 42 -15.76 3.53 29.39
CA CYS A 42 -17.16 3.79 29.07
C CYS A 42 -17.92 2.51 28.75
N LEU A 43 -19.22 2.63 28.75
CA LEU A 43 -20.10 1.55 28.38
C LEU A 43 -20.06 1.50 26.87
N LEU A 44 -20.21 0.32 26.29
CA LEU A 44 -20.32 0.26 24.82
C LEU A 44 -21.72 -0.12 24.48
N LYS A 45 -22.44 0.81 23.88
CA LYS A 45 -23.83 0.59 23.54
C LYS A 45 -24.64 0.15 24.75
N GLY A 46 -24.42 0.79 25.88
CA GLY A 46 -25.12 0.52 27.12
C GLY A 46 -24.58 -0.61 28.01
N ILE A 47 -23.57 -1.37 27.57
CA ILE A 47 -23.09 -2.47 28.40
C ILE A 47 -21.70 -2.24 28.99
N ALA A 48 -21.62 -2.41 30.31
CA ALA A 48 -20.40 -2.24 31.07
C ALA A 48 -19.39 -3.35 30.80
N PRO A 49 -18.10 -3.11 30.93
CA PRO A 49 -17.05 -4.08 30.86
C PRO A 49 -16.98 -4.89 32.11
N LEU A 50 -16.33 -6.03 32.02
CA LEU A 50 -16.03 -6.78 33.20
C LEU A 50 -14.69 -6.29 33.64
N GLN A 51 -14.63 -5.75 34.83
CA GLN A 51 -13.39 -5.23 35.33
C GLN A 51 -12.85 -6.25 36.27
N LEU A 52 -11.62 -6.66 36.07
CA LEU A 52 -11.05 -7.69 36.90
C LEU A 52 -10.42 -7.15 38.18
N GLY A 53 -10.36 -5.86 38.36
CA GLY A 53 -9.73 -5.37 39.57
C GLY A 53 -8.28 -5.86 39.59
N ASN A 54 -7.86 -6.51 40.69
CA ASN A 54 -6.50 -7.04 40.87
C ASN A 54 -6.34 -8.50 40.38
N CYS A 55 -7.40 -9.08 39.75
CA CYS A 55 -7.48 -10.46 39.27
C CYS A 55 -6.89 -10.60 37.88
N SER A 56 -6.26 -11.73 37.66
CA SER A 56 -5.80 -12.06 36.32
C SER A 56 -6.92 -12.83 35.69
N VAL A 57 -6.80 -13.14 34.40
CA VAL A 57 -7.84 -13.94 33.77
C VAL A 57 -7.87 -15.31 34.44
N ALA A 58 -6.69 -15.89 34.73
CA ALA A 58 -6.65 -17.19 35.40
C ALA A 58 -7.35 -17.13 36.73
N GLY A 59 -7.19 -16.04 37.45
CA GLY A 59 -7.82 -15.86 38.75
C GLY A 59 -9.33 -15.87 38.61
N TRP A 60 -9.84 -15.06 37.70
CA TRP A 60 -11.26 -14.97 37.44
C TRP A 60 -11.91 -16.31 37.12
N ILE A 61 -11.35 -17.05 36.17
CA ILE A 61 -11.88 -18.34 35.73
C ILE A 61 -11.69 -19.48 36.70
N LEU A 62 -10.55 -19.60 37.35
CA LEU A 62 -10.36 -20.68 38.30
C LEU A 62 -11.15 -20.37 39.55
N GLY A 63 -11.30 -19.10 39.82
CA GLY A 63 -11.98 -18.61 40.96
C GLY A 63 -10.85 -18.29 41.88
N ASN A 64 -11.00 -17.34 42.71
CA ASN A 64 -9.91 -17.00 43.58
C ASN A 64 -10.59 -16.40 44.75
N PRO A 65 -10.22 -16.73 45.96
CA PRO A 65 -10.85 -16.20 47.12
C PRO A 65 -11.01 -14.68 47.10
N GLU A 66 -10.07 -13.97 46.47
CA GLU A 66 -10.10 -12.50 46.40
C GLU A 66 -10.84 -11.92 45.16
N CYS A 67 -11.36 -12.78 44.27
CA CYS A 67 -12.04 -12.48 43.02
C CYS A 67 -13.52 -12.82 43.19
N GLU A 68 -13.97 -12.89 44.43
CA GLU A 68 -15.36 -13.23 44.72
C GLU A 68 -16.34 -12.25 44.16
N LEU A 69 -15.93 -11.01 43.94
CA LEU A 69 -16.86 -10.01 43.46
C LEU A 69 -17.16 -10.18 41.99
N LEU A 70 -16.43 -11.07 41.31
CA LEU A 70 -16.63 -11.30 39.91
C LEU A 70 -17.55 -12.50 39.64
N ILE A 71 -17.84 -13.34 40.65
CA ILE A 71 -18.53 -14.60 40.35
C ILE A 71 -19.97 -14.42 39.93
N SER A 72 -20.56 -13.29 40.29
CA SER A 72 -21.92 -12.93 39.96
C SER A 72 -22.09 -12.20 38.64
N LYS A 73 -21.00 -11.81 37.96
CA LYS A 73 -21.19 -11.07 36.72
C LYS A 73 -21.10 -11.98 35.52
N GLU A 74 -22.24 -12.19 34.86
CA GLU A 74 -22.34 -13.12 33.75
C GLU A 74 -22.22 -12.55 32.35
N SER A 75 -22.33 -11.24 32.17
CA SER A 75 -22.25 -10.69 30.82
C SER A 75 -21.48 -9.40 30.80
N TRP A 76 -20.83 -9.13 29.68
CA TRP A 76 -20.02 -7.94 29.53
C TRP A 76 -19.81 -7.52 28.09
N SER A 77 -19.39 -6.27 27.91
CA SER A 77 -19.03 -5.78 26.58
C SER A 77 -17.56 -5.97 26.20
N TYR A 78 -16.69 -5.98 27.19
CA TYR A 78 -15.25 -6.15 27.04
C TYR A 78 -14.70 -6.52 28.40
N ILE A 79 -13.46 -6.98 28.45
CA ILE A 79 -12.81 -7.32 29.72
C ILE A 79 -11.61 -6.43 29.97
N VAL A 80 -11.51 -5.87 31.18
CA VAL A 80 -10.38 -5.01 31.50
C VAL A 80 -9.50 -5.59 32.58
N GLU A 81 -8.25 -5.79 32.23
CA GLU A 81 -7.23 -6.35 33.09
C GLU A 81 -6.26 -5.24 33.47
N THR A 82 -5.72 -5.23 34.68
CA THR A 82 -4.78 -4.18 35.02
C THR A 82 -3.41 -4.56 34.48
N PRO A 83 -2.45 -3.65 34.34
CA PRO A 83 -1.09 -3.94 33.88
C PRO A 83 -0.35 -5.08 34.60
N ASN A 84 -0.54 -5.21 35.89
CA ASN A 84 0.13 -6.26 36.65
C ASN A 84 -0.78 -6.89 37.69
N PRO A 85 -1.71 -7.76 37.32
CA PRO A 85 -2.66 -8.37 38.20
C PRO A 85 -1.89 -9.22 39.16
N GLU A 86 -2.37 -9.35 40.38
CA GLU A 86 -1.72 -10.21 41.37
C GLU A 86 -2.52 -11.48 41.74
N ASN A 87 -3.87 -11.41 41.72
CA ASN A 87 -4.74 -12.49 42.16
C ASN A 87 -5.07 -13.41 40.99
N GLY A 88 -4.09 -14.30 40.71
CA GLY A 88 -4.08 -15.30 39.66
C GLY A 88 -4.07 -16.68 40.27
N THR A 89 -3.11 -17.48 39.89
CA THR A 89 -2.99 -18.82 40.39
C THR A 89 -2.35 -18.80 41.77
N CYS A 90 -3.19 -18.66 42.84
CA CYS A 90 -2.78 -18.53 44.25
C CYS A 90 -2.06 -19.77 44.77
N TYR A 91 -2.35 -20.92 44.18
CA TYR A 91 -1.61 -22.12 44.53
C TYR A 91 -0.73 -22.29 43.29
N PRO A 92 0.60 -22.11 43.39
CA PRO A 92 1.53 -22.08 42.28
C PRO A 92 1.45 -23.28 41.39
N GLY A 93 1.66 -23.06 40.10
CA GLY A 93 1.63 -24.13 39.12
C GLY A 93 1.59 -23.61 37.72
N TYR A 94 1.64 -24.53 36.76
CA TYR A 94 1.62 -24.20 35.35
C TYR A 94 0.20 -24.24 34.84
N PHE A 95 -0.24 -23.19 34.18
CA PHE A 95 -1.58 -23.17 33.64
C PHE A 95 -1.43 -23.54 32.18
N ALA A 96 -1.90 -24.73 31.81
CA ALA A 96 -1.72 -25.19 30.46
C ALA A 96 -2.53 -24.40 29.48
N ASP A 97 -1.95 -24.08 28.35
CA ASP A 97 -2.66 -23.40 27.29
C ASP A 97 -3.38 -22.17 27.82
N TYR A 98 -2.71 -21.40 28.64
CA TYR A 98 -3.31 -20.22 29.22
C TYR A 98 -3.57 -19.16 28.20
N GLU A 99 -2.61 -18.93 27.34
CA GLU A 99 -2.71 -17.90 26.33
C GLU A 99 -3.80 -18.26 25.36
N GLU A 100 -3.94 -19.53 25.09
CA GLU A 100 -4.96 -20.03 24.19
C GLU A 100 -6.34 -19.85 24.83
N LEU A 101 -6.45 -20.05 26.15
CA LEU A 101 -7.72 -19.82 26.82
C LEU A 101 -8.07 -18.35 26.76
N ARG A 102 -7.09 -17.47 26.95
CA ARG A 102 -7.39 -16.05 26.88
C ARG A 102 -7.96 -15.69 25.52
N GLU A 103 -7.47 -16.34 24.46
CA GLU A 103 -7.98 -16.08 23.13
C GLU A 103 -9.43 -16.59 23.05
N GLN A 104 -9.73 -17.76 23.63
CA GLN A 104 -11.09 -18.28 23.57
C GLN A 104 -12.08 -17.39 24.31
N LEU A 105 -11.64 -16.80 25.39
CA LEU A 105 -12.49 -15.96 26.22
C LEU A 105 -12.63 -14.57 25.70
N SER A 106 -11.94 -14.26 24.61
CA SER A 106 -12.01 -12.94 24.04
C SER A 106 -13.16 -12.86 23.08
N SER A 107 -13.85 -13.98 22.83
CA SER A 107 -15.01 -13.93 21.96
C SER A 107 -16.27 -14.24 22.76
N VAL A 108 -16.12 -14.48 24.05
CA VAL A 108 -17.26 -14.81 24.90
C VAL A 108 -17.91 -13.54 25.35
N SER A 109 -19.23 -13.43 25.14
CA SER A 109 -19.93 -12.22 25.54
C SER A 109 -20.60 -12.44 26.88
N SER A 110 -20.88 -13.70 27.17
CA SER A 110 -21.49 -14.06 28.42
C SER A 110 -21.32 -15.53 28.71
N PHE A 111 -21.60 -15.90 29.95
CA PHE A 111 -21.64 -17.30 30.32
C PHE A 111 -22.48 -17.60 31.53
N GLU A 112 -22.89 -18.84 31.65
CA GLU A 112 -23.59 -19.31 32.82
C GLU A 112 -22.60 -20.06 33.69
N ARG A 113 -22.41 -19.64 34.93
CA ARG A 113 -21.50 -20.38 35.80
C ARG A 113 -22.39 -21.36 36.55
N PHE A 114 -22.17 -22.65 36.38
CA PHE A 114 -23.07 -23.62 36.99
C PHE A 114 -22.32 -24.79 37.57
N GLU A 115 -22.93 -25.50 38.51
CA GLU A 115 -22.24 -26.66 39.05
C GLU A 115 -22.35 -27.84 38.14
N ILE A 116 -21.24 -28.52 37.93
CA ILE A 116 -21.30 -29.76 37.21
C ILE A 116 -21.35 -30.85 38.21
N PHE A 117 -20.51 -30.73 39.22
CA PHE A 117 -20.38 -31.76 40.22
C PHE A 117 -20.53 -31.18 41.62
N PRO A 118 -21.75 -30.94 42.10
CA PRO A 118 -22.00 -30.24 43.33
C PRO A 118 -21.19 -30.86 44.45
N LYS A 119 -20.59 -30.02 45.25
CA LYS A 119 -19.71 -30.44 46.32
C LYS A 119 -20.28 -31.45 47.28
N GLU A 120 -21.51 -31.24 47.72
CA GLU A 120 -22.11 -32.10 48.71
C GLU A 120 -22.52 -33.49 48.24
N SER A 121 -23.13 -33.59 47.07
CA SER A 121 -23.62 -34.86 46.60
C SER A 121 -22.71 -35.64 45.69
N SER A 122 -21.72 -35.01 45.07
CA SER A 122 -20.92 -35.75 44.11
C SER A 122 -19.83 -36.65 44.67
N TRP A 123 -19.27 -36.34 45.83
CA TRP A 123 -18.20 -37.19 46.30
C TRP A 123 -18.36 -37.61 47.75
N PRO A 124 -19.35 -38.46 48.08
CA PRO A 124 -19.69 -38.87 49.43
C PRO A 124 -18.61 -39.68 50.22
N ASN A 125 -17.64 -40.28 49.50
CA ASN A 125 -16.56 -41.10 50.07
C ASN A 125 -15.17 -40.45 49.88
N HIS A 126 -15.08 -39.12 49.65
CA HIS A 126 -13.83 -38.37 49.53
C HIS A 126 -13.95 -37.15 50.40
N THR A 127 -12.84 -36.60 50.80
CA THR A 127 -12.92 -35.38 51.55
C THR A 127 -12.95 -34.24 50.55
N VAL A 128 -13.92 -33.35 50.67
CA VAL A 128 -14.07 -32.24 49.73
C VAL A 128 -13.71 -30.93 50.38
N THR A 129 -13.18 -31.03 51.57
CA THR A 129 -12.71 -29.89 52.31
C THR A 129 -11.21 -29.93 52.27
N GLY A 130 -10.61 -28.82 51.88
CA GLY A 130 -9.17 -28.73 51.80
C GLY A 130 -8.85 -27.35 51.34
N VAL A 131 -7.92 -26.76 52.06
CA VAL A 131 -7.49 -25.40 51.87
C VAL A 131 -6.00 -25.26 51.87
N SER A 132 -5.51 -24.10 51.46
CA SER A 132 -4.10 -23.83 51.53
C SER A 132 -3.83 -22.42 52.04
N ALA A 133 -2.69 -22.25 52.70
CA ALA A 133 -2.29 -20.93 53.22
C ALA A 133 -2.09 -19.95 52.10
N SER A 134 -1.58 -20.43 50.98
CA SER A 134 -1.29 -19.60 49.83
C SER A 134 -2.52 -18.99 49.14
N CYS A 135 -3.75 -19.48 49.44
CA CYS A 135 -5.01 -19.00 48.90
C CYS A 135 -5.78 -18.36 50.06
N SER A 136 -5.08 -17.94 51.10
CA SER A 136 -5.72 -17.34 52.25
C SER A 136 -6.61 -16.17 51.93
N HIS A 137 -7.80 -16.17 52.53
CA HIS A 137 -8.82 -15.16 52.36
C HIS A 137 -9.30 -14.62 53.69
N ASN A 138 -9.08 -13.34 53.92
CA ASN A 138 -9.47 -12.72 55.19
C ASN A 138 -8.79 -13.40 56.36
N GLY A 139 -7.56 -13.84 56.17
CA GLY A 139 -6.80 -14.47 57.23
C GLY A 139 -6.98 -15.97 57.36
N LYS A 140 -7.93 -16.57 56.65
CA LYS A 140 -8.13 -18.00 56.79
C LYS A 140 -7.64 -18.73 55.57
N SER A 141 -7.14 -19.93 55.73
CA SER A 141 -6.72 -20.69 54.57
C SER A 141 -7.94 -20.92 53.70
N SER A 142 -7.76 -20.91 52.40
CA SER A 142 -8.91 -21.11 51.49
C SER A 142 -8.49 -21.76 50.19
N PHE A 143 -9.34 -21.70 49.18
CA PHE A 143 -9.01 -22.35 47.92
C PHE A 143 -9.80 -21.73 46.77
N TYR A 144 -9.55 -22.22 45.58
CA TYR A 144 -10.19 -21.78 44.37
C TYR A 144 -11.67 -22.00 44.49
N ARG A 145 -12.46 -21.07 43.98
CA ARG A 145 -13.90 -21.19 44.10
C ARG A 145 -14.59 -22.08 43.09
N ASN A 146 -13.98 -22.35 41.93
CA ASN A 146 -14.65 -23.20 40.96
C ASN A 146 -14.09 -24.63 40.95
N LEU A 147 -13.15 -24.91 41.85
CA LEU A 147 -12.46 -26.21 41.96
C LEU A 147 -12.52 -26.84 43.35
N LEU A 148 -12.41 -28.16 43.40
CA LEU A 148 -12.31 -28.88 44.68
C LEU A 148 -11.11 -29.78 44.81
N TRP A 149 -10.40 -29.61 45.90
CA TRP A 149 -9.25 -30.46 46.12
C TRP A 149 -9.72 -31.72 46.79
N LEU A 150 -9.73 -32.84 46.08
CA LEU A 150 -10.24 -34.03 46.72
C LEU A 150 -9.10 -34.76 47.37
N THR A 151 -9.32 -35.20 48.59
CA THR A 151 -8.33 -35.97 49.33
C THR A 151 -9.00 -37.21 49.89
N GLY A 152 -8.25 -38.11 50.49
CA GLY A 152 -8.88 -39.32 51.00
C GLY A 152 -9.78 -39.06 52.19
N LYS A 153 -10.60 -40.06 52.51
CA LYS A 153 -11.52 -40.03 53.62
C LYS A 153 -11.35 -41.31 54.39
N ASN A 154 -11.15 -41.21 55.69
CA ASN A 154 -10.96 -42.38 56.55
C ASN A 154 -9.82 -43.28 56.08
N GLY A 155 -8.74 -42.69 55.56
CA GLY A 155 -7.58 -43.46 55.14
C GLY A 155 -7.63 -43.99 53.70
N LEU A 156 -8.73 -43.78 53.01
CA LEU A 156 -8.84 -44.27 51.65
C LEU A 156 -9.08 -43.22 50.59
N TYR A 157 -8.62 -43.48 49.39
CA TYR A 157 -8.96 -42.63 48.27
C TYR A 157 -9.53 -43.56 47.21
N PRO A 158 -10.84 -43.85 47.25
CA PRO A 158 -11.48 -44.78 46.38
C PRO A 158 -11.28 -44.38 44.94
N ASN A 159 -11.17 -45.37 44.06
CA ASN A 159 -11.00 -45.05 42.66
C ASN A 159 -12.16 -44.20 42.27
N LEU A 160 -11.87 -43.09 41.66
CA LEU A 160 -12.87 -42.15 41.29
C LEU A 160 -13.25 -42.21 39.85
N SER A 161 -14.55 -42.16 39.56
CA SER A 161 -15.04 -42.08 38.18
C SER A 161 -16.31 -41.24 38.08
N LYS A 162 -16.23 -40.14 37.33
CA LYS A 162 -17.33 -39.22 37.12
C LYS A 162 -17.53 -38.79 35.71
N SER A 163 -18.75 -38.48 35.35
CA SER A 163 -18.97 -37.97 34.02
C SER A 163 -20.05 -36.95 33.97
N TYR A 164 -19.98 -36.13 32.94
CA TYR A 164 -20.97 -35.11 32.66
C TYR A 164 -21.34 -35.03 31.22
N VAL A 165 -22.62 -34.97 30.97
CA VAL A 165 -23.12 -34.86 29.61
C VAL A 165 -23.54 -33.45 29.34
N ASN A 166 -23.06 -32.89 28.25
CA ASN A 166 -23.40 -31.52 28.01
C ASN A 166 -24.77 -31.44 27.41
N ASN A 167 -25.75 -31.21 28.27
CA ASN A 167 -27.14 -31.17 27.87
C ASN A 167 -27.59 -29.75 27.58
N LYS A 168 -26.63 -28.85 27.46
CA LYS A 168 -26.92 -27.47 27.13
C LYS A 168 -26.64 -27.28 25.65
N GLU A 169 -27.20 -26.22 25.07
CA GLU A 169 -26.96 -25.89 23.67
C GLU A 169 -25.61 -25.20 23.48
N LYS A 170 -25.01 -24.83 24.59
CA LYS A 170 -23.78 -24.08 24.66
C LYS A 170 -22.56 -24.96 24.86
N GLU A 171 -21.39 -24.47 24.47
CA GLU A 171 -20.14 -25.15 24.75
C GLU A 171 -19.84 -24.99 26.21
N VAL A 172 -19.29 -26.00 26.85
CA VAL A 172 -18.97 -25.86 28.25
C VAL A 172 -17.49 -25.92 28.54
N LEU A 173 -17.01 -24.89 29.22
CA LEU A 173 -15.62 -24.83 29.60
C LEU A 173 -15.42 -25.48 30.93
N VAL A 174 -14.64 -26.54 30.92
CA VAL A 174 -14.41 -27.32 32.10
C VAL A 174 -12.97 -27.18 32.50
N LEU A 175 -12.71 -26.81 33.75
CA LEU A 175 -11.35 -26.67 34.22
C LEU A 175 -11.11 -27.60 35.37
N TRP A 176 -9.89 -28.08 35.48
CA TRP A 176 -9.51 -28.98 36.57
C TRP A 176 -8.02 -28.86 36.78
N GLY A 177 -7.50 -29.49 37.81
CA GLY A 177 -6.05 -29.48 37.95
C GLY A 177 -5.49 -30.78 38.47
N VAL A 178 -4.17 -30.85 38.52
CA VAL A 178 -3.47 -32.02 39.02
C VAL A 178 -2.47 -31.56 40.07
N HIS A 179 -2.46 -32.21 41.22
CA HIS A 179 -1.54 -31.83 42.29
C HIS A 179 -0.27 -32.63 42.22
N HIS A 180 0.83 -31.93 42.40
CA HIS A 180 2.18 -32.45 42.41
C HIS A 180 2.88 -32.12 43.74
N PRO A 181 2.77 -32.97 44.76
CA PRO A 181 3.27 -32.76 46.10
C PRO A 181 4.78 -32.58 46.09
N PRO A 182 5.34 -31.89 47.09
CA PRO A 182 6.75 -31.69 47.28
C PRO A 182 7.50 -32.95 47.63
N ASN A 183 6.81 -33.95 48.16
CA ASN A 183 7.48 -35.14 48.58
C ASN A 183 6.57 -36.35 48.65
N ILE A 184 7.16 -37.49 48.99
CA ILE A 184 6.45 -38.74 49.13
C ILE A 184 5.55 -38.74 50.33
N GLY A 185 6.00 -38.18 51.43
CA GLY A 185 5.21 -38.17 52.64
C GLY A 185 3.88 -37.46 52.42
N ASN A 186 3.87 -36.42 51.61
CA ASN A 186 2.65 -35.66 51.35
C ASN A 186 1.75 -36.46 50.42
N GLN A 187 2.34 -37.16 49.46
CA GLN A 187 1.54 -37.96 48.54
C GLN A 187 0.83 -39.08 49.32
N ARG A 188 1.54 -39.66 50.28
CA ARG A 188 1.01 -40.74 51.09
C ARG A 188 -0.05 -40.24 52.07
N ALA A 189 0.15 -39.04 52.61
CA ALA A 189 -0.79 -38.44 53.54
C ALA A 189 -2.11 -38.05 52.90
N LEU A 190 -2.07 -37.55 51.67
CA LEU A 190 -3.28 -37.09 51.03
C LEU A 190 -4.04 -38.09 50.18
N TYR A 191 -3.33 -38.88 49.37
CA TYR A 191 -4.02 -39.76 48.45
C TYR A 191 -3.87 -41.21 48.83
N HIS A 192 -2.83 -41.49 49.59
CA HIS A 192 -2.49 -42.81 50.10
C HIS A 192 -2.09 -43.81 49.02
N THR A 193 -1.40 -43.31 48.01
CA THR A 193 -0.86 -44.11 46.93
C THR A 193 0.33 -43.40 46.37
N GLU A 194 1.31 -44.15 45.90
CA GLU A 194 2.47 -43.54 45.25
C GLU A 194 2.37 -43.62 43.75
N ASN A 195 1.28 -44.20 43.27
CA ASN A 195 1.08 -44.43 41.86
C ASN A 195 -0.28 -43.95 41.44
N ALA A 196 -0.42 -42.64 41.39
CA ALA A 196 -1.66 -42.03 41.04
C ALA A 196 -1.63 -41.61 39.62
N TYR A 197 -2.79 -41.50 39.04
CA TYR A 197 -2.93 -40.98 37.72
C TYR A 197 -4.24 -40.27 37.70
N VAL A 198 -4.38 -39.38 36.74
CA VAL A 198 -5.61 -38.70 36.44
C VAL A 198 -5.88 -38.87 34.96
N SER A 199 -7.07 -39.24 34.58
CA SER A 199 -7.37 -39.44 33.18
C SER A 199 -8.63 -38.76 32.75
N VAL A 200 -8.50 -37.87 31.77
CA VAL A 200 -9.66 -37.13 31.33
C VAL A 200 -9.91 -37.35 29.86
N VAL A 201 -11.11 -37.80 29.52
CA VAL A 201 -11.44 -38.02 28.12
C VAL A 201 -12.79 -37.44 27.69
N SER A 202 -12.96 -37.23 26.41
CA SER A 202 -14.23 -36.80 25.79
C SER A 202 -14.17 -37.37 24.39
N SER A 203 -15.18 -37.18 23.54
CA SER A 203 -15.07 -37.85 22.25
C SER A 203 -13.92 -37.33 21.42
N HIS A 204 -13.46 -36.12 21.71
CA HIS A 204 -12.39 -35.53 20.95
C HIS A 204 -11.29 -35.00 21.85
N TYR A 205 -11.08 -35.65 22.97
CA TYR A 205 -10.05 -35.24 23.92
C TYR A 205 -9.54 -36.41 24.70
N SER A 206 -8.25 -36.49 24.86
CA SER A 206 -7.75 -37.52 25.73
C SER A 206 -6.42 -37.16 26.28
N ARG A 207 -6.32 -37.12 27.58
CA ARG A 207 -5.07 -36.82 28.21
C ARG A 207 -4.93 -37.58 29.51
N ARG A 208 -3.75 -38.11 29.77
CA ARG A 208 -3.51 -38.80 31.02
C ARG A 208 -2.37 -38.10 31.71
N PHE A 209 -2.52 -37.86 32.99
CA PHE A 209 -1.56 -37.12 33.75
C PHE A 209 -1.07 -37.95 34.90
N THR A 210 0.16 -37.77 35.30
CA THR A 210 0.65 -38.41 36.51
C THR A 210 1.29 -37.31 37.33
N PRO A 211 1.34 -37.42 38.64
CA PRO A 211 2.04 -36.50 39.51
C PRO A 211 3.52 -36.67 39.41
N GLU A 212 4.24 -35.60 39.65
CA GLU A 212 5.68 -35.63 39.74
C GLU A 212 6.08 -35.15 41.12
N ILE A 213 7.03 -35.81 41.71
CA ILE A 213 7.50 -35.43 43.03
C ILE A 213 8.90 -34.89 42.88
N ALA A 214 9.14 -33.69 43.37
CA ALA A 214 10.45 -33.06 43.23
C ALA A 214 10.70 -32.00 44.26
N LYS A 215 11.97 -31.73 44.53
CA LYS A 215 12.30 -30.60 45.39
C LYS A 215 12.13 -29.37 44.53
N ARG A 216 11.41 -28.38 45.01
CA ARG A 216 11.16 -27.20 44.17
C ARG A 216 11.43 -25.94 44.95
N PRO A 217 11.76 -24.81 44.32
CA PRO A 217 11.86 -23.54 44.99
C PRO A 217 10.49 -23.20 45.50
N LYS A 218 10.39 -22.51 46.61
CA LYS A 218 9.06 -22.12 47.06
C LYS A 218 8.56 -20.93 46.27
N VAL A 219 7.28 -20.96 45.96
CA VAL A 219 6.60 -19.85 45.33
C VAL A 219 5.42 -19.56 46.21
N ARG A 220 5.26 -18.32 46.66
CA ARG A 220 4.18 -18.02 47.60
C ARG A 220 4.25 -18.91 48.82
N ASP A 221 5.47 -19.17 49.28
CA ASP A 221 5.80 -19.98 50.45
C ASP A 221 5.37 -21.44 50.35
N GLN A 222 4.95 -21.86 49.18
CA GLN A 222 4.49 -23.21 48.98
C GLN A 222 5.39 -24.03 48.09
N GLU A 223 5.82 -25.18 48.59
CA GLU A 223 6.60 -26.09 47.78
C GLU A 223 5.56 -27.04 47.20
N GLY A 224 5.72 -27.48 45.98
CA GLY A 224 4.69 -28.32 45.38
C GLY A 224 3.88 -27.47 44.41
N ARG A 225 3.19 -28.11 43.48
CA ARG A 225 2.46 -27.36 42.46
C ARG A 225 1.10 -27.93 42.05
N ILE A 226 0.21 -27.08 41.55
CA ILE A 226 -1.02 -27.57 40.89
C ILE A 226 -1.07 -27.14 39.46
N ASN A 227 -1.09 -28.07 38.54
CA ASN A 227 -1.13 -27.65 37.17
C ASN A 227 -2.58 -27.52 36.77
N TYR A 228 -2.90 -26.58 35.90
CA TYR A 228 -4.28 -26.38 35.54
C TYR A 228 -4.51 -26.72 34.10
N TYR A 229 -5.62 -27.40 33.84
CA TYR A 229 -5.96 -27.84 32.52
C TYR A 229 -7.40 -27.50 32.19
N TRP A 230 -7.71 -27.41 30.92
CA TRP A 230 -9.08 -27.14 30.54
C TRP A 230 -9.41 -27.70 29.19
N THR A 231 -10.70 -27.84 28.95
CA THR A 231 -11.19 -28.23 27.63
C THR A 231 -12.58 -27.70 27.37
N LEU A 232 -12.94 -27.56 26.11
CA LEU A 232 -14.29 -27.15 25.75
C LEU A 232 -15.09 -28.36 25.31
N LEU A 233 -16.16 -28.63 26.03
CA LEU A 233 -17.01 -29.75 25.77
C LEU A 233 -18.13 -29.32 24.83
N GLU A 234 -18.22 -29.96 23.68
CA GLU A 234 -19.22 -29.58 22.69
C GLU A 234 -20.59 -30.04 23.14
N PRO A 235 -21.69 -29.39 22.73
CA PRO A 235 -23.03 -29.79 23.05
C PRO A 235 -23.25 -31.22 22.64
N GLY A 236 -23.83 -31.99 23.52
CA GLY A 236 -24.13 -33.38 23.28
C GLY A 236 -23.01 -34.33 23.66
N ASP A 237 -21.81 -33.83 23.97
CA ASP A 237 -20.76 -34.79 24.28
C ASP A 237 -20.70 -35.10 25.76
N THR A 238 -19.78 -35.99 26.13
CA THR A 238 -19.59 -36.41 27.51
C THR A 238 -18.14 -36.31 27.93
N ILE A 239 -17.89 -35.75 29.11
CA ILE A 239 -16.54 -35.69 29.62
C ILE A 239 -16.43 -36.66 30.77
N ILE A 240 -15.39 -37.48 30.77
CA ILE A 240 -15.20 -38.46 31.82
C ILE A 240 -13.89 -38.26 32.57
N PHE A 241 -13.98 -38.18 33.88
CA PHE A 241 -12.86 -38.01 34.78
C PHE A 241 -12.60 -39.24 35.64
N GLU A 242 -11.38 -39.78 35.57
CA GLU A 242 -11.01 -40.92 36.40
C GLU A 242 -9.74 -40.62 37.18
N ALA A 243 -9.63 -41.08 38.43
CA ALA A 243 -8.39 -40.84 39.15
C ALA A 243 -8.11 -41.77 40.35
N ASN A 244 -6.83 -41.95 40.64
CA ASN A 244 -6.41 -42.65 41.88
C ASN A 244 -5.96 -41.67 42.92
N GLY A 245 -5.92 -40.42 42.56
CA GLY A 245 -5.41 -39.39 43.44
C GLY A 245 -4.93 -38.25 42.62
N ASN A 246 -4.53 -37.20 43.31
CA ASN A 246 -3.99 -35.99 42.76
C ASN A 246 -4.93 -35.17 41.91
N LEU A 247 -6.22 -35.41 41.99
CA LEU A 247 -7.16 -34.62 41.22
C LEU A 247 -7.80 -33.47 41.98
N ILE A 248 -7.71 -32.30 41.36
CA ILE A 248 -8.38 -31.13 41.84
C ILE A 248 -9.58 -31.09 40.91
N ALA A 249 -10.71 -31.49 41.44
CA ALA A 249 -11.88 -31.75 40.65
C ALA A 249 -12.55 -30.49 40.18
N PRO A 250 -13.19 -30.50 39.03
CA PRO A 250 -14.00 -29.41 38.60
C PRO A 250 -15.19 -29.38 39.51
N TRP A 251 -15.69 -28.21 39.83
CA TRP A 251 -16.91 -28.04 40.59
C TRP A 251 -17.86 -27.27 39.73
N TYR A 252 -17.44 -26.07 39.35
CA TYR A 252 -18.22 -25.19 38.49
C TYR A 252 -17.63 -25.15 37.11
N ALA A 253 -18.48 -24.87 36.14
CA ALA A 253 -18.08 -24.76 34.75
C ALA A 253 -18.86 -23.70 34.07
N PHE A 254 -18.38 -23.29 32.93
CA PHE A 254 -19.04 -22.19 32.27
C PHE A 254 -19.69 -22.55 30.97
N ALA A 255 -20.99 -22.28 30.83
CA ALA A 255 -21.66 -22.54 29.56
C ALA A 255 -21.52 -21.27 28.77
N LEU A 256 -20.72 -21.33 27.73
CA LEU A 256 -20.33 -20.14 27.02
C LEU A 256 -21.27 -19.72 25.92
N SER A 257 -21.39 -18.42 25.74
CA SER A 257 -22.16 -17.82 24.68
C SER A 257 -21.28 -16.82 23.98
N ARG A 258 -20.97 -17.12 22.73
CA ARG A 258 -20.05 -16.34 21.95
C ARG A 258 -20.74 -15.22 21.20
N GLY A 259 -19.98 -14.16 20.95
CA GLY A 259 -20.46 -13.01 20.21
C GLY A 259 -19.33 -12.37 19.45
N PHE A 260 -19.53 -11.12 19.03
CA PHE A 260 -18.51 -10.47 18.23
C PHE A 260 -18.16 -9.10 18.75
N GLY A 261 -16.91 -8.71 18.53
CA GLY A 261 -16.45 -7.35 18.82
C GLY A 261 -15.78 -7.13 20.16
N SER A 262 -15.91 -8.08 21.08
CA SER A 262 -15.32 -7.98 22.41
C SER A 262 -13.87 -8.38 22.39
N GLY A 263 -13.18 -8.15 23.49
CA GLY A 263 -11.80 -8.54 23.62
C GLY A 263 -11.30 -8.17 25.00
N ILE A 264 -10.04 -8.48 25.26
CA ILE A 264 -9.44 -8.18 26.56
C ILE A 264 -8.42 -7.09 26.38
N ILE A 265 -8.54 -6.03 27.15
CA ILE A 265 -7.57 -4.95 27.06
C ILE A 265 -6.93 -4.75 28.41
N THR A 266 -5.76 -4.17 28.40
CA THR A 266 -5.06 -3.90 29.64
C THR A 266 -5.11 -2.42 29.90
N SER A 267 -5.67 -2.03 31.01
CA SER A 267 -5.85 -0.63 31.33
C SER A 267 -6.02 -0.36 32.80
N ASN A 268 -5.57 0.80 33.25
CA ASN A 268 -5.80 1.21 34.62
C ASN A 268 -6.66 2.47 34.68
N ALA A 269 -7.40 2.73 33.61
CA ALA A 269 -8.32 3.86 33.55
C ALA A 269 -9.50 3.57 34.51
N PRO A 270 -10.10 4.57 35.17
CA PRO A 270 -11.28 4.44 36.03
C PRO A 270 -12.52 4.21 35.21
N MET A 271 -13.52 3.58 35.78
CA MET A 271 -14.81 3.43 35.15
C MET A 271 -15.71 4.62 35.42
N ASP A 272 -16.53 4.99 34.45
CA ASP A 272 -17.50 6.05 34.65
C ASP A 272 -18.83 5.67 34.01
N GLU A 273 -19.82 6.54 34.11
CA GLU A 273 -21.18 6.29 33.59
C GLU A 273 -21.42 6.69 32.11
N CYS A 274 -20.35 7.11 31.40
CA CYS A 274 -20.31 7.52 30.02
C CYS A 274 -20.57 6.37 29.06
N ASP A 275 -20.84 6.73 27.82
CA ASP A 275 -21.14 5.74 26.79
C ASP A 275 -20.42 6.19 25.55
N ALA A 276 -19.76 5.25 24.90
CA ALA A 276 -18.97 5.55 23.73
C ALA A 276 -19.08 4.44 22.71
N LYS A 277 -18.77 4.75 21.48
CA LYS A 277 -18.78 3.71 20.47
C LYS A 277 -17.44 2.96 20.29
N CYS A 278 -16.30 3.58 20.70
CA CYS A 278 -14.94 3.06 20.60
C CYS A 278 -14.20 3.31 21.92
N GLN A 279 -13.61 2.25 22.44
CA GLN A 279 -12.85 2.31 23.68
C GLN A 279 -11.39 1.96 23.47
N THR A 280 -10.45 2.82 23.89
CA THR A 280 -9.07 2.42 23.75
C THR A 280 -8.62 2.20 25.21
N PRO A 281 -7.49 1.56 25.50
CA PRO A 281 -6.92 1.43 26.82
C PRO A 281 -6.62 2.74 27.53
N GLN A 282 -6.51 3.84 26.80
CA GLN A 282 -6.23 5.10 27.47
C GLN A 282 -7.50 5.83 27.81
N GLY A 283 -8.63 5.30 27.37
CA GLY A 283 -9.92 5.93 27.52
C GLY A 283 -10.70 5.93 26.21
N ALA A 284 -11.99 6.14 26.29
CA ALA A 284 -12.85 6.16 25.11
C ALA A 284 -12.62 7.35 24.21
N ILE A 285 -12.92 7.16 22.91
CA ILE A 285 -12.80 8.21 21.90
C ILE A 285 -14.15 8.37 21.17
N ASN A 286 -14.36 9.52 20.48
CA ASN A 286 -15.63 9.87 19.83
C ASN A 286 -15.98 9.05 18.56
N SER A 287 -14.98 8.64 17.74
CA SER A 287 -15.17 7.86 16.49
C SER A 287 -16.10 8.50 15.44
N SER A 288 -15.78 9.73 15.05
CA SER A 288 -16.51 10.46 14.01
C SER A 288 -15.65 10.74 12.78
N LEU A 289 -14.33 10.65 12.92
CA LEU A 289 -13.39 10.92 11.84
C LEU A 289 -12.84 9.57 11.37
N PRO A 290 -12.31 9.43 10.15
CA PRO A 290 -11.73 8.20 9.65
C PRO A 290 -10.43 7.71 10.32
N PHE A 291 -9.66 8.58 10.96
CA PHE A 291 -8.41 8.12 11.55
C PHE A 291 -8.24 8.56 12.99
N GLN A 292 -7.41 7.84 13.73
CA GLN A 292 -7.00 8.19 15.09
C GLN A 292 -5.51 8.01 15.26
N ASN A 293 -4.92 8.71 16.20
CA ASN A 293 -3.55 8.43 16.59
C ASN A 293 -3.47 8.19 18.09
N VAL A 294 -4.60 7.83 18.70
CA VAL A 294 -4.65 7.64 20.14
C VAL A 294 -4.06 6.32 20.60
N HIS A 295 -4.50 5.20 20.06
CA HIS A 295 -3.89 3.95 20.50
C HIS A 295 -4.15 2.85 19.49
N PRO A 296 -3.20 1.95 19.21
CA PRO A 296 -3.39 0.84 18.31
C PRO A 296 -4.37 -0.23 18.72
N VAL A 297 -4.69 -0.36 20.01
CA VAL A 297 -5.59 -1.43 20.42
C VAL A 297 -6.93 -0.92 20.79
N THR A 298 -7.96 -1.31 20.07
CA THR A 298 -9.25 -0.80 20.41
C THR A 298 -10.36 -1.83 20.37
N ILE A 299 -11.43 -1.51 21.08
CA ILE A 299 -12.66 -2.28 21.05
C ILE A 299 -13.83 -1.42 20.64
N GLY A 300 -14.59 -1.89 19.66
CA GLY A 300 -15.76 -1.15 19.21
C GLY A 300 -15.67 -0.62 17.79
N GLU A 301 -16.60 0.26 17.48
CA GLU A 301 -16.73 0.80 16.14
C GLU A 301 -15.79 1.99 16.04
N CYS A 302 -14.51 1.69 15.69
CA CYS A 302 -13.35 2.58 15.76
C CYS A 302 -12.77 3.07 14.41
N PRO A 303 -12.08 4.23 14.43
CA PRO A 303 -11.29 4.82 13.37
C PRO A 303 -10.00 4.05 13.17
N LYS A 304 -9.38 4.19 12.00
CA LYS A 304 -8.12 3.52 11.70
C LYS A 304 -6.96 4.10 12.48
N TYR A 305 -6.08 3.26 13.05
CA TYR A 305 -4.94 3.81 13.76
C TYR A 305 -3.82 4.12 12.79
N VAL A 306 -3.36 5.35 12.86
CA VAL A 306 -2.31 5.91 12.05
C VAL A 306 -1.24 6.56 12.89
N ARG A 307 0.03 6.28 12.65
CA ARG A 307 1.05 6.97 13.41
C ARG A 307 1.43 8.30 12.80
N SER A 308 0.49 9.23 12.80
CA SER A 308 0.69 10.55 12.19
C SER A 308 0.34 11.62 13.18
N ALA A 309 1.01 12.77 13.08
CA ALA A 309 0.67 13.89 13.94
C ALA A 309 -0.58 14.61 13.46
N LYS A 310 -0.73 14.77 12.14
CA LYS A 310 -1.90 15.44 11.61
C LYS A 310 -2.25 14.95 10.23
N LEU A 311 -3.54 14.87 9.96
CA LEU A 311 -4.07 14.56 8.65
C LEU A 311 -5.14 15.57 8.33
N ARG A 312 -4.73 16.75 7.90
CA ARG A 312 -5.71 17.79 7.62
C ARG A 312 -5.84 17.94 6.13
N MET A 313 -7.07 17.89 5.68
CA MET A 313 -7.40 17.98 4.29
C MET A 313 -7.95 19.33 3.88
N VAL A 314 -7.47 19.81 2.76
CA VAL A 314 -7.89 21.09 2.21
C VAL A 314 -9.23 20.94 1.57
N THR A 315 -10.17 21.81 1.90
CA THR A 315 -11.43 21.74 1.20
C THR A 315 -11.61 23.04 0.48
N GLY A 316 -10.98 24.08 1.01
CA GLY A 316 -11.11 25.44 0.52
C GLY A 316 -9.93 25.95 -0.29
N LEU A 317 -9.79 27.25 -0.26
CA LEU A 317 -8.85 28.01 -1.05
C LEU A 317 -7.58 28.33 -0.30
N ARG A 318 -6.52 28.66 -1.02
CA ARG A 318 -5.31 29.10 -0.34
C ARG A 318 -5.66 30.46 0.27
N ASN A 319 -5.38 30.66 1.54
CA ASN A 319 -5.78 31.87 2.21
C ASN A 319 -4.80 33.01 2.15
N ILE A 320 -4.79 33.70 1.03
CA ILE A 320 -3.92 34.85 0.88
C ILE A 320 -4.73 36.09 0.55
N PRO A 321 -5.09 36.93 1.52
CA PRO A 321 -5.83 38.17 1.34
C PRO A 321 -4.98 39.13 0.53
N SER A 322 -5.63 39.96 -0.33
CA SER A 322 -5.03 41.03 -1.14
C SER A 322 -4.56 42.17 -0.24
N ILE B 10 -9.07 47.79 -6.31
CA ILE B 10 -9.43 46.43 -5.93
C ILE B 10 -9.09 45.46 -7.08
N ALA B 11 -7.92 44.80 -6.99
CA ALA B 11 -7.40 43.78 -7.92
C ALA B 11 -8.03 42.43 -7.62
N GLY B 12 -8.00 41.54 -8.59
CA GLY B 12 -8.56 40.21 -8.49
C GLY B 12 -7.57 39.12 -8.05
N PHE B 13 -7.90 37.88 -8.46
CA PHE B 13 -7.23 36.62 -8.10
C PHE B 13 -5.74 36.56 -8.35
N ILE B 14 -5.28 37.37 -9.27
CA ILE B 14 -3.89 37.37 -9.62
C ILE B 14 -3.02 37.98 -8.52
N GLU B 15 -3.58 38.90 -7.71
CA GLU B 15 -2.80 39.51 -6.66
C GLU B 15 -3.13 38.94 -5.29
N GLY B 16 -4.39 38.51 -5.08
CA GLY B 16 -4.79 37.98 -3.77
C GLY B 16 -6.30 37.90 -3.64
N GLY B 17 -6.78 37.33 -2.54
CA GLY B 17 -8.22 37.19 -2.36
C GLY B 17 -8.91 38.38 -1.72
N TRP B 18 -10.22 38.27 -1.69
CA TRP B 18 -11.10 39.28 -1.18
C TRP B 18 -11.73 38.92 0.15
N THR B 19 -11.52 39.74 1.16
CA THR B 19 -12.11 39.46 2.46
C THR B 19 -13.49 40.07 2.53
N GLY B 20 -13.85 40.78 1.47
CA GLY B 20 -15.14 41.41 1.36
C GLY B 20 -16.14 40.49 0.63
N MET B 21 -15.70 39.33 0.18
CA MET B 21 -16.61 38.46 -0.54
C MET B 21 -16.88 37.27 0.35
N VAL B 22 -18.12 37.11 0.79
CA VAL B 22 -18.43 36.09 1.77
C VAL B 22 -19.47 35.05 1.39
N ASP B 23 -20.04 35.15 0.21
CA ASP B 23 -21.11 34.27 -0.21
C ASP B 23 -20.72 33.16 -1.19
N GLY B 24 -19.43 32.88 -1.31
CA GLY B 24 -18.95 31.82 -2.16
C GLY B 24 -17.44 31.85 -2.28
N TRP B 25 -16.88 30.82 -2.86
CA TRP B 25 -15.43 30.73 -3.04
C TRP B 25 -14.94 31.54 -4.22
N TYR B 26 -15.74 31.63 -5.25
CA TYR B 26 -15.33 32.29 -6.46
C TYR B 26 -16.33 33.37 -6.73
N GLY B 27 -15.91 34.47 -7.32
CA GLY B 27 -16.90 35.49 -7.60
C GLY B 27 -16.38 36.74 -8.26
N TYR B 28 -17.25 37.74 -8.26
CA TYR B 28 -17.01 39.00 -8.91
C TYR B 28 -17.10 40.22 -8.02
N HIS B 29 -16.38 41.24 -8.42
CA HIS B 29 -16.42 42.53 -7.79
C HIS B 29 -16.63 43.62 -8.81
N HIS B 30 -17.45 44.61 -8.48
CA HIS B 30 -17.61 45.69 -9.44
C HIS B 30 -17.66 47.09 -8.89
N GLN B 31 -17.33 48.02 -9.79
CA GLN B 31 -17.43 49.46 -9.57
C GLN B 31 -18.11 50.15 -10.75
N ASN B 32 -19.31 50.69 -10.54
CA ASN B 32 -20.08 51.31 -11.60
C ASN B 32 -20.78 52.56 -11.09
N GLU B 33 -21.50 53.25 -11.96
CA GLU B 33 -22.19 54.48 -11.60
C GLU B 33 -23.20 54.29 -10.49
N GLN B 34 -23.85 53.15 -10.52
CA GLN B 34 -24.91 52.81 -9.59
C GLN B 34 -24.42 52.30 -8.23
N GLY B 35 -23.12 52.07 -8.08
CA GLY B 35 -22.64 51.50 -6.83
C GLY B 35 -21.54 50.47 -7.04
N SER B 36 -21.18 49.78 -5.97
CA SER B 36 -20.10 48.82 -6.01
C SER B 36 -20.34 47.71 -5.03
N GLY B 37 -19.60 46.63 -5.18
CA GLY B 37 -19.72 45.53 -4.23
C GLY B 37 -19.22 44.20 -4.75
N TYR B 38 -19.43 43.17 -3.93
CA TYR B 38 -18.99 41.83 -4.27
C TYR B 38 -20.20 40.91 -4.36
N ALA B 39 -20.12 39.92 -5.22
CA ALA B 39 -21.14 38.88 -5.32
C ALA B 39 -20.51 37.59 -5.77
N ALA B 40 -20.92 36.48 -5.20
CA ALA B 40 -20.34 35.21 -5.60
C ALA B 40 -20.90 34.68 -6.89
N ASP B 41 -20.07 33.88 -7.55
CA ASP B 41 -20.49 33.08 -8.68
C ASP B 41 -21.01 31.81 -8.08
N GLN B 42 -22.30 31.72 -7.96
CA GLN B 42 -22.89 30.64 -7.22
C GLN B 42 -22.90 29.34 -7.99
N LYS B 43 -22.64 29.39 -9.28
CA LYS B 43 -22.67 28.13 -10.01
C LYS B 43 -21.29 27.56 -10.04
N SER B 44 -20.28 28.43 -10.14
CA SER B 44 -18.94 27.89 -10.13
C SER B 44 -18.64 27.41 -8.73
N THR B 45 -19.11 28.15 -7.71
CA THR B 45 -18.88 27.73 -6.35
C THR B 45 -19.62 26.47 -6.05
N GLN B 46 -20.89 26.34 -6.44
CA GLN B 46 -21.53 25.09 -6.08
C GLN B 46 -20.91 23.92 -6.78
N ASN B 47 -20.48 24.07 -8.03
CA ASN B 47 -19.90 22.92 -8.68
C ASN B 47 -18.58 22.55 -8.01
N ALA B 48 -17.81 23.54 -7.56
CA ALA B 48 -16.58 23.25 -6.87
C ALA B 48 -16.88 22.53 -5.58
N ILE B 49 -17.96 22.93 -4.88
CA ILE B 49 -18.30 22.28 -3.64
C ILE B 49 -18.68 20.86 -3.90
N ASN B 50 -19.47 20.59 -4.94
CA ASN B 50 -19.88 19.23 -5.22
C ASN B 50 -18.66 18.34 -5.43
N GLY B 51 -17.65 18.86 -6.13
CA GLY B 51 -16.41 18.14 -6.40
C GLY B 51 -15.66 17.83 -5.11
N ILE B 52 -15.50 18.85 -4.28
CA ILE B 52 -14.79 18.71 -3.03
C ILE B 52 -15.51 17.77 -2.10
N THR B 53 -16.82 17.85 -2.03
CA THR B 53 -17.57 16.99 -1.15
C THR B 53 -17.36 15.56 -1.58
N ASN B 54 -17.39 15.28 -2.90
CA ASN B 54 -17.17 13.92 -3.33
C ASN B 54 -15.76 13.46 -2.99
N LYS B 55 -14.79 14.37 -3.06
CA LYS B 55 -13.41 14.04 -2.73
C LYS B 55 -13.26 13.68 -1.25
N VAL B 56 -13.93 14.43 -0.37
CA VAL B 56 -13.86 14.14 1.05
C VAL B 56 -14.48 12.78 1.29
N ASN B 57 -15.61 12.51 0.65
CA ASN B 57 -16.27 11.25 0.84
C ASN B 57 -15.44 10.12 0.28
N SER B 58 -14.71 10.35 -0.79
CA SER B 58 -13.87 9.31 -1.36
C SER B 58 -12.82 8.87 -0.34
N VAL B 59 -12.23 9.82 0.39
CA VAL B 59 -11.24 9.49 1.41
C VAL B 59 -11.88 8.67 2.53
N ILE B 60 -13.07 9.09 2.96
CA ILE B 60 -13.79 8.43 4.03
C ILE B 60 -14.18 6.99 3.66
N GLU B 61 -14.69 6.80 2.45
CA GLU B 61 -15.12 5.49 1.97
C GLU B 61 -13.97 4.49 1.82
N LYS B 62 -12.82 4.94 1.35
CA LYS B 62 -11.71 4.00 1.20
C LYS B 62 -11.15 3.53 2.53
N MET B 63 -11.05 4.43 3.49
CA MET B 63 -10.45 4.06 4.76
C MET B 63 -11.45 3.42 5.72
N ASN B 64 -11.88 2.23 5.36
CA ASN B 64 -12.86 1.41 6.07
C ASN B 64 -12.13 0.42 6.99
N THR B 65 -12.28 0.56 8.31
CA THR B 65 -11.54 -0.31 9.21
C THR B 65 -12.33 -1.48 9.75
N GLN B 66 -11.88 -2.68 9.37
CA GLN B 66 -12.46 -3.94 9.83
C GLN B 66 -11.42 -4.72 10.62
N PHE B 67 -10.28 -4.07 10.85
CA PHE B 67 -9.12 -4.63 11.50
C PHE B 67 -9.28 -4.78 13.02
N THR B 68 -8.86 -5.92 13.55
CA THR B 68 -8.88 -6.12 14.99
C THR B 68 -7.47 -6.11 15.52
N ALA B 69 -7.21 -5.19 16.44
CA ALA B 69 -5.89 -5.01 17.01
C ALA B 69 -5.75 -5.54 18.43
N VAL B 70 -6.74 -6.24 18.93
CA VAL B 70 -6.63 -6.73 20.29
C VAL B 70 -5.50 -7.74 20.27
N GLY B 71 -4.57 -7.57 21.22
CA GLY B 71 -3.37 -8.38 21.23
C GLY B 71 -3.52 -9.76 21.78
N LYS B 72 -2.41 -10.49 21.72
CA LYS B 72 -2.31 -11.87 22.14
C LYS B 72 -1.15 -12.03 23.06
N GLU B 73 -1.26 -12.96 23.99
CA GLU B 73 -0.16 -13.27 24.86
C GLU B 73 0.60 -14.44 24.30
N PHE B 74 1.88 -14.51 24.59
CA PHE B 74 2.72 -15.60 24.15
C PHE B 74 3.57 -16.10 25.31
N ASN B 75 3.97 -17.36 25.27
CA ASN B 75 4.84 -17.91 26.30
C ASN B 75 6.28 -17.59 26.09
N LYS B 76 7.11 -18.03 27.01
CA LYS B 76 8.54 -17.80 26.94
C LYS B 76 9.18 -18.59 25.82
N LEU B 77 8.50 -19.62 25.38
CA LEU B 77 8.96 -20.49 24.30
C LEU B 77 8.22 -20.25 23.01
N GLU B 78 7.50 -19.14 22.92
CA GLU B 78 6.77 -18.80 21.73
C GLU B 78 7.25 -17.48 21.19
N ARG B 79 8.52 -17.17 21.39
CA ARG B 79 9.08 -15.90 20.98
C ARG B 79 9.06 -15.77 19.48
N ARG B 80 9.28 -16.84 18.74
CA ARG B 80 9.24 -16.71 17.30
C ARG B 80 7.85 -16.30 16.83
N MET B 81 6.81 -16.82 17.49
CA MET B 81 5.45 -16.50 17.12
C MET B 81 5.12 -15.09 17.54
N GLU B 82 5.63 -14.67 18.69
CA GLU B 82 5.39 -13.33 19.17
C GLU B 82 5.99 -12.34 18.23
N ASN B 83 7.21 -12.61 17.77
CA ASN B 83 7.88 -11.70 16.86
C ASN B 83 7.22 -11.70 15.50
N LEU B 84 6.64 -12.82 15.06
CA LEU B 84 5.93 -12.81 13.81
C LEU B 84 4.70 -11.96 13.96
N ASN B 85 3.98 -12.09 15.07
CA ASN B 85 2.79 -11.30 15.28
C ASN B 85 3.15 -9.82 15.33
N LYS B 86 4.27 -9.49 15.97
CA LYS B 86 4.66 -8.10 16.06
C LYS B 86 4.98 -7.58 14.69
N LYS B 87 5.71 -8.35 13.88
CA LYS B 87 6.06 -7.96 12.52
C LYS B 87 4.84 -7.68 11.69
N VAL B 88 3.81 -8.51 11.83
CA VAL B 88 2.61 -8.32 11.07
C VAL B 88 1.91 -7.04 11.49
N ASP B 89 1.78 -6.79 12.79
CA ASP B 89 1.10 -5.58 13.21
C ASP B 89 1.87 -4.34 12.85
N ASP B 90 3.19 -4.38 12.95
CA ASP B 90 3.96 -3.19 12.62
C ASP B 90 3.97 -2.96 11.14
N GLY B 91 4.03 -4.02 10.34
CA GLY B 91 4.05 -3.87 8.91
C GLY B 91 2.74 -3.28 8.43
N PHE B 92 1.62 -3.75 8.96
CA PHE B 92 0.36 -3.20 8.52
C PHE B 92 0.22 -1.77 8.96
N LEU B 93 0.72 -1.44 10.14
CA LEU B 93 0.65 -0.08 10.59
C LEU B 93 1.49 0.83 9.72
N ASP B 94 2.69 0.40 9.34
CA ASP B 94 3.55 1.24 8.51
C ASP B 94 2.92 1.49 7.17
N ILE B 95 2.28 0.46 6.61
CA ILE B 95 1.65 0.58 5.32
C ILE B 95 0.47 1.49 5.37
N TRP B 96 -0.39 1.35 6.36
CA TRP B 96 -1.54 2.23 6.43
C TRP B 96 -1.18 3.64 6.81
N THR B 97 -0.09 3.83 7.57
CA THR B 97 0.30 5.18 7.89
C THR B 97 0.77 5.82 6.60
N TYR B 98 1.56 5.10 5.81
CA TYR B 98 2.05 5.57 4.52
C TYR B 98 0.90 5.93 3.63
N ASN B 99 -0.09 5.05 3.51
CA ASN B 99 -1.19 5.32 2.63
C ASN B 99 -2.01 6.50 3.07
N ALA B 100 -2.25 6.65 4.38
CA ALA B 100 -3.03 7.78 4.85
C ALA B 100 -2.34 9.10 4.63
N GLU B 101 -1.03 9.15 4.87
CA GLU B 101 -0.32 10.39 4.69
C GLU B 101 -0.16 10.74 3.25
N LEU B 102 0.08 9.74 2.41
CA LEU B 102 0.27 10.01 1.02
C LEU B 102 -1.02 10.43 0.38
N LEU B 103 -2.13 9.79 0.74
CA LEU B 103 -3.40 10.16 0.17
C LEU B 103 -3.74 11.58 0.54
N VAL B 104 -3.51 11.98 1.78
CA VAL B 104 -3.83 13.33 2.15
C VAL B 104 -2.93 14.33 1.45
N LEU B 105 -1.62 14.08 1.34
CA LEU B 105 -0.77 15.05 0.66
C LEU B 105 -1.09 15.18 -0.81
N LEU B 106 -1.39 14.07 -1.47
CA LEU B 106 -1.68 14.16 -2.88
C LEU B 106 -3.01 14.83 -3.11
N GLU B 107 -3.98 14.58 -2.25
CA GLU B 107 -5.26 15.22 -2.44
C GLU B 107 -5.17 16.68 -2.09
N ASN B 108 -4.38 17.08 -1.10
CA ASN B 108 -4.30 18.49 -0.80
C ASN B 108 -3.68 19.24 -1.94
N GLU B 109 -2.69 18.64 -2.58
CA GLU B 109 -2.06 19.31 -3.67
C GLU B 109 -3.00 19.41 -4.85
N ARG B 110 -3.75 18.34 -5.15
CA ARG B 110 -4.67 18.41 -6.27
C ARG B 110 -5.82 19.37 -5.99
N THR B 111 -6.27 19.45 -4.75
CA THR B 111 -7.34 20.35 -4.37
C THR B 111 -6.95 21.78 -4.59
N LEU B 112 -5.74 22.15 -4.20
CA LEU B 112 -5.35 23.51 -4.41
C LEU B 112 -5.26 23.81 -5.91
N ASP B 113 -4.76 22.86 -6.73
CA ASP B 113 -4.69 23.13 -8.17
C ASP B 113 -6.08 23.26 -8.78
N PHE B 114 -7.03 22.48 -8.29
CA PHE B 114 -8.41 22.50 -8.72
C PHE B 114 -9.00 23.87 -8.50
N HIS B 115 -8.82 24.41 -7.32
CA HIS B 115 -9.39 25.70 -7.05
C HIS B 115 -8.71 26.80 -7.87
N ASP B 116 -7.40 26.70 -8.08
CA ASP B 116 -6.75 27.74 -8.85
C ASP B 116 -7.22 27.68 -10.31
N SER B 117 -7.46 26.48 -10.82
CA SER B 117 -7.95 26.31 -12.18
C SER B 117 -9.33 26.93 -12.31
N ASN B 118 -10.19 26.72 -11.33
CA ASN B 118 -11.52 27.25 -11.41
C ASN B 118 -11.57 28.77 -11.35
N VAL B 119 -10.69 29.43 -10.57
CA VAL B 119 -10.80 30.88 -10.59
C VAL B 119 -10.31 31.38 -11.93
N LYS B 120 -9.30 30.73 -12.50
CA LYS B 120 -8.84 31.12 -13.83
C LYS B 120 -9.97 30.96 -14.83
N ASN B 121 -10.77 29.90 -14.72
CA ASN B 121 -11.87 29.71 -15.67
C ASN B 121 -12.89 30.84 -15.56
N LEU B 122 -13.07 31.43 -14.37
CA LEU B 122 -14.01 32.54 -14.31
C LEU B 122 -13.46 33.67 -15.10
N TYR B 123 -12.17 33.90 -15.00
CA TYR B 123 -11.55 34.98 -15.72
C TYR B 123 -11.64 34.77 -17.23
N GLU B 124 -11.32 33.57 -17.69
CA GLU B 124 -11.35 33.31 -19.12
C GLU B 124 -12.74 33.41 -19.73
N LYS B 125 -13.79 32.99 -19.00
CA LYS B 125 -15.14 33.07 -19.56
C LYS B 125 -15.64 34.52 -19.62
N VAL B 126 -14.91 35.44 -19.01
CA VAL B 126 -15.28 36.84 -19.09
C VAL B 126 -14.60 37.44 -20.28
N LYS B 127 -13.31 37.17 -20.48
CA LYS B 127 -12.68 37.81 -21.64
C LYS B 127 -13.28 37.25 -22.93
N SER B 128 -13.79 36.01 -22.91
CA SER B 128 -14.39 35.41 -24.09
C SER B 128 -15.71 36.08 -24.46
N GLN B 129 -16.28 36.87 -23.56
CA GLN B 129 -17.50 37.58 -23.82
C GLN B 129 -17.23 39.03 -24.12
N LEU B 130 -16.25 39.62 -23.44
CA LEU B 130 -16.02 41.04 -23.60
C LEU B 130 -15.18 41.33 -24.82
N LYS B 131 -14.27 40.45 -25.15
CA LYS B 131 -13.44 40.60 -26.31
C LYS B 131 -12.82 41.99 -26.38
N ASN B 132 -13.07 42.72 -27.45
CA ASN B 132 -12.44 44.02 -27.61
C ASN B 132 -13.23 45.14 -26.95
N ASN B 133 -14.31 44.80 -26.28
CA ASN B 133 -15.11 45.82 -25.64
C ASN B 133 -14.60 46.16 -24.27
N ALA B 134 -13.53 45.50 -23.82
CA ALA B 134 -12.98 45.85 -22.52
C ALA B 134 -11.49 45.67 -22.51
N LYS B 135 -10.81 46.51 -21.76
CA LYS B 135 -9.39 46.42 -21.63
C LYS B 135 -9.02 45.39 -20.60
N GLU B 136 -8.18 44.45 -20.98
CA GLU B 136 -7.72 43.51 -19.99
C GLU B 136 -6.61 44.25 -19.28
N ILE B 137 -6.66 44.30 -17.97
CA ILE B 137 -5.69 45.10 -17.24
C ILE B 137 -4.41 44.36 -16.88
N GLY B 138 -4.54 43.12 -16.43
CA GLY B 138 -3.41 42.33 -15.96
C GLY B 138 -3.36 42.19 -14.44
N ASN B 139 -4.39 42.72 -13.76
CA ASN B 139 -4.51 42.64 -12.32
C ASN B 139 -5.74 41.82 -11.97
N GLY B 140 -6.16 40.94 -12.90
CA GLY B 140 -7.35 40.10 -12.71
C GLY B 140 -8.72 40.81 -12.91
N CYS B 141 -8.76 41.92 -13.71
CA CYS B 141 -9.94 42.75 -13.97
C CYS B 141 -9.99 43.21 -15.42
N PHE B 142 -11.17 43.68 -15.82
CA PHE B 142 -11.38 44.23 -17.14
C PHE B 142 -12.08 45.59 -17.03
N GLU B 143 -11.66 46.53 -17.87
CA GLU B 143 -12.27 47.85 -17.90
C GLU B 143 -13.09 48.03 -19.17
N PHE B 144 -14.38 48.16 -19.03
CA PHE B 144 -15.22 48.24 -20.23
C PHE B 144 -14.91 49.54 -20.92
N TYR B 145 -14.85 49.52 -22.24
CA TYR B 145 -14.65 50.77 -22.95
C TYR B 145 -15.96 51.53 -23.03
N HIS B 146 -17.06 50.80 -23.18
CA HIS B 146 -18.37 51.39 -23.23
C HIS B 146 -18.80 51.67 -21.82
N LYS B 147 -19.70 52.62 -21.64
CA LYS B 147 -20.23 52.79 -20.30
C LYS B 147 -21.08 51.55 -20.01
N CYS B 148 -20.90 50.92 -18.82
CA CYS B 148 -21.65 49.73 -18.41
C CYS B 148 -22.39 50.03 -17.10
N ASN B 149 -23.67 49.65 -17.09
CA ASN B 149 -24.64 49.77 -16.02
C ASN B 149 -24.84 48.45 -15.28
N ASN B 150 -25.73 48.42 -14.30
CA ASN B 150 -25.90 47.19 -13.56
C ASN B 150 -26.41 46.04 -14.40
N GLU B 151 -27.23 46.33 -15.39
CA GLU B 151 -27.81 45.27 -16.20
C GLU B 151 -26.78 44.51 -17.07
N CYS B 152 -25.80 45.22 -17.72
CA CYS B 152 -24.72 44.59 -18.50
C CYS B 152 -23.74 43.89 -17.55
N MET B 153 -23.61 44.37 -16.32
CA MET B 153 -22.71 43.67 -15.41
C MET B 153 -23.30 42.32 -15.08
N GLU B 154 -24.62 42.27 -14.87
CA GLU B 154 -25.25 41.01 -14.56
C GLU B 154 -25.21 40.10 -15.76
N SER B 155 -25.35 40.68 -16.95
CA SER B 155 -25.32 39.93 -18.19
C SER B 155 -23.98 39.25 -18.38
N VAL B 156 -22.87 39.94 -18.07
CA VAL B 156 -21.57 39.30 -18.21
C VAL B 156 -21.44 38.16 -17.24
N LYS B 157 -21.85 38.37 -15.99
CA LYS B 157 -21.76 37.33 -14.97
C LYS B 157 -22.59 36.11 -15.34
N ASN B 158 -23.72 36.33 -16.01
CA ASN B 158 -24.62 35.26 -16.41
C ASN B 158 -24.19 34.54 -17.69
N GLY B 159 -23.13 35.01 -18.36
CA GLY B 159 -22.71 34.40 -19.61
C GLY B 159 -23.60 34.78 -20.79
N THR B 160 -24.28 35.93 -20.70
CA THR B 160 -25.21 36.38 -21.73
C THR B 160 -24.83 37.73 -22.32
N TYR B 161 -23.58 38.17 -22.17
CA TYR B 161 -23.24 39.49 -22.65
C TYR B 161 -23.47 39.65 -24.13
N ASP B 162 -24.14 40.74 -24.48
CA ASP B 162 -24.45 41.06 -25.85
C ASP B 162 -23.33 41.90 -26.43
N TYR B 163 -22.33 41.24 -26.99
CA TYR B 163 -21.21 41.97 -27.51
C TYR B 163 -21.63 42.99 -28.59
N PRO B 164 -22.36 42.62 -29.68
CA PRO B 164 -22.74 43.51 -30.75
C PRO B 164 -23.41 44.80 -30.27
N LYS B 165 -24.25 44.69 -29.24
CA LYS B 165 -24.96 45.84 -28.70
C LYS B 165 -24.09 46.98 -28.24
N TYR B 166 -22.91 46.67 -27.71
CA TYR B 166 -22.08 47.71 -27.18
C TYR B 166 -20.86 47.93 -28.05
N SER B 167 -20.83 47.28 -29.20
CA SER B 167 -19.66 47.31 -30.04
C SER B 167 -19.33 48.68 -30.54
N GLU B 168 -20.31 49.46 -30.97
CA GLU B 168 -20.01 50.77 -31.54
C GLU B 168 -19.50 51.75 -30.49
N GLU B 169 -20.10 51.74 -29.30
CA GLU B 169 -19.64 52.65 -28.26
C GLU B 169 -18.25 52.28 -27.84
N SER B 170 -18.01 50.98 -27.70
CA SER B 170 -16.72 50.52 -27.26
C SER B 170 -15.68 50.86 -28.27
N LYS B 171 -15.97 50.71 -29.56
CA LYS B 171 -15.00 51.06 -30.57
C LYS B 171 -14.64 52.53 -30.51
N LEU B 172 -15.62 53.39 -30.33
CA LEU B 172 -15.27 54.79 -30.32
C LEU B 172 -14.36 55.12 -29.15
N ASN B 173 -14.64 54.56 -27.98
CA ASN B 173 -13.79 54.89 -26.87
C ASN B 173 -12.44 54.20 -26.97
N ARG B 174 -12.42 52.98 -27.50
CA ARG B 174 -11.20 52.22 -27.62
C ARG B 174 -10.22 52.89 -28.56
N GLU B 175 -10.71 53.40 -29.70
CA GLU B 175 -9.82 54.08 -30.64
C GLU B 175 -9.33 55.41 -30.10
N LYS B 176 -10.19 56.17 -29.40
CA LYS B 176 -9.75 57.45 -28.84
C LYS B 176 -8.71 57.31 -27.71
N ILE B 177 -8.85 56.28 -26.84
CA ILE B 177 -7.99 55.94 -25.71
C ILE B 177 -6.72 55.28 -26.26
N GLN C 1 -29.66 12.11 -3.98
CA GLN C 1 -30.88 12.47 -3.26
C GLN C 1 -30.99 11.63 -1.96
N VAL C 2 -31.06 12.34 -0.82
CA VAL C 2 -31.22 11.79 0.53
C VAL C 2 -32.67 11.60 0.91
N GLN C 3 -32.94 10.45 1.49
CA GLN C 3 -34.27 10.20 2.02
C GLN C 3 -34.18 10.14 3.53
N LEU C 4 -34.70 11.18 4.18
CA LEU C 4 -34.64 11.23 5.62
C LEU C 4 -35.81 10.47 6.19
N VAL C 5 -35.57 9.72 7.26
CA VAL C 5 -36.60 8.98 7.93
C VAL C 5 -36.68 9.37 9.38
N GLN C 6 -37.85 9.72 9.87
CA GLN C 6 -37.96 10.13 11.27
C GLN C 6 -38.67 9.14 12.18
N SER C 7 -38.35 9.28 13.46
CA SER C 7 -38.93 8.51 14.57
C SER C 7 -40.39 8.88 14.85
N GLY C 8 -41.07 8.07 15.66
CA GLY C 8 -42.47 8.33 15.96
C GLY C 8 -42.67 9.44 16.96
N ALA C 9 -43.93 9.70 17.31
CA ALA C 9 -44.32 10.79 18.22
C ALA C 9 -44.01 10.44 19.66
N GLU C 10 -43.81 11.48 20.46
CA GLU C 10 -43.51 11.31 21.88
C GLU C 10 -44.43 12.13 22.78
N VAL C 11 -44.73 11.59 23.96
CA VAL C 11 -45.49 12.32 24.95
C VAL C 11 -44.69 12.34 26.25
N LYS C 12 -44.42 13.52 26.75
CA LYS C 12 -43.59 13.71 27.91
C LYS C 12 -44.20 14.55 29.01
N LYS C 13 -43.75 14.31 30.23
CA LYS C 13 -44.19 15.11 31.35
C LYS C 13 -43.18 16.24 31.55
N PRO C 14 -43.58 17.41 32.06
CA PRO C 14 -42.71 18.53 32.31
C PRO C 14 -41.53 18.14 33.18
N GLY C 15 -40.37 18.65 32.80
CA GLY C 15 -39.10 18.43 33.47
C GLY C 15 -38.27 17.30 32.85
N SER C 16 -38.90 16.43 32.06
CA SER C 16 -38.18 15.32 31.43
C SER C 16 -37.50 15.75 30.14
N SER C 17 -36.70 14.87 29.54
CA SER C 17 -36.09 15.20 28.26
C SER C 17 -36.62 14.27 27.18
N VAL C 18 -36.58 14.73 25.94
CA VAL C 18 -37.00 13.91 24.83
C VAL C 18 -35.92 13.79 23.80
N LYS C 19 -35.70 12.58 23.31
CA LYS C 19 -34.75 12.43 22.25
C LYS C 19 -35.47 12.04 20.99
N VAL C 20 -35.21 12.77 19.92
CA VAL C 20 -35.82 12.53 18.64
C VAL C 20 -34.71 12.29 17.64
N SER C 21 -35.02 11.65 16.51
CA SER C 21 -33.97 11.36 15.57
C SER C 21 -34.40 11.28 14.10
N CYS C 22 -33.39 11.40 13.18
CA CYS C 22 -33.51 11.29 11.74
C CYS C 22 -32.43 10.37 11.18
N THR C 23 -32.83 9.45 10.33
CA THR C 23 -31.87 8.57 9.69
C THR C 23 -31.69 9.01 8.26
N ALA C 24 -30.45 9.19 7.84
CA ALA C 24 -30.16 9.58 6.49
C ALA C 24 -29.91 8.36 5.67
N SER C 25 -30.28 8.42 4.41
CA SER C 25 -30.02 7.30 3.53
C SER C 25 -29.77 7.80 2.12
N GLY C 26 -29.04 7.01 1.33
CA GLY C 26 -28.80 7.35 -0.06
C GLY C 26 -27.60 8.29 -0.30
N GLY C 27 -26.68 8.41 0.65
CA GLY C 27 -25.54 9.30 0.48
C GLY C 27 -24.62 9.19 1.68
N THR C 28 -23.60 10.05 1.74
CA THR C 28 -22.66 9.93 2.84
C THR C 28 -22.99 10.89 3.95
N PHE C 29 -23.36 10.31 5.07
CA PHE C 29 -23.83 10.97 6.25
C PHE C 29 -22.92 12.07 6.75
N SER C 30 -21.64 11.80 6.76
CA SER C 30 -20.67 12.67 7.34
C SER C 30 -20.61 14.08 6.76
N THR C 31 -20.98 14.26 5.49
CA THR C 31 -20.88 15.58 4.90
C THR C 31 -22.22 16.27 4.76
N TYR C 32 -23.29 15.67 5.28
CA TYR C 32 -24.57 16.36 5.20
C TYR C 32 -24.69 17.21 6.40
N GLN C 33 -25.22 18.39 6.20
CA GLN C 33 -25.49 19.29 7.29
C GLN C 33 -26.94 19.15 7.67
N PHE C 34 -27.17 18.75 8.89
CA PHE C 34 -28.52 18.46 9.37
C PHE C 34 -29.07 19.48 10.35
N SER C 35 -30.14 20.15 9.96
CA SER C 35 -30.76 21.14 10.82
C SER C 35 -32.01 20.62 11.45
N TRP C 36 -32.26 21.07 12.66
CA TRP C 36 -33.52 20.80 13.31
C TRP C 36 -34.32 22.08 13.34
N VAL C 37 -35.56 21.95 12.92
CA VAL C 37 -36.55 23.02 12.85
C VAL C 37 -37.81 22.61 13.60
N ARG C 38 -38.34 23.49 14.43
CA ARG C 38 -39.54 23.17 15.18
C ARG C 38 -40.71 24.00 14.73
N GLN C 39 -41.90 23.46 14.83
CA GLN C 39 -43.08 24.28 14.56
C GLN C 39 -44.17 24.09 15.58
N ALA C 40 -44.42 25.13 16.39
CA ALA C 40 -45.43 25.03 17.42
C ALA C 40 -46.78 25.03 16.70
N PRO C 41 -47.83 24.42 17.23
CA PRO C 41 -49.13 24.47 16.62
C PRO C 41 -49.55 25.92 16.47
N GLY C 42 -50.00 26.28 15.29
CA GLY C 42 -50.47 27.63 15.01
C GLY C 42 -49.37 28.65 14.76
N GLN C 43 -48.11 28.23 14.80
CA GLN C 43 -46.99 29.14 14.62
C GLN C 43 -46.18 28.88 13.37
N GLY C 44 -45.18 29.72 13.14
CA GLY C 44 -44.31 29.55 11.99
C GLY C 44 -43.18 28.62 12.35
N LEU C 45 -42.19 28.52 11.49
CA LEU C 45 -41.07 27.62 11.67
C LEU C 45 -40.00 28.31 12.49
N GLU C 46 -39.29 27.56 13.33
CA GLU C 46 -38.16 28.12 14.05
C GLU C 46 -36.94 27.20 14.03
N TRP C 47 -35.78 27.76 13.75
CA TRP C 47 -34.58 26.93 13.71
C TRP C 47 -34.02 26.69 15.10
N MET C 48 -33.63 25.44 15.39
CA MET C 48 -33.07 25.09 16.69
C MET C 48 -31.56 24.88 16.69
N GLY C 49 -31.05 24.32 15.61
CA GLY C 49 -29.60 24.02 15.56
C GLY C 49 -29.17 23.17 14.37
N ARG C 50 -27.84 23.01 14.22
CA ARG C 50 -27.26 22.23 13.11
C ARG C 50 -26.00 21.42 13.40
N ILE C 51 -25.95 20.23 12.81
CA ILE C 51 -24.78 19.35 12.87
C ILE C 51 -24.15 19.00 11.54
N VAL C 52 -22.84 19.14 11.45
CA VAL C 52 -22.10 18.66 10.30
C VAL C 52 -21.21 17.61 10.96
N PRO C 53 -21.50 16.31 10.88
CA PRO C 53 -20.81 15.28 11.61
C PRO C 53 -19.29 15.29 11.48
N ILE C 54 -18.76 15.66 10.31
CA ILE C 54 -17.31 15.70 10.14
C ILE C 54 -16.69 17.07 10.37
N GLN C 55 -17.50 18.07 10.70
CA GLN C 55 -16.95 19.41 10.83
C GLN C 55 -17.21 20.17 12.14
N GLY C 56 -18.41 20.09 12.73
CA GLY C 56 -18.75 20.92 13.92
C GLY C 56 -20.25 21.17 14.10
N MET C 57 -20.61 22.01 15.07
CA MET C 57 -22.03 22.26 15.37
C MET C 57 -22.35 23.66 15.89
N ASP C 58 -23.63 24.03 15.77
CA ASP C 58 -24.14 25.31 16.28
C ASP C 58 -25.59 25.20 16.72
N TYR C 59 -26.02 26.15 17.54
CA TYR C 59 -27.39 26.20 18.10
C TYR C 59 -28.06 27.57 18.07
N ALA C 60 -29.38 27.56 18.04
CA ALA C 60 -30.13 28.78 18.22
C ALA C 60 -29.88 29.19 19.65
N GLN C 61 -29.72 30.47 19.92
CA GLN C 61 -29.39 30.85 21.29
C GLN C 61 -30.45 30.50 22.31
N LYS C 62 -31.71 30.51 21.94
CA LYS C 62 -32.80 30.20 22.86
C LYS C 62 -32.72 28.81 23.47
N PHE C 63 -32.10 27.90 22.75
CA PHE C 63 -31.99 26.53 23.17
C PHE C 63 -30.58 26.18 23.60
N ARG C 64 -29.71 27.16 23.67
CA ARG C 64 -28.37 26.79 24.01
C ARG C 64 -28.40 26.46 25.49
N GLY C 65 -27.89 25.30 25.83
CA GLY C 65 -27.89 24.83 27.21
C GLY C 65 -29.05 23.87 27.51
N ARG C 66 -30.06 23.83 26.64
CA ARG C 66 -31.19 22.92 26.82
C ARG C 66 -31.20 21.84 25.76
N VAL C 67 -30.72 22.20 24.59
CA VAL C 67 -30.77 21.25 23.50
C VAL C 67 -29.40 20.83 23.08
N THR C 68 -29.22 19.53 23.02
CA THR C 68 -27.98 18.93 22.57
C THR C 68 -28.25 18.19 21.30
N ILE C 69 -27.48 18.50 20.27
CA ILE C 69 -27.69 17.83 19.00
C ILE C 69 -26.40 17.07 18.72
N THR C 70 -26.53 15.80 18.40
CA THR C 70 -25.37 14.96 18.13
C THR C 70 -25.57 14.09 16.91
N ALA C 71 -24.57 13.27 16.58
CA ALA C 71 -24.70 12.40 15.43
C ALA C 71 -23.88 11.12 15.53
N ASP C 72 -24.37 10.09 14.85
CA ASP C 72 -23.72 8.79 14.75
C ASP C 72 -23.57 8.29 13.32
N LYS C 73 -22.36 8.37 12.77
CA LYS C 73 -22.15 8.00 11.37
C LYS C 73 -22.27 6.51 11.13
N TRP C 74 -22.22 5.73 12.19
CA TRP C 74 -22.23 4.29 12.09
C TRP C 74 -23.63 3.77 11.79
N THR C 75 -24.66 4.57 12.11
CA THR C 75 -26.05 4.21 11.89
C THR C 75 -26.71 5.26 11.01
N SER C 76 -25.90 6.19 10.52
CA SER C 76 -26.29 7.34 9.72
C SER C 76 -27.43 8.09 10.37
N THR C 77 -27.35 8.30 11.67
CA THR C 77 -28.45 8.93 12.38
C THR C 77 -28.08 10.14 13.22
N VAL C 78 -28.89 11.18 13.07
CA VAL C 78 -28.78 12.40 13.84
C VAL C 78 -29.79 12.43 14.95
N TYR C 79 -29.33 12.79 16.13
CA TYR C 79 -30.17 12.84 17.31
C TYR C 79 -30.26 14.22 17.90
N MET C 80 -31.39 14.52 18.49
CA MET C 80 -31.55 15.75 19.24
C MET C 80 -32.24 15.52 20.54
N GLU C 81 -31.65 16.00 21.61
CA GLU C 81 -32.25 15.85 22.91
C GLU C 81 -32.60 17.19 23.50
N VAL C 82 -33.86 17.33 23.88
CA VAL C 82 -34.32 18.57 24.45
C VAL C 82 -34.61 18.33 25.91
N THR C 83 -33.91 19.03 26.79
CA THR C 83 -34.07 18.83 28.22
C THR C 83 -34.98 19.86 28.85
N SER C 84 -35.37 19.58 30.10
CA SER C 84 -36.19 20.47 30.90
C SER C 84 -37.44 20.88 30.16
N LEU C 85 -38.18 19.90 29.65
CA LEU C 85 -39.37 20.17 28.87
C LEU C 85 -40.43 20.93 29.62
N ARG C 86 -41.07 21.82 28.89
CA ARG C 86 -42.12 22.70 29.39
C ARG C 86 -43.36 22.58 28.52
N SER C 87 -44.50 23.05 29.00
CA SER C 87 -45.74 22.92 28.24
C SER C 87 -45.73 23.61 26.88
N GLU C 88 -44.84 24.59 26.64
CA GLU C 88 -44.77 25.20 25.31
C GLU C 88 -44.10 24.28 24.28
N ASP C 89 -43.48 23.21 24.71
CA ASP C 89 -42.77 22.32 23.79
C ASP C 89 -43.72 21.29 23.18
N THR C 90 -44.66 21.78 22.37
CA THR C 90 -45.69 20.96 21.73
C THR C 90 -45.56 20.93 20.22
N ALA C 91 -44.41 21.41 19.77
CA ALA C 91 -44.03 21.55 18.39
C ALA C 91 -43.72 20.26 17.67
N VAL C 92 -43.82 20.32 16.36
CA VAL C 92 -43.39 19.23 15.51
C VAL C 92 -41.94 19.48 15.16
N TYR C 93 -41.10 18.48 15.38
CA TYR C 93 -39.68 18.64 15.11
C TYR C 93 -39.28 17.94 13.84
N TYR C 94 -38.73 18.71 12.92
CA TYR C 94 -38.35 18.23 11.59
C TYR C 94 -36.85 18.28 11.39
N CYS C 95 -36.30 17.33 10.58
CA CYS C 95 -34.93 17.45 10.06
C CYS C 95 -34.96 17.93 8.64
N ALA C 96 -33.91 18.65 8.31
CA ALA C 96 -33.72 19.03 6.95
C ALA C 96 -32.25 19.13 6.66
N THR C 97 -31.85 18.83 5.43
CA THR C 97 -30.45 19.00 5.12
C THR C 97 -30.29 20.07 4.11
N SER C 98 -29.11 20.66 4.15
CA SER C 98 -28.78 21.68 3.19
C SER C 98 -28.22 21.12 1.95
N ARG C 99 -28.19 21.95 0.92
CA ARG C 99 -27.63 21.50 -0.33
C ARG C 99 -26.14 21.40 -0.24
N SER C 100 -25.55 22.45 0.31
CA SER C 100 -24.12 22.53 0.43
C SER C 100 -23.64 23.32 1.64
N MET C 101 -24.41 23.44 2.75
CA MET C 101 -23.91 24.28 3.84
C MET C 101 -23.09 23.49 4.80
N TYR C 102 -22.03 23.10 4.20
CA TYR C 102 -20.90 22.42 4.65
C TYR C 102 -20.13 23.70 4.67
N PHE C 103 -20.42 24.52 3.63
CA PHE C 103 -19.80 25.82 3.50
C PHE C 103 -20.80 27.00 3.33
N TYR C 104 -21.77 26.93 2.40
CA TYR C 104 -22.58 28.15 2.14
C TYR C 104 -24.14 28.15 1.96
N TYR C 105 -24.78 27.03 1.58
CA TYR C 105 -26.18 27.11 1.06
C TYR C 105 -27.46 26.64 1.90
N GLN C 106 -28.65 26.78 1.31
CA GLN C 106 -29.98 26.56 1.95
C GLN C 106 -30.42 25.11 2.25
N LEU C 107 -31.63 24.96 2.87
CA LEU C 107 -32.24 23.65 3.23
C LEU C 107 -33.23 23.15 2.19
N ASP C 108 -32.91 22.03 1.51
CA ASP C 108 -33.80 21.56 0.45
C ASP C 108 -34.28 20.11 0.56
N VAL C 109 -33.90 19.38 1.60
CA VAL C 109 -34.43 18.04 1.78
C VAL C 109 -35.05 18.00 3.13
N TRP C 110 -36.33 17.73 3.20
CA TRP C 110 -37.02 17.73 4.49
C TRP C 110 -37.61 16.38 4.84
N GLY C 111 -37.61 16.05 6.12
CA GLY C 111 -38.23 14.83 6.61
C GLY C 111 -39.69 15.14 6.89
N ARG C 112 -40.42 14.18 7.46
CA ARG C 112 -41.84 14.39 7.73
C ARG C 112 -42.15 15.09 9.05
N GLY C 113 -41.26 15.02 10.02
CA GLY C 113 -41.45 15.64 11.32
C GLY C 113 -42.05 14.73 12.38
N THR C 114 -41.69 14.98 13.64
CA THR C 114 -42.29 14.20 14.72
C THR C 114 -42.89 15.09 15.78
N THR C 115 -44.10 14.77 16.19
CA THR C 115 -44.78 15.58 17.17
C THR C 115 -44.39 15.20 18.59
N VAL C 116 -44.05 16.21 19.39
CA VAL C 116 -43.77 15.96 20.79
C VAL C 116 -44.80 16.74 21.60
N THR C 117 -45.50 16.06 22.49
CA THR C 117 -46.52 16.69 23.34
C THR C 117 -46.04 16.75 24.80
N VAL C 118 -46.20 17.92 25.48
CA VAL C 118 -45.80 18.13 26.89
C VAL C 118 -46.96 18.85 27.56
N GLU D 1 -30.07 40.49 16.03
CA GLU D 1 -30.19 39.38 15.09
C GLU D 1 -30.95 39.84 13.82
N ILE D 2 -31.09 38.88 12.85
CA ILE D 2 -31.82 39.08 11.61
C ILE D 2 -33.25 38.65 11.89
N VAL D 3 -34.16 39.57 11.74
CA VAL D 3 -35.54 39.33 12.05
C VAL D 3 -36.32 39.50 10.79
N LEU D 4 -37.17 38.53 10.48
CA LEU D 4 -37.94 38.61 9.25
C LEU D 4 -39.42 38.83 9.47
N THR D 5 -39.92 39.91 8.91
CA THR D 5 -41.33 40.23 9.04
C THR D 5 -42.02 40.04 7.71
N GLN D 6 -43.04 39.19 7.70
CA GLN D 6 -43.76 38.94 6.47
C GLN D 6 -45.05 39.74 6.39
N SER D 7 -45.44 40.06 5.17
CA SER D 7 -46.66 40.81 4.93
C SER D 7 -47.26 40.53 3.54
N PRO D 8 -48.57 40.36 3.44
CA PRO D 8 -49.62 40.39 4.45
C PRO D 8 -49.57 39.12 5.27
N GLY D 9 -50.19 39.09 6.44
CA GLY D 9 -50.28 37.80 7.14
C GLY D 9 -51.10 36.84 6.30
N THR D 10 -52.18 37.36 5.71
CA THR D 10 -53.02 36.57 4.83
C THR D 10 -53.27 37.35 3.54
N LEU D 11 -53.09 36.67 2.44
CA LEU D 11 -53.30 37.17 1.10
C LEU D 11 -54.51 36.44 0.57
N SER D 12 -55.37 37.11 -0.19
CA SER D 12 -56.56 36.44 -0.71
C SER D 12 -56.78 36.77 -2.17
N LEU D 13 -56.89 35.72 -3.00
CA LEU D 13 -57.09 35.91 -4.43
C LEU D 13 -57.87 34.83 -5.15
N SER D 14 -58.28 35.16 -6.38
CA SER D 14 -58.98 34.19 -7.21
C SER D 14 -57.94 33.28 -7.84
N PRO D 15 -58.18 31.98 -8.00
CA PRO D 15 -57.25 31.11 -8.70
C PRO D 15 -57.01 31.71 -10.08
N GLY D 16 -55.75 31.70 -10.50
CA GLY D 16 -55.31 32.24 -11.79
C GLY D 16 -54.73 33.64 -11.62
N GLU D 17 -54.98 34.26 -10.48
CA GLU D 17 -54.50 35.59 -10.14
C GLU D 17 -53.07 35.52 -9.60
N ARG D 18 -52.33 36.62 -9.76
CA ARG D 18 -50.95 36.76 -9.28
C ARG D 18 -50.83 37.14 -7.80
N ALA D 19 -50.00 36.42 -7.06
CA ALA D 19 -49.74 36.72 -5.66
C ALA D 19 -48.33 37.15 -5.42
N THR D 20 -48.14 38.07 -4.50
CA THR D 20 -46.81 38.39 -4.09
C THR D 20 -46.75 38.37 -2.57
N VAL D 21 -45.62 37.94 -2.04
CA VAL D 21 -45.41 37.94 -0.60
C VAL D 21 -44.19 38.77 -0.26
N SER D 22 -44.36 39.75 0.62
CA SER D 22 -43.26 40.62 0.99
C SER D 22 -42.60 40.09 2.27
N CYS D 23 -41.27 40.33 2.42
CA CYS D 23 -40.51 40.02 3.62
C CYS D 23 -39.46 41.10 3.88
N ARG D 24 -39.47 41.65 5.10
CA ARG D 24 -38.53 42.67 5.48
C ARG D 24 -37.61 42.27 6.61
N ALA D 25 -36.33 42.38 6.37
CA ALA D 25 -35.30 42.05 7.34
C ALA D 25 -34.97 43.23 8.24
N SER D 26 -34.56 42.92 9.48
CA SER D 26 -34.06 43.90 10.44
C SER D 26 -32.75 44.57 10.03
N GLN D 27 -32.04 43.95 9.11
CA GLN D 27 -30.77 44.44 8.62
C GLN D 27 -30.64 44.04 7.17
N SER D 28 -29.77 44.72 6.43
CA SER D 28 -29.55 44.26 5.09
C SER D 28 -28.84 42.91 5.11
N VAL D 29 -29.27 42.02 4.23
CA VAL D 29 -28.71 40.70 4.06
C VAL D 29 -28.39 40.41 2.60
N THR D 30 -27.21 39.87 2.34
CA THR D 30 -26.81 39.52 0.99
C THR D 30 -27.82 38.50 0.48
N SER D 31 -28.29 38.70 -0.75
CA SER D 31 -29.34 37.93 -1.40
C SER D 31 -29.06 36.45 -1.55
N THR D 32 -27.81 36.08 -1.46
CA THR D 32 -27.38 34.70 -1.58
C THR D 32 -27.89 33.88 -0.41
N PHE D 33 -28.23 34.55 0.69
CA PHE D 33 -28.61 33.87 1.90
C PHE D 33 -30.08 33.80 2.22
N LEU D 34 -30.92 34.17 1.28
CA LEU D 34 -32.38 34.11 1.46
C LEU D 34 -32.95 32.87 0.83
N ALA D 35 -34.08 32.40 1.32
CA ALA D 35 -34.82 31.31 0.72
C ALA D 35 -36.31 31.43 1.01
N TRP D 36 -37.13 30.83 0.14
CA TRP D 36 -38.57 30.75 0.38
C TRP D 36 -39.05 29.31 0.39
N TYR D 37 -39.95 29.02 1.33
CA TYR D 37 -40.55 27.69 1.51
C TYR D 37 -42.06 27.68 1.42
N GLN D 38 -42.62 26.59 0.94
CA GLN D 38 -44.07 26.43 0.89
C GLN D 38 -44.54 25.32 1.77
N GLN D 39 -45.40 25.63 2.73
CA GLN D 39 -45.91 24.61 3.59
C GLN D 39 -47.39 24.38 3.37
N ARG D 40 -47.71 23.24 2.82
CA ARG D 40 -49.07 22.88 2.58
C ARG D 40 -49.52 22.29 3.90
N PRO D 41 -50.72 22.53 4.41
CA PRO D 41 -51.15 21.98 5.67
C PRO D 41 -51.00 20.48 5.68
N GLY D 42 -50.45 19.97 6.80
CA GLY D 42 -50.23 18.54 6.99
C GLY D 42 -48.90 18.05 6.42
N GLN D 43 -48.12 18.95 5.82
CA GLN D 43 -46.86 18.56 5.20
C GLN D 43 -45.65 19.36 5.69
N ALA D 44 -44.47 18.77 5.57
CA ALA D 44 -43.22 19.46 5.89
C ALA D 44 -43.02 20.51 4.81
N PRO D 45 -42.37 21.64 5.10
CA PRO D 45 -42.06 22.68 4.14
C PRO D 45 -41.25 22.19 2.94
N ARG D 46 -41.58 22.71 1.77
CA ARG D 46 -40.85 22.40 0.54
C ARG D 46 -40.07 23.63 0.11
N LEU D 47 -38.86 23.44 -0.40
CA LEU D 47 -38.12 24.61 -0.87
C LEU D 47 -38.57 25.03 -2.24
N LEU D 48 -38.84 26.32 -2.41
CA LEU D 48 -39.23 26.87 -3.69
C LEU D 48 -38.13 27.67 -4.35
N ILE D 49 -37.64 28.66 -3.62
CA ILE D 49 -36.64 29.58 -4.14
C ILE D 49 -35.44 29.61 -3.22
N TYR D 50 -34.25 29.50 -3.77
CA TYR D 50 -33.08 29.63 -2.92
C TYR D 50 -32.28 30.81 -3.37
N GLY D 51 -31.74 31.48 -2.42
CA GLY D 51 -31.07 32.71 -2.69
C GLY D 51 -32.31 33.56 -2.84
N ALA D 52 -32.19 34.83 -3.07
CA ALA D 52 -33.41 35.57 -3.26
C ALA D 52 -34.18 35.11 -4.50
N SER D 53 -33.50 34.66 -5.57
CA SER D 53 -34.17 34.36 -6.83
C SER D 53 -34.06 32.99 -7.53
N SER D 54 -33.19 32.06 -7.13
CA SER D 54 -33.05 30.86 -7.95
C SER D 54 -34.12 29.84 -7.67
N ARG D 55 -34.71 29.26 -8.69
CA ARG D 55 -35.72 28.28 -8.38
C ARG D 55 -35.16 26.89 -8.13
N ALA D 56 -35.70 26.23 -7.13
CA ALA D 56 -35.33 24.89 -6.71
C ALA D 56 -35.80 23.83 -7.70
N THR D 57 -35.08 22.73 -7.76
CA THR D 57 -35.43 21.64 -8.65
C THR D 57 -36.80 21.08 -8.34
N GLY D 58 -37.61 20.91 -9.39
CA GLY D 58 -38.95 20.34 -9.25
C GLY D 58 -40.04 21.38 -9.03
N ILE D 59 -39.64 22.65 -8.92
CA ILE D 59 -40.57 23.72 -8.69
C ILE D 59 -40.81 24.39 -10.04
N PRO D 60 -42.09 24.58 -10.46
CA PRO D 60 -42.52 25.13 -11.73
C PRO D 60 -42.28 26.62 -11.90
N ASP D 61 -42.36 27.05 -13.16
CA ASP D 61 -42.14 28.41 -13.66
C ASP D 61 -43.06 29.47 -13.06
N ARG D 62 -44.11 29.04 -12.37
CA ARG D 62 -45.02 29.96 -11.72
C ARG D 62 -44.26 30.73 -10.65
N PHE D 63 -43.22 30.10 -10.08
CA PHE D 63 -42.47 30.71 -8.99
C PHE D 63 -41.17 31.38 -9.41
N SER D 64 -40.99 32.57 -8.86
CA SER D 64 -39.79 33.36 -9.06
C SER D 64 -39.68 34.33 -7.91
N GLY D 65 -38.58 35.05 -7.80
CA GLY D 65 -38.50 36.05 -6.75
C GLY D 65 -37.25 36.88 -6.89
N SER D 66 -37.20 37.95 -6.12
CA SER D 66 -36.08 38.87 -6.16
C SER D 66 -36.06 39.80 -4.98
N GLY D 67 -34.96 40.53 -4.83
CA GLY D 67 -34.88 41.54 -3.80
C GLY D 67 -33.45 41.89 -3.50
N SER D 68 -33.29 42.82 -2.58
CA SER D 68 -31.96 43.27 -2.19
C SER D 68 -32.02 43.92 -0.82
N GLU D 69 -30.87 44.12 -0.23
CA GLU D 69 -30.80 44.80 1.04
C GLU D 69 -31.69 44.12 2.06
N ALA D 70 -32.73 44.80 2.53
CA ALA D 70 -33.59 44.18 3.54
C ALA D 70 -34.95 43.81 2.98
N ASP D 71 -35.20 44.11 1.72
CA ASP D 71 -36.53 43.95 1.14
C ASP D 71 -36.63 42.93 0.02
N PHE D 72 -37.34 41.83 0.31
CA PHE D 72 -37.46 40.75 -0.66
C PHE D 72 -38.91 40.36 -0.94
N THR D 73 -39.16 39.92 -2.18
CA THR D 73 -40.50 39.47 -2.59
C THR D 73 -40.56 38.13 -3.34
N LEU D 74 -41.54 37.30 -2.98
CA LEU D 74 -41.84 36.05 -3.69
C LEU D 74 -42.98 36.30 -4.64
N THR D 75 -42.83 35.88 -5.90
CA THR D 75 -43.90 36.05 -6.88
C THR D 75 -44.44 34.72 -7.38
N ILE D 76 -45.77 34.59 -7.33
CA ILE D 76 -46.43 33.40 -7.84
C ILE D 76 -47.41 33.80 -8.94
N ASN D 77 -47.10 33.45 -10.18
CA ASN D 77 -47.98 33.84 -11.27
C ASN D 77 -49.02 32.76 -11.47
N ARG D 78 -50.21 33.11 -11.93
CA ARG D 78 -51.21 32.10 -12.23
C ARG D 78 -51.36 31.13 -11.07
N LEU D 79 -51.61 31.63 -9.86
CA LEU D 79 -51.61 30.75 -8.71
C LEU D 79 -52.69 29.68 -8.87
N GLU D 80 -52.32 28.41 -8.66
CA GLU D 80 -53.24 27.27 -8.86
C GLU D 80 -53.80 26.76 -7.52
N PRO D 81 -54.87 25.94 -7.50
CA PRO D 81 -55.43 25.35 -6.28
C PRO D 81 -54.39 24.69 -5.35
N GLU D 82 -53.33 24.12 -5.91
CA GLU D 82 -52.32 23.46 -5.10
C GLU D 82 -51.37 24.43 -4.41
N ASP D 83 -51.47 25.71 -4.75
CA ASP D 83 -50.60 26.73 -4.20
C ASP D 83 -51.26 27.51 -3.07
N PHE D 84 -52.46 27.11 -2.67
CA PHE D 84 -53.09 27.84 -1.57
C PHE D 84 -52.59 27.26 -0.24
N ALA D 85 -51.39 27.69 0.11
CA ALA D 85 -50.55 27.23 1.21
C ALA D 85 -49.93 28.40 1.96
N VAL D 86 -49.06 28.11 2.94
CA VAL D 86 -48.38 29.16 3.69
C VAL D 86 -46.93 29.30 3.26
N TYR D 87 -46.53 30.50 2.89
CA TYR D 87 -45.17 30.70 2.42
C TYR D 87 -44.29 31.30 3.50
N TYR D 88 -43.07 30.79 3.61
CA TYR D 88 -42.15 31.31 4.62
C TYR D 88 -40.89 31.91 4.04
N CYS D 89 -40.43 33.00 4.66
CA CYS D 89 -39.21 33.73 4.39
C CYS D 89 -38.15 33.25 5.38
N GLN D 90 -37.02 32.77 4.86
CA GLN D 90 -35.95 32.27 5.74
C GLN D 90 -34.57 32.81 5.33
N GLN D 91 -33.73 33.16 6.32
CA GLN D 91 -32.36 33.58 5.99
C GLN D 91 -31.31 32.82 6.81
N TYR D 92 -30.22 32.43 6.13
CA TYR D 92 -29.11 31.67 6.71
C TYR D 92 -27.76 32.38 6.68
N ALA D 93 -27.78 33.70 6.54
CA ALA D 93 -26.54 34.50 6.47
C ALA D 93 -25.70 34.47 7.73
N THR D 94 -26.33 34.49 8.88
CA THR D 94 -25.63 34.50 10.15
C THR D 94 -26.35 33.60 11.10
N SER D 95 -25.70 33.18 12.17
CA SER D 95 -26.42 32.42 13.17
C SER D 95 -27.11 33.40 14.12
N PRO D 96 -28.28 33.05 14.64
CA PRO D 96 -29.13 31.92 14.36
C PRO D 96 -29.79 32.10 13.03
N TRP D 97 -30.20 31.01 12.40
CA TRP D 97 -30.94 31.12 11.17
C TRP D 97 -32.33 31.58 11.57
N THR D 98 -32.92 32.40 10.73
CA THR D 98 -34.18 33.03 11.07
C THR D 98 -35.31 32.81 10.07
N PHE D 99 -36.54 32.71 10.60
CA PHE D 99 -37.77 32.58 9.80
C PHE D 99 -38.79 33.66 10.12
N GLY D 100 -39.62 34.00 9.13
CA GLY D 100 -40.73 34.92 9.34
C GLY D 100 -41.99 34.18 9.83
N GLN D 101 -43.10 34.90 9.97
CA GLN D 101 -44.35 34.34 10.48
C GLN D 101 -45.06 33.39 9.52
N GLY D 102 -44.94 33.70 8.24
CA GLY D 102 -45.57 32.94 7.19
C GLY D 102 -46.80 33.65 6.62
N THR D 103 -46.97 33.59 5.30
CA THR D 103 -48.13 34.21 4.65
C THR D 103 -49.04 33.18 4.04
N LYS D 104 -50.28 33.17 4.47
CA LYS D 104 -51.26 32.22 3.97
C LYS D 104 -51.96 32.77 2.76
N VAL D 105 -52.25 31.92 1.77
CA VAL D 105 -53.03 32.39 0.64
C VAL D 105 -54.42 31.71 0.63
N GLU D 106 -55.47 32.53 0.62
CA GLU D 106 -56.88 32.09 0.63
C GLU D 106 -57.51 32.03 -0.75
N ILE D 107 -58.50 31.15 -0.90
CA ILE D 107 -59.24 31.01 -2.15
C ILE D 107 -60.55 31.80 -2.18
N LYS D 108 -60.67 32.76 -3.13
CA LYS D 108 -61.85 33.61 -3.39
C LYS D 108 -62.02 33.77 -4.92
N THR E 2 14.58 38.95 -30.75
CA THR E 2 15.32 39.80 -29.83
C THR E 2 15.36 39.18 -28.42
N ILE E 3 14.17 38.87 -27.80
CA ILE E 3 14.11 38.20 -26.47
C ILE E 3 13.50 36.80 -26.62
N CYS E 4 14.19 35.75 -26.14
CA CYS E 4 13.73 34.35 -26.19
C CYS E 4 13.66 33.75 -24.80
N ILE E 5 12.67 32.89 -24.64
CA ILE E 5 12.43 32.13 -23.42
C ILE E 5 12.73 30.67 -23.64
N GLY E 6 13.53 30.08 -22.78
CA GLY E 6 13.89 28.69 -22.98
C GLY E 6 14.32 28.02 -21.70
N TYR E 7 14.89 26.85 -21.87
CA TYR E 7 15.32 26.04 -20.76
C TYR E 7 16.62 25.35 -21.06
N HIS E 8 17.30 24.99 -19.99
CA HIS E 8 18.58 24.31 -19.99
C HIS E 8 18.61 22.94 -20.65
N ALA E 9 19.58 22.74 -21.53
CA ALA E 9 19.81 21.46 -22.18
C ALA E 9 21.19 21.03 -21.76
N ASN E 10 21.45 19.74 -21.78
CA ASN E 10 22.71 19.22 -21.27
C ASN E 10 23.14 18.00 -22.07
N ASN E 11 24.26 17.41 -21.72
CA ASN E 11 24.75 16.23 -22.42
C ASN E 11 24.55 14.95 -21.62
N SER E 12 23.67 14.98 -20.64
CA SER E 12 23.35 13.82 -19.83
C SER E 12 22.60 12.76 -20.60
N THR E 13 22.91 11.49 -20.31
CA THR E 13 22.28 10.35 -20.93
C THR E 13 21.47 9.54 -19.93
N ASP E 14 21.26 10.09 -18.75
CA ASP E 14 20.48 9.41 -17.72
C ASP E 14 19.01 9.40 -18.10
N THR E 15 18.33 8.25 -18.00
CA THR E 15 16.91 8.25 -18.31
C THR E 15 16.03 7.83 -17.16
N VAL E 16 14.78 8.25 -17.25
CA VAL E 16 13.77 7.92 -16.28
C VAL E 16 12.51 7.39 -16.93
N ASP E 17 11.68 6.72 -16.15
CA ASP E 17 10.39 6.28 -16.63
C ASP E 17 9.25 7.05 -15.98
N THR E 18 8.15 7.18 -16.71
CA THR E 18 6.89 7.76 -16.26
C THR E 18 5.82 6.76 -16.64
N VAL E 19 4.55 7.05 -16.38
CA VAL E 19 3.53 6.07 -16.72
C VAL E 19 3.27 6.02 -18.23
N LEU E 20 3.17 7.19 -18.87
CA LEU E 20 2.87 7.28 -20.30
C LEU E 20 4.06 7.00 -21.21
N GLU E 21 5.28 7.24 -20.74
CA GLU E 21 6.44 7.06 -21.59
C GLU E 21 7.62 6.46 -20.84
N LYS E 22 8.50 5.81 -21.57
CA LYS E 22 9.67 5.15 -20.99
C LYS E 22 10.96 5.71 -21.60
N ASN E 23 12.09 5.58 -20.86
CA ASN E 23 13.45 5.99 -21.27
C ASN E 23 13.53 7.47 -21.72
N VAL E 24 13.01 8.39 -20.87
CA VAL E 24 13.03 9.83 -21.10
C VAL E 24 14.35 10.36 -20.60
N THR E 25 15.11 11.04 -21.44
CA THR E 25 16.43 11.52 -21.01
C THR E 25 16.22 12.81 -20.26
N VAL E 26 16.89 12.97 -19.11
CA VAL E 26 16.76 14.17 -18.30
C VAL E 26 18.11 14.82 -18.01
N THR E 27 18.09 16.11 -17.64
CA THR E 27 19.35 16.82 -17.37
C THR E 27 19.89 16.58 -15.97
N HIS E 28 19.00 16.29 -15.02
CA HIS E 28 19.40 16.04 -13.65
C HIS E 28 18.53 14.96 -13.05
N SER E 29 19.13 14.08 -12.28
CA SER E 29 18.38 13.04 -11.61
C SER E 29 19.10 12.52 -10.37
N VAL E 30 18.34 11.83 -9.54
CA VAL E 30 18.85 11.17 -8.36
C VAL E 30 18.58 9.69 -8.35
N ASN E 31 19.63 8.90 -8.17
CA ASN E 31 19.48 7.47 -8.10
C ASN E 31 19.14 7.12 -6.68
N LEU E 32 17.94 6.63 -6.43
CA LEU E 32 17.49 6.36 -5.09
C LEU E 32 17.76 4.93 -4.64
N LEU E 33 18.30 4.09 -5.53
CA LEU E 33 18.48 2.67 -5.22
C LEU E 33 19.95 2.21 -5.18
N GLU E 34 20.36 1.53 -4.10
CA GLU E 34 21.70 0.95 -4.00
C GLU E 34 21.67 -0.45 -4.57
N ASP E 35 22.61 -0.76 -5.45
CA ASP E 35 22.66 -2.05 -6.08
C ASP E 35 24.01 -2.74 -6.02
N SER E 36 24.84 -2.36 -5.08
CA SER E 36 26.13 -2.99 -4.97
C SER E 36 26.57 -3.10 -3.54
N HIS E 37 27.52 -3.98 -3.33
CA HIS E 37 28.09 -4.30 -2.03
C HIS E 37 29.58 -4.55 -2.16
N ASN E 38 30.31 -4.47 -1.05
CA ASN E 38 31.76 -4.71 -1.11
C ASN E 38 32.20 -6.17 -1.16
N GLY E 39 31.34 -7.06 -0.71
CA GLY E 39 31.61 -8.51 -0.71
C GLY E 39 32.31 -9.00 0.54
N LYS E 40 32.38 -8.16 1.55
CA LYS E 40 33.07 -8.50 2.78
C LYS E 40 32.23 -8.30 4.03
N LEU E 41 32.61 -8.98 5.11
CA LEU E 41 31.98 -8.76 6.40
C LEU E 41 32.75 -7.63 7.06
N CYS E 42 32.03 -6.57 7.48
CA CYS E 42 32.56 -5.36 8.10
C CYS E 42 32.17 -5.26 9.56
N LEU E 43 32.85 -4.37 10.25
CA LEU E 43 32.55 -4.07 11.62
C LEU E 43 31.33 -3.18 11.59
N LEU E 44 30.49 -3.25 12.61
CA LEU E 44 29.38 -2.31 12.68
C LEU E 44 29.64 -1.37 13.81
N LYS E 45 29.87 -0.12 13.48
CA LYS E 45 30.20 0.89 14.48
C LYS E 45 31.37 0.46 15.35
N GLY E 46 32.39 -0.10 14.74
CA GLY E 46 33.59 -0.54 15.41
C GLY E 46 33.59 -1.96 16.02
N ILE E 47 32.47 -2.66 16.01
CA ILE E 47 32.45 -3.99 16.63
C ILE E 47 32.34 -5.13 15.63
N ALA E 48 33.26 -6.09 15.76
CA ALA E 48 33.33 -7.27 14.91
C ALA E 48 32.20 -8.25 15.20
N PRO E 49 31.77 -9.05 14.24
CA PRO E 49 30.83 -10.12 14.38
C PRO E 49 31.46 -11.29 15.03
N LEU E 50 30.63 -12.17 15.55
CA LEU E 50 31.12 -13.44 16.01
C LEU E 50 31.01 -14.34 14.83
N GLN E 51 32.12 -14.88 14.39
CA GLN E 51 32.11 -15.75 13.25
C GLN E 51 32.19 -17.14 13.78
N LEU E 52 31.28 -17.98 13.36
CA LEU E 52 31.25 -19.34 13.88
C LEU E 52 32.16 -20.28 13.12
N GLY E 53 32.77 -19.85 12.04
CA GLY E 53 33.61 -20.79 11.31
C GLY E 53 32.74 -21.94 10.83
N ASN E 54 33.13 -23.19 11.14
CA ASN E 54 32.42 -24.41 10.76
C ASN E 54 31.39 -24.87 11.81
N CYS E 55 31.17 -24.07 12.89
CA CYS E 55 30.29 -24.35 14.02
C CYS E 55 28.87 -23.93 13.74
N SER E 56 27.95 -24.70 14.27
CA SER E 56 26.56 -24.32 14.21
C SER E 56 26.29 -23.54 15.48
N VAL E 57 25.12 -22.97 15.62
CA VAL E 57 24.80 -22.28 16.87
C VAL E 57 24.81 -23.29 18.00
N ALA E 58 24.24 -24.49 17.78
CA ALA E 58 24.24 -25.52 18.82
C ALA E 58 25.65 -25.87 19.23
N GLY E 59 26.56 -25.93 18.28
CA GLY E 59 27.95 -26.25 18.56
C GLY E 59 28.56 -25.21 19.45
N TRP E 60 28.41 -23.95 19.09
CA TRP E 60 28.93 -22.84 19.85
C TRP E 60 28.49 -22.83 21.30
N ILE E 61 27.18 -22.93 21.53
CA ILE E 61 26.58 -22.91 22.86
C ILE E 61 26.81 -24.15 23.70
N LEU E 62 26.71 -25.33 23.12
CA LEU E 62 26.94 -26.53 23.91
C LEU E 62 28.43 -26.66 24.18
N GLY E 63 29.20 -26.14 23.26
CA GLY E 63 30.62 -26.21 23.30
C GLY E 63 30.91 -27.36 22.40
N ASN E 64 32.00 -27.35 21.75
CA ASN E 64 32.30 -28.43 20.85
C ASN E 64 33.78 -28.46 20.81
N PRO E 65 34.41 -29.59 20.90
CA PRO E 65 35.83 -29.66 20.89
C PRO E 65 36.49 -28.86 19.76
N GLU E 66 35.82 -28.75 18.60
CA GLU E 66 36.36 -28.01 17.46
C GLU E 66 35.97 -26.51 17.38
N CYS E 67 35.19 -26.02 18.37
CA CYS E 67 34.65 -24.67 18.49
C CYS E 67 35.36 -23.99 19.66
N GLU E 68 36.53 -24.50 20.01
CA GLU E 68 37.30 -23.96 21.12
C GLU E 68 37.72 -22.51 20.90
N LEU E 69 37.84 -22.09 19.66
CA LEU E 69 38.29 -20.75 19.40
C LEU E 69 37.22 -19.71 19.69
N LEU E 70 36.00 -20.17 19.93
CA LEU E 70 34.90 -19.27 20.20
C LEU E 70 34.66 -19.06 21.70
N ILE E 71 35.27 -19.88 22.56
CA ILE E 71 34.88 -19.83 23.99
C ILE E 71 35.32 -18.56 24.69
N SER E 72 36.32 -17.89 24.15
CA SER E 72 36.87 -16.66 24.66
C SER E 72 36.19 -15.40 24.14
N LYS E 73 35.28 -15.50 23.16
CA LYS E 73 34.70 -14.27 22.64
C LYS E 73 33.35 -14.00 23.28
N GLU E 74 33.32 -12.96 24.11
CA GLU E 74 32.13 -12.63 24.88
C GLU E 74 31.19 -11.58 24.30
N SER E 75 31.62 -10.80 23.32
CA SER E 75 30.74 -9.76 22.80
C SER E 75 30.85 -9.65 21.30
N TRP E 76 29.76 -9.25 20.67
CA TRP E 76 29.72 -9.12 19.22
C TRP E 76 28.66 -8.18 18.71
N SER E 77 28.79 -7.77 17.45
CA SER E 77 27.77 -6.96 16.81
C SER E 77 26.69 -7.75 16.07
N TYR E 78 27.04 -8.93 15.59
CA TYR E 78 26.16 -9.82 14.86
C TYR E 78 26.82 -11.19 14.87
N ILE E 79 26.08 -12.23 14.49
CA ILE E 79 26.62 -13.58 14.42
C ILE E 79 26.58 -14.10 12.99
N VAL E 80 27.70 -14.66 12.52
CA VAL E 80 27.74 -15.19 11.18
C VAL E 80 27.94 -16.70 11.14
N GLU E 81 26.97 -17.36 10.53
CA GLU E 81 26.94 -18.81 10.41
C GLU E 81 27.21 -19.15 8.95
N THR E 82 27.89 -20.24 8.66
CA THR E 82 28.11 -20.58 7.27
C THR E 82 26.88 -21.29 6.73
N PRO E 83 26.65 -21.41 5.41
CA PRO E 83 25.53 -22.12 4.83
C PRO E 83 25.29 -23.55 5.31
N ASN E 84 26.35 -24.30 5.58
CA ASN E 84 26.21 -25.68 6.04
C ASN E 84 27.22 -26.03 7.12
N PRO E 85 27.03 -25.59 8.36
CA PRO E 85 27.94 -25.81 9.45
C PRO E 85 28.00 -27.29 9.69
N GLU E 86 29.13 -27.79 10.12
CA GLU E 86 29.25 -29.20 10.45
C GLU E 86 29.43 -29.50 11.96
N ASN E 87 30.09 -28.59 12.70
CA ASN E 87 30.45 -28.80 14.10
C ASN E 87 29.32 -28.28 15.01
N GLY E 88 28.29 -29.14 15.12
CA GLY E 88 27.06 -28.95 15.89
C GLY E 88 27.01 -29.97 17.01
N THR E 89 25.93 -30.70 17.06
CA THR E 89 25.75 -31.69 18.08
C THR E 89 26.52 -32.97 17.73
N CYS E 90 27.83 -33.02 18.13
CA CYS E 90 28.79 -34.09 17.84
C CYS E 90 28.35 -35.44 18.41
N TYR E 91 27.58 -35.42 19.50
CA TYR E 91 27.04 -36.65 20.02
C TYR E 91 25.57 -36.53 19.59
N PRO E 92 25.08 -37.35 18.67
CA PRO E 92 23.77 -37.24 18.05
C PRO E 92 22.64 -37.18 19.03
N GLY E 93 21.61 -36.41 18.69
CA GLY E 93 20.44 -36.28 19.54
C GLY E 93 19.56 -35.14 19.11
N TYR E 94 18.43 -35.00 19.78
CA TYR E 94 17.46 -33.96 19.50
C TYR E 94 17.74 -32.76 20.35
N PHE E 95 17.84 -31.59 19.75
CA PHE E 95 18.07 -30.39 20.53
C PHE E 95 16.71 -29.74 20.69
N ALA E 96 16.20 -29.74 21.90
CA ALA E 96 14.86 -29.24 22.13
C ALA E 96 14.80 -27.75 21.95
N ASP E 97 13.75 -27.28 21.31
CA ASP E 97 13.53 -25.86 21.16
C ASP E 97 14.77 -25.17 20.62
N TYR E 98 15.40 -25.75 19.62
CA TYR E 98 16.60 -25.19 19.06
C TYR E 98 16.34 -23.91 18.33
N GLU E 99 15.29 -23.90 17.54
CA GLU E 99 14.95 -22.73 16.76
C GLU E 99 14.58 -21.59 17.66
N GLU E 100 13.94 -21.91 18.76
CA GLU E 100 13.53 -20.94 19.73
C GLU E 100 14.77 -20.37 20.44
N LEU E 101 15.78 -21.21 20.70
CA LEU E 101 17.01 -20.70 21.30
C LEU E 101 17.71 -19.78 20.34
N ARG E 102 17.72 -20.12 19.05
CA ARG E 102 18.37 -19.24 18.09
C ARG E 102 17.72 -17.87 18.09
N GLU E 103 16.41 -17.82 18.29
CA GLU E 103 15.71 -16.55 18.36
C GLU E 103 16.14 -15.81 19.62
N GLN E 104 16.28 -16.51 20.75
CA GLN E 104 16.69 -15.84 21.99
C GLN E 104 18.09 -15.26 21.88
N LEU E 105 18.97 -15.95 21.17
CA LEU E 105 20.35 -15.53 21.05
C LEU E 105 20.56 -14.48 20.00
N SER E 106 19.49 -14.11 19.30
CA SER E 106 19.59 -13.12 18.27
C SER E 106 19.43 -11.75 18.86
N SER E 107 19.12 -11.67 20.16
CA SER E 107 19.02 -10.35 20.80
C SER E 107 20.14 -10.18 21.82
N VAL E 108 20.98 -11.19 21.96
CA VAL E 108 22.07 -11.14 22.93
C VAL E 108 23.23 -10.42 22.31
N SER E 109 23.76 -9.40 23.00
CA SER E 109 24.89 -8.65 22.47
C SER E 109 26.17 -9.16 23.08
N SER E 110 26.04 -9.73 24.27
CA SER E 110 27.18 -10.29 24.97
C SER E 110 26.75 -11.24 26.05
N PHE E 111 27.71 -12.00 26.55
CA PHE E 111 27.46 -12.84 27.71
C PHE E 111 28.70 -13.18 28.49
N GLU E 112 28.51 -13.56 29.73
CA GLU E 112 29.59 -14.06 30.55
C GLU E 112 29.51 -15.57 30.59
N ARG E 113 30.54 -16.27 30.19
CA ARG E 113 30.49 -17.72 30.25
C ARG E 113 31.13 -18.07 31.58
N PHE E 114 30.38 -18.69 32.50
CA PHE E 114 30.92 -18.93 33.83
C PHE E 114 30.56 -20.30 34.33
N GLU E 115 31.31 -20.81 35.29
CA GLU E 115 30.94 -22.11 35.82
C GLU E 115 29.82 -22.02 36.81
N ILE E 116 28.86 -22.90 36.69
CA ILE E 116 27.85 -22.99 37.70
C ILE E 116 28.23 -24.07 38.63
N PHE E 117 28.66 -25.18 38.06
CA PHE E 117 28.98 -26.35 38.84
C PHE E 117 30.36 -26.85 38.50
N PRO E 118 31.43 -26.27 39.06
CA PRO E 118 32.79 -26.56 38.68
C PRO E 118 33.02 -28.04 38.74
N LYS E 119 33.69 -28.54 37.71
CA LYS E 119 33.93 -29.96 37.55
C LYS E 119 34.57 -30.66 38.74
N GLU E 120 35.59 -30.04 39.32
CA GLU E 120 36.33 -30.66 40.40
C GLU E 120 35.62 -30.74 41.75
N SER E 121 34.96 -29.67 42.14
CA SER E 121 34.33 -29.64 43.45
C SER E 121 32.86 -30.01 43.51
N SER E 122 32.15 -29.98 42.38
CA SER E 122 30.72 -30.23 42.47
C SER E 122 30.29 -31.68 42.55
N TRP E 123 31.05 -32.61 42.01
CA TRP E 123 30.56 -33.98 42.06
C TRP E 123 31.61 -34.97 42.55
N PRO E 124 32.01 -34.93 43.83
CA PRO E 124 33.08 -35.74 44.39
C PRO E 124 32.86 -37.27 44.42
N ASN E 125 31.59 -37.72 44.31
CA ASN E 125 31.19 -39.14 44.33
C ASN E 125 30.62 -39.62 42.98
N HIS E 126 30.92 -38.92 41.86
CA HIS E 126 30.51 -39.31 40.50
C HIS E 126 31.74 -39.23 39.63
N THR E 127 31.73 -39.93 38.53
CA THR E 127 32.83 -39.79 37.62
C THR E 127 32.50 -38.63 36.69
N VAL E 128 33.41 -37.68 36.56
CA VAL E 128 33.18 -36.50 35.73
C VAL E 128 34.02 -36.54 34.49
N THR E 129 34.66 -37.66 34.28
CA THR E 129 35.46 -37.90 33.11
C THR E 129 34.69 -38.87 32.24
N GLY E 130 34.53 -38.50 30.99
CA GLY E 130 33.80 -39.33 30.06
C GLY E 130 33.83 -38.63 28.74
N VAL E 131 34.18 -39.39 27.74
CA VAL E 131 34.35 -38.94 26.39
C VAL E 131 33.68 -39.83 25.38
N SER E 132 33.57 -39.35 24.15
CA SER E 132 33.05 -40.19 23.09
C SER E 132 33.86 -40.03 21.82
N ALA E 133 33.91 -41.09 21.02
CA ALA E 133 34.63 -41.07 19.75
C ALA E 133 34.04 -40.06 18.78
N SER E 134 32.73 -39.91 18.85
CA SER E 134 32.01 -39.00 17.98
C SER E 134 32.31 -37.51 18.20
N CYS E 135 32.94 -37.13 19.34
CA CYS E 135 33.32 -35.77 19.68
C CYS E 135 34.85 -35.71 19.68
N SER E 136 35.48 -36.62 18.94
CA SER E 136 36.94 -36.64 18.88
C SER E 136 37.57 -35.34 18.46
N HIS E 137 38.61 -34.96 19.19
CA HIS E 137 39.36 -33.74 18.99
C HIS E 137 40.85 -34.02 18.88
N ASN E 138 41.43 -33.72 17.74
CA ASN E 138 42.85 -33.98 17.50
C ASN E 138 43.17 -35.45 17.69
N GLY E 139 42.25 -36.31 17.29
CA GLY E 139 42.47 -37.75 17.37
C GLY E 139 42.09 -38.39 18.69
N LYS E 140 41.75 -37.62 19.72
CA LYS E 140 41.40 -38.23 20.98
C LYS E 140 39.92 -38.11 21.25
N SER E 141 39.33 -39.08 21.92
CA SER E 141 37.93 -38.96 22.23
C SER E 141 37.75 -37.75 23.11
N SER E 142 36.64 -37.05 22.97
CA SER E 142 36.41 -35.85 23.78
C SER E 142 34.93 -35.60 24.02
N PHE E 143 34.59 -34.40 24.45
CA PHE E 143 33.18 -34.13 24.73
C PHE E 143 32.90 -32.64 24.66
N TYR E 144 31.66 -32.27 24.88
CA TYR E 144 31.18 -30.91 24.88
C TYR E 144 31.91 -30.13 25.94
N ARG E 145 32.26 -28.90 25.65
CA ARG E 145 33.00 -28.10 26.61
C ARG E 145 32.20 -27.44 27.72
N ASN E 146 30.88 -27.24 27.53
CA ASN E 146 30.13 -26.59 28.58
C ASN E 146 29.28 -27.58 29.38
N LEU E 147 29.43 -28.88 29.08
CA LEU E 147 28.67 -29.97 29.70
C LEU E 147 29.55 -31.08 30.29
N LEU E 148 29.01 -31.79 31.28
CA LEU E 148 29.69 -32.96 31.84
C LEU E 148 28.86 -34.22 31.84
N TRP E 149 29.44 -35.28 31.32
CA TRP E 149 28.72 -36.53 31.31
C TRP E 149 28.98 -37.21 32.62
N LEU E 150 27.99 -37.29 33.51
CA LEU E 150 28.28 -37.90 34.79
C LEU E 150 27.95 -39.35 34.72
N THR E 151 28.83 -40.18 35.24
CA THR E 151 28.63 -41.62 35.29
C THR E 151 28.91 -42.09 36.69
N GLY E 152 28.67 -43.36 36.98
CA GLY E 152 28.90 -43.81 38.34
C GLY E 152 30.38 -43.87 38.71
N LYS E 153 30.62 -44.00 40.00
CA LYS E 153 31.95 -44.08 40.57
C LYS E 153 31.98 -45.25 41.51
N ASN E 154 32.93 -46.13 41.36
CA ASN E 154 33.06 -47.32 42.20
C ASN E 154 31.78 -48.17 42.23
N GLY E 155 31.09 -48.26 41.10
CA GLY E 155 29.90 -49.10 41.02
C GLY E 155 28.60 -48.41 41.41
N LEU E 156 28.67 -47.18 41.89
CA LEU E 156 27.46 -46.49 42.31
C LEU E 156 27.16 -45.21 41.57
N TYR E 157 25.89 -44.88 41.47
CA TYR E 157 25.50 -43.57 40.96
C TYR E 157 24.60 -42.97 42.01
N PRO E 158 25.15 -42.30 43.03
CA PRO E 158 24.41 -41.76 44.13
C PRO E 158 23.34 -40.82 43.65
N ASN E 159 22.21 -40.80 44.35
CA ASN E 159 21.15 -39.89 43.95
C ASN E 159 21.76 -38.53 43.96
N LEU E 160 21.55 -37.82 42.87
CA LEU E 160 22.13 -36.52 42.70
C LEU E 160 21.15 -35.42 42.94
N SER E 161 21.57 -34.39 43.67
CA SER E 161 20.77 -33.19 43.84
C SER E 161 21.63 -31.93 43.93
N LYS E 162 21.43 -31.02 42.98
CA LYS E 162 22.16 -29.75 42.90
C LYS E 162 21.31 -28.56 42.63
N SER E 163 21.74 -27.41 43.11
CA SER E 163 21.00 -26.22 42.78
C SER E 163 21.90 -25.03 42.61
N TYR E 164 21.37 -24.07 41.88
CA TYR E 164 22.03 -22.80 41.64
C TYR E 164 21.10 -21.64 41.76
N VAL E 165 21.55 -20.63 42.48
CA VAL E 165 20.78 -19.41 42.64
C VAL E 165 21.32 -18.34 41.75
N ASN E 166 20.46 -17.72 40.98
CA ASN E 166 20.96 -16.73 40.08
C ASN E 166 21.18 -15.44 40.82
N ASN E 167 22.42 -15.24 41.25
CA ASN E 167 22.80 -14.09 42.03
C ASN E 167 23.34 -12.98 41.16
N LYS E 168 23.14 -13.10 39.85
CA LYS E 168 23.55 -12.10 38.91
C LYS E 168 22.34 -11.25 38.55
N GLU E 169 22.56 -10.07 38.02
CA GLU E 169 21.48 -9.21 37.57
C GLU E 169 20.95 -9.63 36.20
N LYS E 170 21.67 -10.54 35.58
CA LYS E 170 21.43 -11.04 34.24
C LYS E 170 20.64 -12.34 34.23
N GLU E 171 19.96 -12.61 33.13
CA GLU E 171 19.32 -13.90 32.92
C GLU E 171 20.39 -14.93 32.66
N VAL E 172 20.22 -16.13 33.17
CA VAL E 172 21.22 -17.15 32.91
C VAL E 172 20.71 -18.30 32.07
N LEU E 173 21.41 -18.56 30.99
CA LEU E 173 21.07 -19.66 30.12
C LEU E 173 21.75 -20.90 30.56
N VAL E 174 20.95 -21.87 30.94
CA VAL E 174 21.44 -23.11 31.46
C VAL E 174 21.12 -24.22 30.50
N LEU E 175 22.13 -24.98 30.10
CA LEU E 175 21.88 -26.08 29.17
C LEU E 175 22.30 -27.38 29.82
N TRP E 176 21.62 -28.45 29.48
CA TRP E 176 21.93 -29.78 30.00
C TRP E 176 21.44 -30.79 29.02
N GLY E 177 21.74 -32.05 29.25
CA GLY E 177 21.15 -33.05 28.38
C GLY E 177 20.78 -34.33 29.10
N VAL E 178 20.15 -35.24 28.37
CA VAL E 178 19.75 -36.54 28.90
C VAL E 178 20.27 -37.61 27.96
N HIS E 179 20.91 -38.63 28.51
CA HIS E 179 21.45 -39.70 27.69
C HIS E 179 20.46 -40.84 27.56
N HIS E 180 20.35 -41.35 26.36
CA HIS E 180 19.51 -42.45 25.97
C HIS E 180 20.33 -43.57 25.33
N PRO E 181 20.86 -44.51 26.11
CA PRO E 181 21.74 -45.57 25.68
C PRO E 181 21.08 -46.44 24.62
N PRO E 182 21.86 -47.11 23.78
CA PRO E 182 21.41 -48.04 22.78
C PRO E 182 20.82 -49.31 23.35
N ASN E 183 21.19 -49.65 24.57
CA ASN E 183 20.72 -50.88 25.15
C ASN E 183 20.75 -50.90 26.67
N ILE E 184 20.29 -52.00 27.22
CA ILE E 184 20.25 -52.20 28.66
C ILE E 184 21.63 -52.37 29.23
N GLY E 185 22.49 -53.09 28.55
CA GLY E 185 23.82 -53.32 29.06
C GLY E 185 24.57 -52.02 29.28
N ASN E 186 24.35 -51.03 28.42
CA ASN E 186 25.03 -49.76 28.53
C ASN E 186 24.42 -48.95 29.68
N GLN E 187 23.10 -49.05 29.86
CA GLN E 187 22.48 -48.34 30.95
C GLN E 187 22.99 -48.87 32.30
N ARG E 188 23.17 -50.19 32.37
CA ARG E 188 23.64 -50.84 33.58
C ARG E 188 25.11 -50.55 33.83
N ALA E 189 25.91 -50.47 32.77
CA ALA E 189 27.33 -50.17 32.88
C ALA E 189 27.62 -48.76 33.33
N LEU E 190 26.83 -47.79 32.88
CA LEU E 190 27.10 -46.40 33.22
C LEU E 190 26.40 -45.85 34.44
N TYR E 191 25.12 -46.16 34.63
CA TYR E 191 24.37 -45.54 35.72
C TYR E 191 24.05 -46.54 36.80
N HIS E 192 24.03 -47.80 36.43
CA HIS E 192 23.75 -48.93 37.30
C HIS E 192 22.32 -48.97 37.82
N THR E 193 21.39 -48.56 36.99
CA THR E 193 19.97 -48.60 37.26
C THR E 193 19.23 -48.68 35.98
N GLU E 194 18.09 -49.36 35.97
CA GLU E 194 17.27 -49.42 34.77
C GLU E 194 16.10 -48.47 34.84
N ASN E 195 16.02 -47.73 35.94
CA ASN E 195 14.93 -46.83 36.21
C ASN E 195 15.45 -45.48 36.63
N ALA E 196 15.98 -44.77 35.65
CA ALA E 196 16.56 -43.49 35.90
C ALA E 196 15.58 -42.43 35.50
N TYR E 197 15.74 -41.28 36.10
CA TYR E 197 14.97 -40.13 35.71
C TYR E 197 15.87 -38.96 35.93
N VAL E 198 15.53 -37.87 35.27
CA VAL E 198 16.16 -36.59 35.44
C VAL E 198 15.06 -35.58 35.71
N SER E 199 15.19 -34.75 36.71
CA SER E 199 14.15 -33.78 37.01
C SER E 199 14.70 -32.40 37.20
N VAL E 200 14.22 -31.47 36.39
CA VAL E 200 14.72 -30.12 36.48
C VAL E 200 13.60 -29.15 36.75
N VAL E 201 13.74 -28.37 37.82
CA VAL E 201 12.72 -27.39 38.15
C VAL E 201 13.27 -26.00 38.47
N SER E 202 12.42 -24.99 38.38
CA SER E 202 12.72 -23.61 38.76
C SER E 202 11.38 -23.04 39.14
N SER E 203 11.27 -21.78 39.56
CA SER E 203 9.96 -21.34 40.00
C SER E 203 8.95 -21.34 38.87
N HIS E 204 9.42 -21.26 37.64
CA HIS E 204 8.53 -21.21 36.50
C HIS E 204 8.92 -22.22 35.44
N TYR E 205 9.45 -23.35 35.88
CA TYR E 205 9.85 -24.41 34.97
C TYR E 205 9.76 -25.75 35.61
N SER E 206 9.22 -26.71 34.91
CA SER E 206 9.26 -28.04 35.47
C SER E 206 9.19 -29.06 34.40
N ARG E 207 10.18 -29.92 34.35
CA ARG E 207 10.19 -30.97 33.38
C ARG E 207 10.84 -32.22 33.94
N ARG E 208 10.26 -33.38 33.67
CA ARG E 208 10.86 -34.62 34.12
C ARG E 208 11.12 -35.45 32.89
N PHE E 209 12.29 -36.04 32.83
CA PHE E 209 12.71 -36.80 31.68
C PHE E 209 13.04 -38.19 32.10
N THR E 210 12.84 -39.16 31.22
CA THR E 210 13.30 -40.50 31.49
C THR E 210 14.05 -40.92 30.25
N PRO E 211 15.03 -41.82 30.34
CA PRO E 211 15.72 -42.38 29.21
C PRO E 211 14.86 -43.36 28.46
N GLU E 212 15.12 -43.47 27.18
CA GLU E 212 14.49 -44.46 26.36
C GLU E 212 15.55 -45.36 25.76
N ILE E 213 15.30 -46.64 25.73
CA ILE E 213 16.26 -47.58 25.19
C ILE E 213 15.67 -48.13 23.92
N ALA E 214 16.42 -48.06 22.83
CA ALA E 214 15.91 -48.51 21.54
C ALA E 214 17.01 -48.84 20.58
N LYS E 215 16.71 -49.69 19.60
CA LYS E 215 17.66 -49.92 18.53
C LYS E 215 17.55 -48.72 17.63
N ARG E 216 18.66 -48.11 17.27
CA ARG E 216 18.59 -46.91 16.46
C ARG E 216 19.57 -46.97 15.30
N PRO E 217 19.35 -46.28 14.18
CA PRO E 217 20.32 -46.19 13.12
C PRO E 217 21.51 -45.48 13.70
N LYS E 218 22.71 -45.79 13.23
CA LYS E 218 23.85 -45.04 13.72
C LYS E 218 23.93 -43.70 13.05
N VAL E 219 24.30 -42.70 13.82
CA VAL E 219 24.57 -41.37 13.33
C VAL E 219 25.95 -41.03 13.82
N ARG E 220 26.86 -40.65 12.94
CA ARG E 220 28.23 -40.39 13.36
C ARG E 220 28.81 -41.60 14.08
N ASP E 221 28.48 -42.79 13.57
CA ASP E 221 28.92 -44.10 14.06
C ASP E 221 28.49 -44.41 15.48
N GLN E 222 27.60 -43.62 16.04
CA GLN E 222 27.14 -43.80 17.39
C GLN E 222 25.69 -44.21 17.46
N GLU E 223 25.42 -45.30 18.16
CA GLU E 223 24.05 -45.73 18.40
C GLU E 223 23.74 -45.13 19.76
N GLY E 224 22.52 -44.67 19.99
CA GLY E 224 22.23 -44.01 21.26
C GLY E 224 22.19 -42.51 21.02
N ARG E 225 21.55 -41.78 21.93
CA ARG E 225 21.39 -40.34 21.72
C ARG E 225 21.50 -39.48 22.98
N ILE E 226 21.88 -38.21 22.82
CA ILE E 226 21.78 -37.25 23.93
C ILE E 226 20.84 -36.13 23.56
N ASN E 227 19.77 -35.96 24.31
CA ASN E 227 18.88 -34.89 23.95
C ASN E 227 19.31 -33.66 24.69
N TYR E 228 19.15 -32.50 24.10
CA TYR E 228 19.62 -31.29 24.76
C TYR E 228 18.46 -30.40 25.13
N TYR E 229 18.54 -29.85 26.33
CA TYR E 229 17.50 -29.00 26.85
C TYR E 229 18.07 -27.73 27.42
N TRP E 230 17.26 -26.71 27.50
CA TRP E 230 17.72 -25.47 28.09
C TRP E 230 16.61 -24.66 28.69
N THR E 231 16.99 -23.75 29.58
CA THR E 231 16.04 -22.81 30.14
C THR E 231 16.72 -21.52 30.54
N LEU E 232 15.96 -20.43 30.60
CA LEU E 232 16.50 -19.16 31.07
C LEU E 232 16.07 -18.93 32.50
N LEU E 233 17.04 -18.81 33.38
CA LEU E 233 16.81 -18.63 34.78
C LEU E 233 16.78 -17.12 35.07
N GLU E 234 15.68 -16.64 35.61
CA GLU E 234 15.53 -15.21 35.87
C GLU E 234 16.37 -14.83 37.07
N PRO E 235 16.83 -13.57 37.19
CA PRO E 235 17.57 -13.09 38.33
C PRO E 235 16.80 -13.35 39.58
N GLY E 236 17.47 -13.88 40.58
CA GLY E 236 16.88 -14.16 41.86
C GLY E 236 16.26 -15.55 41.96
N ASP E 237 16.13 -16.28 40.86
CA ASP E 237 15.49 -17.58 41.01
C ASP E 237 16.49 -18.68 41.27
N THR E 238 15.99 -19.90 41.45
CA THR E 238 16.81 -21.08 41.70
C THR E 238 16.49 -22.22 40.77
N ILE E 239 17.51 -22.84 40.20
CA ILE E 239 17.27 -24.01 39.37
C ILE E 239 17.75 -25.22 40.12
N ILE E 240 16.93 -26.26 40.15
CA ILE E 240 17.27 -27.49 40.86
C ILE E 240 17.30 -28.69 39.93
N PHE E 241 18.40 -29.41 39.97
CA PHE E 241 18.64 -30.62 39.19
C PHE E 241 18.70 -31.87 40.04
N GLU E 242 17.85 -32.85 39.75
CA GLU E 242 17.88 -34.12 40.46
C GLU E 242 17.99 -35.28 39.48
N ALA E 243 18.73 -36.33 39.83
CA ALA E 243 18.79 -37.48 38.91
C ALA E 243 19.22 -38.81 39.53
N ASN E 244 18.77 -39.90 38.91
CA ASN E 244 19.26 -41.24 39.26
C ASN E 244 20.25 -41.74 38.24
N GLY E 245 20.43 -40.97 37.20
CA GLY E 245 21.27 -41.38 36.11
C GLY E 245 20.85 -40.66 34.88
N ASN E 246 21.60 -40.87 33.82
CA ASN E 246 21.38 -40.33 32.50
C ASN E 246 21.49 -38.82 32.38
N LEU E 247 22.08 -38.16 33.35
CA LEU E 247 22.24 -36.71 33.25
C LEU E 247 23.59 -36.26 32.74
N ILE E 248 23.53 -35.41 31.73
CA ILE E 248 24.68 -34.73 31.21
C ILE E 248 24.56 -33.38 31.86
N ALA E 249 25.35 -33.16 32.87
CA ALA E 249 25.20 -32.05 33.76
C ALA E 249 25.64 -30.76 33.14
N PRO E 250 25.06 -29.64 33.49
CA PRO E 250 25.54 -28.35 33.10
C PRO E 250 26.84 -28.15 33.80
N TRP E 251 27.78 -27.49 33.17
CA TRP E 251 29.03 -27.11 33.79
C TRP E 251 29.12 -25.62 33.71
N TYR E 252 29.09 -25.10 32.50
CA TYR E 252 29.13 -23.67 32.23
C TYR E 252 27.78 -23.17 31.81
N ALA E 253 27.55 -21.90 32.06
CA ALA E 253 26.31 -21.25 31.69
C ALA E 253 26.57 -19.85 31.29
N PHE E 254 25.59 -19.25 30.63
CA PHE E 254 25.83 -17.93 30.12
C PHE E 254 24.98 -16.86 30.77
N ALA E 255 25.61 -15.84 31.32
CA ALA E 255 24.85 -14.74 31.89
C ALA E 255 24.65 -13.75 30.78
N LEU E 256 23.43 -13.64 30.31
CA LEU E 256 23.14 -12.91 29.09
C LEU E 256 22.90 -11.44 29.29
N SER E 257 23.33 -10.66 28.31
CA SER E 257 23.09 -9.24 28.28
C SER E 257 22.51 -8.91 26.92
N ARG E 258 21.27 -8.47 26.94
CA ARG E 258 20.52 -8.21 25.73
C ARG E 258 20.69 -6.80 25.22
N GLY E 259 20.55 -6.65 23.92
CA GLY E 259 20.66 -5.36 23.26
C GLY E 259 19.76 -5.33 22.04
N PHE E 260 20.01 -4.38 21.15
CA PHE E 260 19.14 -4.23 20.00
C PHE E 260 19.91 -4.16 18.70
N GLY E 261 19.30 -4.64 17.64
CA GLY E 261 19.83 -4.50 16.29
C GLY E 261 20.65 -5.66 15.76
N SER E 262 21.05 -6.57 16.62
CA SER E 262 21.85 -7.73 16.22
C SER E 262 20.97 -8.82 15.67
N GLY E 263 21.60 -9.85 15.12
CA GLY E 263 20.88 -11.00 14.61
C GLY E 263 21.86 -12.00 14.05
N ILE E 264 21.35 -13.11 13.56
CA ILE E 264 22.18 -14.15 13.01
C ILE E 264 21.97 -14.20 11.51
N ILE E 265 23.04 -14.13 10.75
CA ILE E 265 22.93 -14.21 9.30
C ILE E 265 23.75 -15.35 8.80
N THR E 266 23.41 -15.84 7.64
CA THR E 266 24.15 -16.94 7.05
C THR E 266 24.95 -16.39 5.89
N SER E 267 26.25 -16.55 5.96
CA SER E 267 27.13 -15.99 4.95
C SER E 267 28.47 -16.68 4.88
N ASN E 268 29.05 -16.72 3.69
CA ASN E 268 30.40 -17.24 3.53
C ASN E 268 31.35 -16.15 3.04
N ALA E 269 30.98 -14.88 3.25
CA ALA E 269 31.82 -13.76 2.89
C ALA E 269 33.03 -13.73 3.85
N PRO E 270 34.22 -13.30 3.44
CA PRO E 270 35.40 -13.14 4.26
C PRO E 270 35.28 -11.94 5.15
N MET E 271 35.97 -11.95 6.28
CA MET E 271 36.04 -10.79 7.16
C MET E 271 37.15 -9.85 6.76
N ASP E 272 36.94 -8.55 6.91
CA ASP E 272 37.97 -7.57 6.65
C ASP E 272 37.97 -6.51 7.74
N GLU E 273 38.86 -5.54 7.64
CA GLU E 273 39.01 -4.45 8.62
C GLU E 273 38.12 -3.20 8.41
N CYS E 274 37.22 -3.26 7.41
CA CYS E 274 36.28 -2.24 7.01
C CYS E 274 35.20 -2.00 8.07
N ASP E 275 34.50 -0.89 7.91
CA ASP E 275 33.46 -0.51 8.83
C ASP E 275 32.30 0.00 8.01
N ALA E 276 31.11 -0.44 8.36
CA ALA E 276 29.93 -0.08 7.61
C ALA E 276 28.76 0.11 8.53
N LYS E 277 27.76 0.82 8.07
CA LYS E 277 26.57 0.99 8.87
C LYS E 277 25.49 -0.10 8.66
N CYS E 278 25.50 -0.80 7.50
CA CYS E 278 24.56 -1.84 7.09
C CYS E 278 25.33 -3.02 6.50
N GLN E 279 25.05 -4.21 7.01
CA GLN E 279 25.66 -5.44 6.55
C GLN E 279 24.66 -6.41 5.95
N THR E 280 24.87 -6.88 4.71
CA THR E 280 23.93 -7.85 4.20
C THR E 280 24.77 -9.13 4.15
N PRO E 281 24.21 -10.33 3.99
CA PRO E 281 24.92 -11.58 3.80
C PRO E 281 25.84 -11.61 2.59
N GLN E 282 25.64 -10.73 1.62
CA GLN E 282 26.52 -10.76 0.47
C GLN E 282 27.68 -9.82 0.65
N GLY E 283 27.68 -9.07 1.74
CA GLY E 283 28.68 -8.05 2.00
C GLY E 283 28.01 -6.74 2.43
N ALA E 284 28.79 -5.86 3.04
CA ALA E 284 28.29 -4.57 3.50
C ALA E 284 27.94 -3.62 2.38
N ILE E 285 26.99 -2.73 2.67
CA ILE E 285 26.55 -1.70 1.73
C ILE E 285 26.70 -0.30 2.38
N ASN E 286 26.70 0.79 1.58
CA ASN E 286 26.94 2.16 2.04
C ASN E 286 25.80 2.80 2.85
N SER E 287 24.51 2.48 2.57
CA SER E 287 23.32 3.03 3.26
C SER E 287 23.19 4.58 3.28
N SER E 288 23.22 5.16 2.09
CA SER E 288 23.05 6.60 1.91
C SER E 288 21.77 6.94 1.13
N LEU E 289 21.20 5.96 0.42
CA LEU E 289 20.01 6.17 -0.39
C LEU E 289 18.86 5.49 0.34
N PRO E 290 17.60 5.85 0.10
CA PRO E 290 16.44 5.22 0.72
C PRO E 290 16.13 3.76 0.37
N PHE E 291 16.61 3.26 -0.77
CA PHE E 291 16.28 1.89 -1.13
C PHE E 291 17.50 1.09 -1.54
N GLN E 292 17.39 -0.23 -1.44
CA GLN E 292 18.40 -1.18 -1.92
C GLN E 292 17.74 -2.33 -2.66
N ASN E 293 18.47 -2.96 -3.56
CA ASN E 293 18.00 -4.20 -4.14
C ASN E 293 19.04 -5.29 -3.94
N VAL E 294 19.93 -5.11 -2.96
CA VAL E 294 21.01 -6.07 -2.74
C VAL E 294 20.56 -7.32 -2.02
N HIS E 295 19.91 -7.21 -0.87
CA HIS E 295 19.49 -8.45 -0.22
C HIS E 295 18.39 -8.15 0.78
N PRO E 296 17.35 -9.00 0.93
CA PRO E 296 16.30 -8.81 1.90
C PRO E 296 16.69 -8.93 3.36
N VAL E 297 17.81 -9.58 3.69
CA VAL E 297 18.14 -9.75 5.10
C VAL E 297 19.28 -8.89 5.50
N THR E 298 19.06 -7.97 6.41
CA THR E 298 20.16 -7.11 6.79
C THR E 298 20.26 -6.85 8.27
N ILE E 299 21.45 -6.48 8.68
CA ILE E 299 21.73 -6.02 10.02
C ILE E 299 22.31 -4.60 10.03
N GLY E 300 21.72 -3.73 10.83
CA GLY E 300 22.23 -2.37 10.92
C GLY E 300 21.27 -1.30 10.39
N GLU E 301 21.82 -0.12 10.24
CA GLU E 301 21.04 1.04 9.85
C GLU E 301 20.98 1.04 8.33
N CYS E 302 19.98 0.30 7.79
CA CYS E 302 19.81 -0.07 6.38
C CYS E 302 18.67 0.60 5.61
N PRO E 303 18.80 0.68 4.26
CA PRO E 303 17.81 1.11 3.29
C PRO E 303 16.73 0.05 3.13
N LYS E 304 15.57 0.45 2.61
CA LYS E 304 14.47 -0.48 2.39
C LYS E 304 14.75 -1.44 1.25
N TYR E 305 14.44 -2.73 1.42
CA TYR E 305 14.66 -3.65 0.31
C TYR E 305 13.48 -3.63 -0.63
N VAL E 306 13.79 -3.41 -1.89
CA VAL E 306 12.86 -3.33 -2.99
C VAL E 306 13.26 -4.23 -4.13
N ARG E 307 12.35 -5.01 -4.67
CA ARG E 307 12.72 -5.84 -5.81
C ARG E 307 12.57 -5.10 -7.12
N SER E 308 13.39 -4.07 -7.30
CA SER E 308 13.33 -3.22 -8.50
C SER E 308 14.69 -3.13 -9.12
N ALA E 309 14.74 -2.97 -10.44
CA ALA E 309 16.02 -2.78 -11.12
C ALA E 309 16.53 -1.35 -10.96
N LYS E 310 15.62 -0.37 -11.03
CA LYS E 310 16.04 1.01 -10.88
C LYS E 310 14.93 1.87 -10.33
N LEU E 311 15.32 2.82 -9.50
CA LEU E 311 14.42 3.83 -8.98
C LEU E 311 15.09 5.18 -9.15
N ARG E 312 15.02 5.72 -10.35
CA ARG E 312 15.67 6.99 -10.61
C ARG E 312 14.63 8.06 -10.70
N MET E 313 14.86 9.11 -9.94
CA MET E 313 13.95 10.23 -9.85
C MET E 313 14.43 11.43 -10.62
N VAL E 314 13.50 12.05 -11.34
CA VAL E 314 13.78 13.25 -12.11
C VAL E 314 13.87 14.42 -11.21
N THR E 315 14.92 15.22 -11.33
CA THR E 315 14.94 16.42 -10.55
C THR E 315 14.98 17.58 -11.51
N GLY E 316 15.50 17.31 -12.71
CA GLY E 316 15.71 18.32 -13.73
C GLY E 316 14.71 18.29 -14.87
N LEU E 317 15.17 18.78 -15.99
CA LEU E 317 14.39 19.01 -17.19
C LEU E 317 14.49 17.88 -18.18
N ARG E 318 13.54 17.80 -19.10
CA ARG E 318 13.66 16.82 -20.15
C ARG E 318 14.83 17.27 -21.02
N ASN E 319 15.77 16.39 -21.30
CA ASN E 319 16.97 16.78 -22.02
C ASN E 319 16.89 16.71 -23.51
N ILE E 320 16.27 17.70 -24.10
CA ILE E 320 16.19 17.77 -25.56
C ILE E 320 16.80 19.05 -26.07
N PRO E 321 18.07 19.06 -26.50
CA PRO E 321 18.76 20.21 -27.06
C PRO E 321 18.09 20.61 -28.36
N SER E 322 18.07 21.92 -28.66
CA SER E 322 17.55 22.53 -29.90
C SER E 322 18.48 22.20 -31.07
N ILE F 10 18.10 31.40 -33.06
CA ILE F 10 18.03 30.78 -31.74
C ILE F 10 16.59 30.83 -31.21
N ALA F 11 15.85 29.72 -31.38
CA ALA F 11 14.46 29.51 -30.89
C ALA F 11 14.47 29.12 -29.42
N GLY F 12 13.35 29.30 -28.75
CA GLY F 12 13.17 28.98 -27.35
C GLY F 12 12.63 27.58 -27.07
N PHE F 13 11.97 27.48 -25.89
CA PHE F 13 11.44 26.26 -25.28
C PHE F 13 10.50 25.45 -26.11
N ILE F 14 9.87 26.09 -27.07
CA ILE F 14 8.92 25.41 -27.90
C ILE F 14 9.61 24.45 -28.88
N GLU F 15 10.87 24.72 -29.26
CA GLU F 15 11.56 23.85 -30.19
C GLU F 15 12.57 22.95 -29.48
N GLY F 16 13.17 23.42 -28.39
CA GLY F 16 14.18 22.63 -27.67
C GLY F 16 14.99 23.49 -26.72
N GLY F 17 15.86 22.86 -25.93
CA GLY F 17 16.64 23.58 -24.96
C GLY F 17 17.94 24.17 -25.47
N TRP F 18 18.55 24.94 -24.61
CA TRP F 18 19.77 25.64 -24.87
C TRP F 18 20.97 25.06 -24.16
N THR F 19 21.99 24.67 -24.91
CA THR F 19 23.18 24.11 -24.30
C THR F 19 24.14 25.23 -23.96
N GLY F 20 23.76 26.44 -24.36
CA GLY F 20 24.55 27.62 -24.09
C GLY F 20 24.11 28.30 -22.79
N MET F 21 23.08 27.76 -22.11
CA MET F 21 22.62 28.39 -20.90
C MET F 21 22.98 27.48 -19.76
N VAL F 22 23.87 27.93 -18.88
CA VAL F 22 24.39 27.05 -17.84
C VAL F 22 24.18 27.48 -16.40
N ASP F 23 23.58 28.62 -16.18
CA ASP F 23 23.43 29.17 -14.84
C ASP F 23 22.04 29.03 -14.22
N GLY F 24 21.21 28.15 -14.77
CA GLY F 24 19.89 27.90 -14.22
C GLY F 24 19.09 27.02 -15.16
N TRP F 25 17.95 26.54 -14.68
CA TRP F 25 17.08 25.69 -15.48
C TRP F 25 16.23 26.48 -16.47
N TYR F 26 15.84 27.67 -16.08
CA TYR F 26 14.96 28.47 -16.91
C TYR F 26 15.64 29.76 -17.18
N GLY F 27 15.42 30.35 -18.33
CA GLY F 27 16.06 31.63 -18.57
C GLY F 27 15.79 32.26 -19.89
N TYR F 28 16.60 33.27 -20.17
CA TYR F 28 16.47 34.10 -21.34
C TYR F 28 17.69 34.16 -22.24
N HIS F 29 17.41 34.41 -23.50
CA HIS F 29 18.45 34.63 -24.50
C HIS F 29 18.16 35.89 -25.27
N HIS F 30 19.21 36.67 -25.57
CA HIS F 30 18.96 37.85 -26.37
C HIS F 30 19.96 38.18 -27.44
N GLN F 31 19.45 38.94 -28.41
CA GLN F 31 20.24 39.52 -29.49
C GLN F 31 19.91 41.00 -29.67
N ASN F 32 20.86 41.88 -29.39
CA ASN F 32 20.65 43.31 -29.46
C ASN F 32 21.88 44.02 -30.03
N GLU F 33 21.81 45.34 -30.16
CA GLU F 33 22.91 46.11 -30.74
C GLU F 33 24.19 45.97 -29.95
N GLN F 34 24.05 45.89 -28.64
CA GLN F 34 25.15 45.85 -27.70
C GLN F 34 25.78 44.46 -27.55
N GLY F 35 25.18 43.42 -28.14
CA GLY F 35 25.69 42.08 -27.94
C GLY F 35 24.60 41.03 -27.78
N SER F 36 25.00 39.84 -27.40
CA SER F 36 24.06 38.73 -27.27
C SER F 36 24.52 37.77 -26.22
N GLY F 37 23.62 36.90 -25.80
CA GLY F 37 23.99 35.89 -24.82
C GLY F 37 22.83 35.29 -24.06
N TYR F 38 23.17 34.45 -23.09
CA TYR F 38 22.16 33.77 -22.29
C TYR F 38 22.31 34.18 -20.84
N ALA F 39 21.21 34.22 -20.11
CA ALA F 39 21.23 34.46 -18.68
C ALA F 39 20.06 33.75 -18.03
N ALA F 40 20.29 33.15 -16.87
CA ALA F 40 19.19 32.46 -16.23
C ALA F 40 18.25 33.37 -15.50
N ASP F 41 17.01 32.89 -15.38
CA ASP F 41 16.03 33.50 -14.52
C ASP F 41 16.25 32.88 -13.18
N GLN F 42 16.94 33.59 -12.32
CA GLN F 42 17.38 33.02 -11.07
C GLN F 42 16.28 32.92 -10.06
N LYS F 43 15.15 33.57 -10.29
CA LYS F 43 14.11 33.47 -9.29
C LYS F 43 13.20 32.35 -9.66
N SER F 44 12.96 32.17 -10.96
CA SER F 44 12.11 31.05 -11.34
C SER F 44 12.88 29.77 -11.08
N THR F 45 14.20 29.77 -11.36
CA THR F 45 14.99 28.59 -11.13
C THR F 45 15.08 28.31 -9.66
N GLN F 46 15.34 29.29 -8.81
CA GLN F 46 15.46 28.92 -7.42
C GLN F 46 14.15 28.44 -6.87
N ASN F 47 13.02 29.00 -7.29
CA ASN F 47 11.77 28.50 -6.73
C ASN F 47 11.51 27.08 -7.20
N ALA F 48 11.88 26.76 -8.45
CA ALA F 48 11.71 25.41 -8.93
C ALA F 48 12.59 24.48 -8.13
N ILE F 49 13.81 24.91 -7.78
CA ILE F 49 14.70 24.07 -7.02
C ILE F 49 14.13 23.83 -5.66
N ASN F 50 13.58 24.85 -5.01
CA ASN F 50 13.03 24.67 -3.68
C ASN F 50 11.93 23.62 -3.71
N GLY F 51 11.10 23.65 -4.74
CA GLY F 51 10.00 22.69 -4.91
C GLY F 51 10.53 21.28 -5.08
N ILE F 52 11.49 21.12 -5.97
CA ILE F 52 12.08 19.83 -6.23
C ILE F 52 12.80 19.28 -5.02
N THR F 53 13.51 20.12 -4.31
CA THR F 53 14.22 19.66 -3.15
C THR F 53 13.23 19.14 -2.15
N ASN F 54 12.11 19.86 -1.93
CA ASN F 54 11.13 19.37 -0.99
C ASN F 54 10.54 18.05 -1.46
N LYS F 55 10.36 17.87 -2.77
CA LYS F 55 9.82 16.63 -3.31
C LYS F 55 10.77 15.47 -3.07
N VAL F 56 12.07 15.69 -3.24
CA VAL F 56 13.05 14.63 -3.02
C VAL F 56 13.00 14.26 -1.54
N ASN F 57 12.95 15.25 -0.68
CA ASN F 57 12.92 14.99 0.73
C ASN F 57 11.65 14.29 1.14
N SER F 58 10.53 14.59 0.49
CA SER F 58 9.28 13.94 0.79
C SER F 58 9.40 12.43 0.55
N VAL F 59 10.06 12.03 -0.54
CA VAL F 59 10.24 10.61 -0.84
C VAL F 59 11.11 9.96 0.23
N ILE F 60 12.19 10.64 0.61
CA ILE F 60 13.11 10.13 1.62
C ILE F 60 12.45 9.96 2.98
N GLU F 61 11.68 10.96 3.40
CA GLU F 61 11.00 10.93 4.70
C GLU F 61 9.95 9.84 4.80
N LYS F 62 9.19 9.60 3.75
CA LYS F 62 8.17 8.56 3.82
C LYS F 62 8.75 7.17 3.90
N MET F 63 9.81 6.90 3.16
CA MET F 63 10.37 5.57 3.13
C MET F 63 11.36 5.32 4.27
N ASN F 64 10.81 5.28 5.48
CA ASN F 64 11.53 5.09 6.73
C ASN F 64 11.51 3.61 7.13
N THR F 65 12.67 2.95 7.14
CA THR F 65 12.68 1.52 7.43
C THR F 65 13.02 1.16 8.86
N GLN F 66 12.04 0.57 9.54
CA GLN F 66 12.19 0.09 10.90
C GLN F 66 12.00 -1.43 10.92
N PHE F 67 11.89 -2.00 9.73
CA PHE F 67 11.62 -3.42 9.50
C PHE F 67 12.82 -4.31 9.76
N THR F 68 12.59 -5.43 10.45
CA THR F 68 13.65 -6.40 10.66
C THR F 68 13.39 -7.63 9.83
N ALA F 69 14.34 -7.95 8.97
CA ALA F 69 14.21 -9.08 8.05
C ALA F 69 15.05 -10.29 8.44
N VAL F 70 15.66 -10.28 9.60
CA VAL F 70 16.47 -11.41 9.97
C VAL F 70 15.52 -12.58 10.09
N GLY F 71 15.87 -13.68 9.44
CA GLY F 71 14.99 -14.82 9.36
C GLY F 71 14.95 -15.70 10.58
N LYS F 72 14.10 -16.70 10.49
CA LYS F 72 13.84 -17.66 11.55
C LYS F 72 13.93 -19.05 11.02
N GLU F 73 14.34 -19.96 11.87
CA GLU F 73 14.38 -21.35 11.48
C GLU F 73 13.12 -22.02 11.95
N PHE F 74 12.69 -23.05 11.24
CA PHE F 74 11.52 -23.81 11.60
C PHE F 74 11.82 -25.30 11.53
N ASN F 75 11.10 -26.10 12.30
CA ASN F 75 11.26 -27.54 12.26
C ASN F 75 10.53 -28.20 11.12
N LYS F 76 10.69 -29.50 11.02
CA LYS F 76 10.03 -30.25 9.97
C LYS F 76 8.54 -30.33 10.18
N LEU F 77 8.10 -30.09 11.41
CA LEU F 77 6.71 -30.11 11.79
C LEU F 77 6.15 -28.73 12.01
N GLU F 78 6.86 -27.71 11.55
CA GLU F 78 6.41 -26.34 11.67
C GLU F 78 6.27 -25.71 10.31
N ARG F 79 5.93 -26.51 9.31
CA ARG F 79 5.83 -26.05 7.94
C ARG F 79 4.72 -25.04 7.80
N ARG F 80 3.62 -25.21 8.52
CA ARG F 80 2.56 -24.22 8.39
C ARG F 80 3.03 -22.86 8.87
N MET F 81 3.85 -22.84 9.93
CA MET F 81 4.34 -21.59 10.48
C MET F 81 5.37 -21.01 9.55
N GLU F 82 6.20 -21.86 8.95
CA GLU F 82 7.21 -21.40 8.03
C GLU F 82 6.57 -20.74 6.85
N ASN F 83 5.51 -21.36 6.33
CA ASN F 83 4.84 -20.81 5.18
C ASN F 83 4.08 -19.55 5.53
N LEU F 84 3.58 -19.43 6.75
CA LEU F 84 2.95 -18.17 7.13
C LEU F 84 4.00 -17.10 7.19
N ASN F 85 5.16 -17.38 7.76
CA ASN F 85 6.21 -16.40 7.84
C ASN F 85 6.64 -15.98 6.45
N LYS F 86 6.74 -16.95 5.53
CA LYS F 86 7.16 -16.63 4.19
C LYS F 86 6.13 -15.74 3.53
N LYS F 87 4.85 -16.06 3.70
CA LYS F 87 3.78 -15.26 3.12
C LYS F 87 3.82 -13.83 3.62
N VAL F 88 4.10 -13.64 4.90
CA VAL F 88 4.17 -12.31 5.44
C VAL F 88 5.33 -11.54 4.85
N ASP F 89 6.50 -12.15 4.77
CA ASP F 89 7.64 -11.44 4.22
C ASP F 89 7.47 -11.14 2.74
N ASP F 90 6.89 -12.06 1.98
CA ASP F 90 6.73 -11.82 0.57
C ASP F 90 5.65 -10.79 0.34
N GLY F 91 4.58 -10.83 1.12
CA GLY F 91 3.52 -9.87 0.95
C GLY F 91 3.99 -8.47 1.25
N PHE F 92 4.78 -8.30 2.31
CA PHE F 92 5.24 -6.97 2.61
C PHE F 92 6.22 -6.51 1.55
N LEU F 93 7.03 -7.41 1.03
CA LEU F 93 7.96 -7.03 0.00
C LEU F 93 7.22 -6.61 -1.26
N ASP F 94 6.17 -7.33 -1.66
CA ASP F 94 5.43 -6.99 -2.86
C ASP F 94 4.77 -5.64 -2.72
N ILE F 95 4.26 -5.36 -1.54
CA ILE F 95 3.60 -4.10 -1.29
C ILE F 95 4.56 -2.95 -1.31
N TRP F 96 5.71 -3.10 -0.66
CA TRP F 96 6.64 -2.00 -0.67
C TRP F 96 7.32 -1.83 -2.02
N THR F 97 7.47 -2.89 -2.78
CA THR F 97 8.05 -2.75 -4.10
C THR F 97 7.07 -1.95 -4.93
N TYR F 98 5.79 -2.29 -4.84
CA TYR F 98 4.73 -1.60 -5.56
C TYR F 98 4.73 -0.14 -5.18
N ASN F 99 4.75 0.16 -3.89
CA ASN F 99 4.71 1.54 -3.47
C ASN F 99 5.92 2.32 -3.91
N ALA F 100 7.12 1.74 -3.86
CA ALA F 100 8.30 2.46 -4.28
C ALA F 100 8.29 2.75 -5.76
N GLU F 101 7.88 1.79 -6.57
CA GLU F 101 7.89 2.00 -8.00
C GLU F 101 6.81 2.96 -8.41
N LEU F 102 5.65 2.87 -7.79
CA LEU F 102 4.57 3.75 -8.15
C LEU F 102 4.87 5.15 -7.73
N LEU F 103 5.44 5.34 -6.55
CA LEU F 103 5.74 6.68 -6.10
C LEU F 103 6.74 7.31 -7.03
N VAL F 104 7.77 6.57 -7.44
CA VAL F 104 8.75 7.16 -8.33
C VAL F 104 8.14 7.48 -9.69
N LEU F 105 7.33 6.59 -10.28
CA LEU F 105 6.76 6.91 -11.59
C LEU F 105 5.82 8.09 -11.54
N LEU F 106 5.00 8.18 -10.49
CA LEU F 106 4.09 9.29 -10.42
C LEU F 106 4.80 10.58 -10.18
N GLU F 107 5.85 10.55 -9.36
CA GLU F 107 6.57 11.78 -9.12
C GLU F 107 7.37 12.17 -10.33
N ASN F 108 7.92 11.22 -11.10
CA ASN F 108 8.67 11.63 -12.27
C ASN F 108 7.76 12.28 -13.27
N GLU F 109 6.55 11.77 -13.40
CA GLU F 109 5.65 12.36 -14.36
C GLU F 109 5.22 13.74 -13.90
N ARG F 110 4.94 13.92 -12.61
CA ARG F 110 4.54 15.23 -12.15
C ARG F 110 5.68 16.23 -12.23
N THR F 111 6.91 15.78 -11.98
CA THR F 111 8.07 16.64 -12.05
C THR F 111 8.27 17.17 -13.44
N LEU F 112 8.14 16.33 -14.44
CA LEU F 112 8.31 16.84 -15.77
C LEU F 112 7.21 17.83 -16.11
N ASP F 113 5.95 17.59 -15.67
CA ASP F 113 4.89 18.56 -15.97
C ASP F 113 5.15 19.89 -15.27
N PHE F 114 5.67 19.83 -14.06
CA PHE F 114 6.02 21.00 -13.26
C PHE F 114 7.01 21.87 -13.99
N HIS F 115 8.06 21.26 -14.51
CA HIS F 115 9.05 22.04 -15.20
C HIS F 115 8.51 22.61 -16.50
N ASP F 116 7.67 21.86 -17.22
CA ASP F 116 7.15 22.40 -18.47
C ASP F 116 6.23 23.57 -18.18
N SER F 117 5.47 23.49 -17.09
CA SER F 117 4.58 24.58 -16.69
C SER F 117 5.37 25.82 -16.37
N ASN F 118 6.47 25.67 -15.65
CA ASN F 118 7.28 26.81 -15.29
C ASN F 118 7.94 27.50 -16.48
N VAL F 119 8.37 26.75 -17.50
CA VAL F 119 8.98 27.49 -18.61
C VAL F 119 7.89 28.24 -19.34
N LYS F 120 6.69 27.65 -19.44
CA LYS F 120 5.59 28.36 -20.06
C LYS F 120 5.28 29.63 -19.29
N ASN F 121 5.35 29.59 -17.96
CA ASN F 121 5.06 30.78 -17.19
C ASN F 121 6.08 31.89 -17.48
N LEU F 122 7.33 31.54 -17.80
CA LEU F 122 8.27 32.60 -18.12
C LEU F 122 7.82 33.26 -19.39
N TYR F 123 7.36 32.46 -20.33
CA TYR F 123 6.92 33.01 -21.61
C TYR F 123 5.70 33.92 -21.42
N GLU F 124 4.72 33.45 -20.66
CA GLU F 124 3.51 34.24 -20.47
C GLU F 124 3.75 35.55 -19.74
N LYS F 125 4.66 35.58 -18.77
CA LYS F 125 4.91 36.83 -18.03
C LYS F 125 5.67 37.83 -18.89
N VAL F 126 6.15 37.41 -20.06
CA VAL F 126 6.82 38.33 -20.95
C VAL F 126 5.79 38.91 -21.88
N LYS F 127 4.91 38.08 -22.46
CA LYS F 127 3.94 38.70 -23.36
C LYS F 127 2.99 39.62 -22.60
N SER F 128 2.78 39.38 -21.31
CA SER F 128 1.91 40.22 -20.49
C SER F 128 2.51 41.60 -20.25
N GLN F 129 3.81 41.75 -20.51
CA GLN F 129 4.47 43.03 -20.36
C GLN F 129 4.67 43.70 -21.70
N LEU F 130 4.96 42.92 -22.73
CA LEU F 130 5.28 43.51 -24.01
C LEU F 130 4.03 43.87 -24.78
N LYS F 131 2.99 43.09 -24.64
CA LYS F 131 1.73 43.34 -25.29
C LYS F 131 1.93 43.62 -26.78
N ASN F 132 1.49 44.78 -27.24
CA ASN F 132 1.57 45.07 -28.67
C ASN F 132 2.90 45.67 -29.07
N ASN F 133 3.83 45.79 -28.13
CA ASN F 133 5.11 46.37 -28.44
C ASN F 133 6.07 45.33 -28.99
N ALA F 134 5.63 44.08 -29.08
CA ALA F 134 6.53 43.08 -29.65
C ALA F 134 5.74 42.03 -30.41
N LYS F 135 6.33 41.52 -31.45
CA LYS F 135 5.71 40.48 -32.23
C LYS F 135 5.94 39.14 -31.60
N GLU F 136 4.87 38.41 -31.36
CA GLU F 136 5.05 37.07 -30.85
C GLU F 136 5.36 36.28 -32.09
N ILE F 137 6.43 35.51 -32.06
CA ILE F 137 6.85 34.80 -33.25
C ILE F 137 6.23 33.42 -33.42
N GLY F 138 6.15 32.67 -32.32
CA GLY F 138 5.66 31.29 -32.35
C GLY F 138 6.78 30.25 -32.23
N ASN F 139 8.01 30.72 -32.01
CA ASN F 139 9.17 29.86 -31.84
C ASN F 139 9.71 30.08 -30.43
N GLY F 140 8.85 30.52 -29.51
CA GLY F 140 9.24 30.79 -28.11
C GLY F 140 10.03 32.11 -27.88
N CYS F 141 9.86 33.13 -28.76
CA CYS F 141 10.55 34.42 -28.74
C CYS F 141 9.62 35.56 -29.11
N PHE F 142 10.06 36.77 -28.79
CA PHE F 142 9.34 37.99 -29.15
C PHE F 142 10.29 38.98 -29.82
N GLU F 143 9.79 39.65 -30.85
CA GLU F 143 10.58 40.67 -31.54
C GLU F 143 10.05 42.06 -31.24
N PHE F 144 10.84 42.86 -30.56
CA PHE F 144 10.34 44.17 -30.16
C PHE F 144 10.16 45.00 -31.41
N TYR F 145 9.08 45.77 -31.47
CA TYR F 145 8.92 46.65 -32.61
C TYR F 145 9.79 47.88 -32.44
N HIS F 146 9.91 48.34 -31.20
CA HIS F 146 10.75 49.47 -30.89
C HIS F 146 12.17 49.01 -30.82
N LYS F 147 13.12 49.90 -31.03
CA LYS F 147 14.48 49.49 -30.81
C LYS F 147 14.64 49.29 -29.31
N CYS F 148 15.24 48.15 -28.87
CA CYS F 148 15.46 47.85 -27.45
C CYS F 148 16.95 47.63 -27.21
N ASN F 149 17.43 48.27 -26.15
CA ASN F 149 18.79 48.27 -25.63
C ASN F 149 18.95 47.34 -24.43
N ASN F 150 20.13 47.30 -23.85
CA ASN F 150 20.33 46.38 -22.73
C ASN F 150 19.47 46.71 -21.53
N GLU F 151 19.20 47.98 -21.30
CA GLU F 151 18.42 48.37 -20.13
C GLU F 151 16.96 47.91 -20.17
N CYS F 152 16.24 48.03 -21.34
CA CYS F 152 14.87 47.52 -21.50
C CYS F 152 14.86 45.99 -21.51
N MET F 153 15.95 45.35 -21.93
CA MET F 153 15.96 43.90 -21.88
C MET F 153 15.97 43.45 -20.43
N GLU F 154 16.75 44.15 -19.60
CA GLU F 154 16.81 43.78 -18.20
C GLU F 154 15.49 44.09 -17.53
N SER F 155 14.85 45.18 -17.95
CA SER F 155 13.59 45.60 -17.40
C SER F 155 12.52 44.55 -17.66
N VAL F 156 12.49 43.97 -18.87
CA VAL F 156 11.50 42.93 -19.15
C VAL F 156 11.76 41.72 -18.28
N LYS F 157 13.01 41.30 -18.16
CA LYS F 157 13.36 40.14 -17.36
C LYS F 157 13.00 40.35 -15.89
N ASN F 158 13.11 41.58 -15.41
CA ASN F 158 12.81 41.93 -14.03
C ASN F 158 11.32 42.12 -13.75
N GLY F 159 10.47 42.08 -14.77
CA GLY F 159 9.05 42.30 -14.57
C GLY F 159 8.71 43.78 -14.39
N THR F 160 9.55 44.68 -14.89
CA THR F 160 9.37 46.11 -14.73
C THR F 160 9.25 46.84 -16.06
N TYR F 161 8.94 46.15 -17.15
CA TYR F 161 8.91 46.83 -18.44
C TYR F 161 7.92 47.97 -18.46
N ASP F 162 8.40 49.11 -18.94
CA ASP F 162 7.60 50.31 -19.06
C ASP F 162 6.93 50.34 -20.42
N TYR F 163 5.76 49.74 -20.51
CA TYR F 163 5.08 49.68 -21.77
C TYR F 163 4.84 51.07 -22.37
N PRO F 164 4.20 52.05 -21.67
CA PRO F 164 3.90 53.37 -22.19
C PRO F 164 5.10 54.08 -22.81
N LYS F 165 6.26 53.93 -22.19
CA LYS F 165 7.47 54.57 -22.67
C LYS F 165 7.86 54.24 -24.09
N TYR F 166 7.58 53.03 -24.53
CA TYR F 166 8.01 52.63 -25.85
C TYR F 166 6.82 52.49 -26.77
N SER F 167 5.65 52.89 -26.30
CA SER F 167 4.44 52.68 -27.05
C SER F 167 4.42 53.40 -28.38
N GLU F 168 4.87 54.66 -28.42
CA GLU F 168 4.79 55.40 -29.66
C GLU F 168 5.74 54.86 -30.72
N GLU F 169 6.97 54.51 -30.32
CA GLU F 169 7.91 53.99 -31.29
C GLU F 169 7.43 52.66 -31.81
N SER F 170 6.91 51.84 -30.91
CA SER F 170 6.44 50.53 -31.30
C SER F 170 5.29 50.64 -32.23
N LYS F 171 4.36 51.57 -31.98
CA LYS F 171 3.23 51.74 -32.87
C LYS F 171 3.68 52.12 -34.25
N LEU F 172 4.63 53.04 -34.36
CA LEU F 172 5.01 53.43 -35.68
C LEU F 172 5.62 52.29 -36.46
N ASN F 173 6.45 51.49 -35.80
CA ASN F 173 7.04 50.40 -36.53
C ASN F 173 6.04 49.29 -36.80
N ARG F 174 5.14 49.04 -35.86
CA ARG F 174 4.16 48.00 -35.98
C ARG F 174 3.22 48.25 -37.13
N GLU F 175 2.75 49.50 -37.28
CA GLU F 175 1.86 49.83 -38.37
C GLU F 175 2.56 49.79 -39.73
N LYS F 176 3.81 50.25 -39.79
CA LYS F 176 4.55 50.21 -41.07
C LYS F 176 4.87 48.76 -41.55
N ILE F 177 5.21 47.85 -40.60
CA ILE F 177 5.56 46.45 -40.82
C ILE F 177 4.25 45.68 -41.06
N GLN G 1 15.95 26.92 7.90
CA GLN G 1 17.25 27.42 8.37
C GLN G 1 18.00 26.32 9.15
N VAL G 2 19.20 25.97 8.65
CA VAL G 2 20.12 24.99 9.23
C VAL G 2 21.05 25.58 10.26
N GLN G 3 21.18 24.88 11.36
CA GLN G 3 22.14 25.27 12.37
C GLN G 3 23.26 24.26 12.41
N LEU G 4 24.42 24.66 11.91
CA LEU G 4 25.54 23.75 11.88
C LEU G 4 26.25 23.81 13.20
N VAL G 5 26.68 22.64 13.69
CA VAL G 5 27.42 22.55 14.93
C VAL G 5 28.75 21.86 14.70
N GLN G 6 29.84 22.48 15.12
CA GLN G 6 31.15 21.87 14.92
C GLN G 6 31.81 21.32 16.15
N SER G 7 32.72 20.38 15.89
CA SER G 7 33.56 19.71 16.88
C SER G 7 34.63 20.63 17.48
N GLY G 8 35.28 20.20 18.55
CA GLY G 8 36.30 21.03 19.20
C GLY G 8 37.61 21.03 18.45
N ALA G 9 38.60 21.75 19.00
CA ALA G 9 39.92 21.92 18.40
C ALA G 9 40.76 20.67 18.53
N GLU G 10 41.70 20.52 17.60
CA GLU G 10 42.59 19.37 17.59
C GLU G 10 44.07 19.77 17.53
N VAL G 11 44.92 18.98 18.17
CA VAL G 11 46.37 19.17 18.07
C VAL G 11 47.00 17.88 17.62
N LYS G 12 47.72 17.93 16.52
CA LYS G 12 48.30 16.76 15.90
C LYS G 12 49.78 16.86 15.62
N LYS G 13 50.43 15.70 15.59
CA LYS G 13 51.83 15.65 15.24
C LYS G 13 51.94 15.39 13.74
N PRO G 14 53.00 15.86 13.07
CA PRO G 14 53.20 15.65 11.66
C PRO G 14 53.16 14.18 11.29
N GLY G 15 52.51 13.92 10.18
CA GLY G 15 52.32 12.59 9.61
C GLY G 15 51.00 11.93 10.00
N SER G 16 50.34 12.42 11.05
CA SER G 16 49.07 11.84 11.49
C SER G 16 47.90 12.42 10.70
N SER G 17 46.70 11.87 10.91
CA SER G 17 45.53 12.43 10.24
C SER G 17 44.58 13.01 11.28
N VAL G 18 43.76 13.96 10.84
CA VAL G 18 42.78 14.55 11.72
C VAL G 18 41.40 14.45 11.14
N LYS G 19 40.45 14.07 11.96
CA LYS G 19 39.09 14.03 11.47
C LYS G 19 38.30 15.11 12.19
N VAL G 20 37.63 15.93 11.40
CA VAL G 20 36.81 17.02 11.93
C VAL G 20 35.40 16.82 11.44
N SER G 21 34.43 17.43 12.09
CA SER G 21 33.06 17.21 11.67
C SER G 21 32.09 18.36 11.95
N CYS G 22 30.94 18.34 11.22
CA CYS G 22 29.81 19.26 11.34
C CYS G 22 28.49 18.51 11.40
N THR G 23 27.66 18.86 12.35
CA THR G 23 26.36 18.26 12.48
C THR G 23 25.32 19.22 11.97
N ALA G 24 24.46 18.76 11.08
CA ALA G 24 23.42 19.60 10.54
C ALA G 24 22.18 19.40 11.35
N SER G 25 21.39 20.43 11.48
CA SER G 25 20.14 20.31 12.19
C SER G 25 19.11 21.26 11.61
N GLY G 26 17.82 20.92 11.78
CA GLY G 26 16.75 21.79 11.31
C GLY G 26 16.34 21.60 9.85
N GLY G 27 16.70 20.47 9.23
CA GLY G 27 16.36 20.25 7.83
C GLY G 27 16.81 18.87 7.40
N THR G 28 16.69 18.57 6.11
CA THR G 28 17.06 17.23 5.67
C THR G 28 18.47 17.19 5.13
N PHE G 29 19.29 16.46 5.85
CA PHE G 29 20.71 16.33 5.64
C PHE G 29 21.09 15.95 4.24
N SER G 30 20.38 14.99 3.69
CA SER G 30 20.70 14.40 2.42
C SER G 30 20.76 15.37 1.24
N THR G 31 20.02 16.47 1.28
CA THR G 31 20.02 17.38 0.15
C THR G 31 20.83 18.63 0.38
N TYR G 32 21.52 18.73 1.52
CA TYR G 32 22.33 19.90 1.73
C TYR G 32 23.68 19.62 1.16
N GLN G 33 24.23 20.62 0.53
CA GLN G 33 25.56 20.52 0.01
C GLN G 33 26.51 21.15 0.99
N PHE G 34 27.43 20.35 1.49
CA PHE G 34 28.35 20.79 2.54
C PHE G 34 29.77 21.01 2.08
N SER G 35 30.25 22.23 2.18
CA SER G 35 31.60 22.54 1.77
C SER G 35 32.50 22.71 2.95
N TRP G 36 33.75 22.32 2.78
CA TRP G 36 34.75 22.61 3.78
C TRP G 36 35.67 23.67 3.22
N VAL G 37 35.90 24.68 4.06
CA VAL G 37 36.74 25.84 3.78
C VAL G 37 37.77 26.00 4.89
N ARG G 38 39.02 26.21 4.53
CA ARG G 38 40.06 26.37 5.53
C ARG G 38 40.60 27.77 5.54
N GLN G 39 41.04 28.24 6.69
CA GLN G 39 41.71 29.52 6.73
C GLN G 39 42.98 29.51 7.56
N ALA G 40 44.13 29.62 6.91
CA ALA G 40 45.39 29.60 7.62
C ALA G 40 45.48 30.90 8.41
N PRO G 41 46.16 30.96 9.54
CA PRO G 41 46.33 32.20 10.26
C PRO G 41 46.98 33.21 9.35
N GLY G 42 46.42 34.41 9.29
CA GLY G 42 46.96 35.49 8.48
C GLY G 42 46.62 35.40 6.99
N GLN G 43 45.88 34.38 6.59
CA GLN G 43 45.56 34.19 5.18
C GLN G 43 44.08 34.33 4.87
N GLY G 44 43.75 34.21 3.58
CA GLY G 44 42.36 34.30 3.17
C GLY G 44 41.73 32.92 3.25
N LEU G 45 40.54 32.79 2.71
CA LEU G 45 39.80 31.54 2.77
C LEU G 45 40.18 30.66 1.60
N GLU G 46 40.19 29.35 1.79
CA GLU G 46 40.44 28.43 0.70
C GLU G 46 39.48 27.25 0.71
N TRP G 47 38.92 26.94 -0.44
CA TRP G 47 37.97 25.81 -0.50
C TRP G 47 38.70 24.48 -0.60
N MET G 48 38.26 23.48 0.18
CA MET G 48 38.87 22.16 0.16
C MET G 48 38.05 21.10 -0.56
N GLY G 49 36.74 21.19 -0.46
CA GLY G 49 35.88 20.17 -1.09
C GLY G 49 34.42 20.24 -0.70
N ARG G 50 33.58 19.41 -1.36
CA ARG G 50 32.13 19.37 -1.12
C ARG G 50 31.44 18.03 -1.23
N ILE G 51 30.48 17.80 -0.31
CA ILE G 51 29.62 16.63 -0.30
C ILE G 51 28.13 16.90 -0.44
N VAL G 52 27.49 16.18 -1.34
CA VAL G 52 26.05 16.20 -1.43
C VAL G 52 25.71 14.74 -1.10
N PRO G 53 25.29 14.39 0.12
CA PRO G 53 25.12 13.02 0.55
C PRO G 53 24.29 12.14 -0.38
N ILE G 54 23.26 12.70 -1.02
CA ILE G 54 22.44 11.89 -1.92
C ILE G 54 22.86 11.98 -3.39
N GLN G 55 23.89 12.74 -3.70
CA GLN G 55 24.26 12.93 -5.09
C GLN G 55 25.72 12.61 -5.52
N GLY G 56 26.73 12.99 -4.71
CA GLY G 56 28.13 12.84 -5.14
C GLY G 56 29.10 13.79 -4.43
N MET G 57 30.37 13.80 -4.87
CA MET G 57 31.38 14.64 -4.21
C MET G 57 32.48 15.16 -5.12
N ASP G 58 33.16 16.22 -4.66
CA ASP G 58 34.30 16.81 -5.36
C ASP G 58 35.31 17.42 -4.39
N TYR G 59 36.53 17.62 -4.87
CA TYR G 59 37.66 18.16 -4.08
C TYR G 59 38.48 19.23 -4.77
N ALA G 60 39.10 20.09 -3.98
CA ALA G 60 40.08 21.01 -4.50
C ALA G 60 41.23 20.15 -4.93
N GLN G 61 41.87 20.45 -6.05
CA GLN G 61 42.93 19.57 -6.51
C GLN G 61 44.11 19.45 -5.56
N LYS G 62 44.44 20.50 -4.83
CA LYS G 62 45.57 20.48 -3.91
C LYS G 62 45.46 19.42 -2.82
N PHE G 63 44.24 19.05 -2.48
CA PHE G 63 43.98 18.11 -1.43
C PHE G 63 43.50 16.78 -1.98
N ARG G 64 43.51 16.62 -3.29
CA ARG G 64 42.99 15.39 -3.79
C ARG G 64 44.02 14.34 -3.46
N GLY G 65 43.59 13.26 -2.83
CA GLY G 65 44.50 12.21 -2.40
C GLY G 65 44.92 12.33 -0.94
N ARG G 66 44.71 13.50 -0.32
CA ARG G 66 45.04 13.70 1.10
C ARG G 66 43.80 13.86 1.91
N VAL G 67 42.77 14.45 1.31
CA VAL G 67 41.60 14.73 2.07
C VAL G 67 40.43 13.92 1.57
N THR G 68 39.80 13.25 2.52
CA THR G 68 38.61 12.47 2.23
C THR G 68 37.44 13.09 2.95
N ILE G 69 36.39 13.39 2.21
CA ILE G 69 35.24 13.99 2.84
C ILE G 69 34.09 13.00 2.67
N THR G 70 33.41 12.70 3.75
CA THR G 70 32.31 11.75 3.72
C THR G 70 31.12 12.24 4.51
N ALA G 71 30.06 11.44 4.55
CA ALA G 71 28.87 11.84 5.30
C ALA G 71 28.06 10.67 5.82
N ASP G 72 27.37 10.93 6.92
CA ASP G 72 26.47 9.99 7.58
C ASP G 72 25.07 10.56 7.83
N LYS G 73 24.09 10.16 7.04
CA LYS G 73 22.74 10.73 7.17
C LYS G 73 22.03 10.29 8.42
N TRP G 74 22.54 9.24 9.05
CA TRP G 74 21.90 8.66 10.21
C TRP G 74 22.13 9.50 11.46
N THR G 75 23.20 10.31 11.45
CA THR G 75 23.56 11.18 12.55
C THR G 75 23.60 12.63 12.08
N SER G 76 23.19 12.83 10.84
CA SER G 76 23.20 14.11 10.12
C SER G 76 24.54 14.77 10.22
N THR G 77 25.61 14.01 10.05
CA THR G 77 26.94 14.55 10.22
C THR G 77 27.89 14.35 9.05
N VAL G 78 28.58 15.42 8.71
CA VAL G 78 29.60 15.43 7.68
C VAL G 78 30.98 15.40 8.30
N TYR G 79 31.81 14.54 7.75
CA TYR G 79 33.15 14.36 8.26
C TYR G 79 34.21 14.68 7.23
N MET G 80 35.34 15.19 7.70
CA MET G 80 36.48 15.38 6.83
C MET G 80 37.75 14.90 7.47
N GLU G 81 38.49 14.07 6.75
CA GLU G 81 39.74 13.59 7.26
C GLU G 81 40.89 14.05 6.42
N VAL G 82 41.84 14.69 7.07
CA VAL G 82 43.01 15.19 6.36
C VAL G 82 44.19 14.36 6.78
N THR G 83 44.82 13.68 5.82
CA THR G 83 45.94 12.80 6.13
C THR G 83 47.28 13.47 5.86
N SER G 84 48.33 12.81 6.36
CA SER G 84 49.70 13.24 6.17
C SER G 84 49.88 14.69 6.56
N LEU G 85 49.47 15.03 7.77
CA LEU G 85 49.53 16.40 8.24
C LEU G 85 50.93 16.95 8.29
N ARG G 86 51.02 18.23 7.93
CA ARG G 86 52.26 18.98 7.87
C ARG G 86 52.13 20.26 8.69
N SER G 87 53.24 20.91 8.99
CA SER G 87 53.19 22.11 9.82
C SER G 87 52.39 23.26 9.22
N GLU G 88 52.15 23.29 7.91
CA GLU G 88 51.32 24.34 7.33
C GLU G 88 49.83 24.14 7.63
N ASP G 89 49.44 22.97 8.13
CA ASP G 89 48.05 22.70 8.40
C ASP G 89 47.62 23.22 9.76
N THR G 90 47.63 24.55 9.90
CA THR G 90 47.31 25.22 11.16
C THR G 90 46.04 26.07 11.06
N ALA G 91 45.33 25.84 9.99
CA ALA G 91 44.11 26.52 9.60
C ALA G 91 42.91 26.17 10.43
N VAL G 92 41.94 27.08 10.40
CA VAL G 92 40.64 26.84 10.99
C VAL G 92 39.77 26.23 9.92
N TYR G 93 39.14 25.12 10.22
CA TYR G 93 38.31 24.45 9.24
C TYR G 93 36.84 24.67 9.52
N TYR G 94 36.15 25.23 8.54
CA TYR G 94 34.75 25.59 8.66
C TYR G 94 33.88 24.78 7.72
N CYS G 95 32.61 24.50 8.12
CA CYS G 95 31.58 24.01 7.20
C CYS G 95 30.67 25.12 6.79
N ALA G 96 30.19 25.00 5.58
CA ALA G 96 29.18 25.87 5.11
C ALA G 96 28.28 25.16 4.15
N THR G 97 27.02 25.54 4.11
CA THR G 97 26.16 24.91 3.13
C THR G 97 25.71 25.92 2.14
N SER G 98 25.40 25.42 0.97
CA SER G 98 24.88 26.25 -0.07
C SER G 98 23.42 26.41 0.01
N ARG G 99 22.92 27.41 -0.70
CA ARG G 99 21.51 27.63 -0.72
C ARG G 99 20.82 26.58 -1.53
N SER G 100 21.37 26.32 -2.71
CA SER G 100 20.80 25.37 -3.63
C SER G 100 21.82 24.68 -4.50
N MET G 101 23.10 24.54 -4.11
CA MET G 101 24.05 23.92 -5.05
C MET G 101 24.10 22.45 -4.88
N TYR G 102 22.96 21.96 -5.22
CA TYR G 102 22.51 20.65 -5.33
C TYR G 102 22.65 20.71 -6.82
N PHE G 103 22.29 21.92 -7.33
CA PHE G 103 22.39 22.20 -8.74
C PHE G 103 23.21 23.47 -9.10
N TYR G 104 22.92 24.64 -8.49
CA TYR G 104 23.59 25.88 -8.99
C TYR G 104 24.19 26.99 -8.06
N TYR G 105 23.78 27.13 -6.80
CA TYR G 105 24.08 28.38 -6.04
C TYR G 105 25.17 28.46 -4.89
N GLN G 106 25.34 29.66 -4.30
CA GLN G 106 26.40 30.01 -3.29
C GLN G 106 26.28 29.45 -1.87
N LEU G 107 27.28 29.76 -1.00
CA LEU G 107 27.35 29.35 0.43
C LEU G 107 26.82 30.38 1.39
N ASP G 108 25.70 30.09 2.07
CA ASP G 108 25.11 31.10 2.93
C ASP G 108 24.87 30.70 4.39
N VAL G 109 25.21 29.47 4.77
CA VAL G 109 25.09 29.09 6.18
C VAL G 109 26.43 28.63 6.63
N TRP G 110 27.01 29.30 7.61
CA TRP G 110 28.35 28.93 8.06
C TRP G 110 28.37 28.48 9.51
N GLY G 111 29.24 27.52 9.80
CA GLY G 111 29.46 27.07 11.16
C GLY G 111 30.51 27.97 11.81
N ARG G 112 30.93 27.65 13.02
CA ARG G 112 31.92 28.48 13.71
C ARG G 112 33.38 28.18 13.37
N GLY G 113 33.67 26.97 12.93
CA GLY G 113 35.02 26.57 12.58
C GLY G 113 35.79 25.89 13.70
N THR G 114 36.70 24.98 13.33
CA THR G 114 37.52 24.34 14.34
C THR G 114 39.00 24.47 14.02
N THR G 115 39.77 24.85 15.01
CA THR G 115 41.19 25.03 14.80
C THR G 115 41.96 23.74 14.90
N VAL G 116 42.83 23.47 13.92
CA VAL G 116 43.70 22.32 13.99
C VAL G 116 45.13 22.83 14.01
N THR G 117 45.90 22.43 15.00
CA THR G 117 47.31 22.82 15.13
C THR G 117 48.23 21.64 14.84
N VAL G 118 49.30 21.85 14.02
CA VAL G 118 50.29 20.82 13.66
C VAL G 118 51.67 21.46 13.79
N GLU H 1 42.90 27.64 -13.99
CA GLU H 1 41.80 27.80 -13.06
C GLU H 1 41.34 29.28 -13.01
N ILE H 2 40.29 29.54 -12.19
CA ILE H 2 39.74 30.87 -11.94
C ILE H 2 40.48 31.42 -10.74
N VAL H 3 41.17 32.50 -10.95
CA VAL H 3 41.99 33.09 -9.91
C VAL H 3 41.44 34.44 -9.61
N LEU H 4 41.22 34.74 -8.34
CA LEU H 4 40.66 36.02 -7.98
C LEU H 4 41.64 36.93 -7.26
N THR H 5 41.87 38.09 -7.85
CA THR H 5 42.78 39.06 -7.26
C THR H 5 41.99 40.24 -6.73
N GLN H 6 42.16 40.52 -5.45
CA GLN H 6 41.44 41.63 -4.85
C GLN H 6 42.31 42.86 -4.72
N SER H 7 41.67 44.02 -4.78
CA SER H 7 42.36 45.30 -4.66
C SER H 7 41.45 46.40 -4.13
N PRO H 8 41.95 47.23 -3.21
CA PRO H 8 43.25 47.29 -2.57
C PRO H 8 43.37 46.17 -1.56
N GLY H 9 44.59 45.83 -1.12
CA GLY H 9 44.66 44.86 -0.03
C GLY H 9 44.03 45.47 1.22
N THR H 10 44.30 46.76 1.43
CA THR H 10 43.70 47.50 2.53
C THR H 10 43.13 48.80 2.02
N LEU H 11 41.89 49.06 2.42
CA LEU H 11 41.15 50.26 2.10
C LEU H 11 41.04 51.03 3.40
N SER H 12 41.12 52.35 3.35
CA SER H 12 41.03 53.13 4.58
C SER H 12 40.11 54.33 4.42
N LEU H 13 39.12 54.43 5.30
CA LEU H 13 38.16 55.54 5.21
C LEU H 13 37.55 56.01 6.53
N SER H 14 36.91 57.18 6.47
CA SER H 14 36.23 57.70 7.63
C SER H 14 34.88 57.02 7.73
N PRO H 15 34.36 56.67 8.91
CA PRO H 15 33.03 56.12 9.02
C PRO H 15 32.05 57.09 8.36
N GLY H 16 31.11 56.56 7.61
CA GLY H 16 30.11 57.30 6.87
C GLY H 16 30.50 57.48 5.40
N GLU H 17 31.76 57.20 5.09
CA GLU H 17 32.31 57.29 3.75
C GLU H 17 32.01 56.00 2.97
N ARG H 18 31.96 56.13 1.64
CA ARG H 18 31.72 55.01 0.72
C ARG H 18 32.97 54.20 0.39
N ALA H 19 32.86 52.88 0.50
CA ALA H 19 33.96 51.98 0.14
C ALA H 19 33.63 51.12 -1.05
N THR H 20 34.62 50.85 -1.87
CA THR H 20 34.43 49.88 -2.90
C THR H 20 35.57 48.89 -2.88
N VAL H 21 35.27 47.65 -3.19
CA VAL H 21 36.30 46.62 -3.28
C VAL H 21 36.31 46.00 -4.66
N SER H 22 37.46 46.02 -5.32
CA SER H 22 37.55 45.47 -6.66
C SER H 22 38.03 44.02 -6.59
N CYS H 23 37.60 43.19 -7.57
CA CYS H 23 38.05 41.81 -7.75
C CYS H 23 38.17 41.47 -9.23
N ARG H 24 39.34 40.96 -9.62
CA ARG H 24 39.58 40.59 -11.00
C ARG H 24 39.88 39.12 -11.19
N ALA H 25 39.09 38.50 -12.05
CA ALA H 25 39.24 37.09 -12.37
C ALA H 25 40.25 36.85 -13.49
N SER H 26 40.90 35.69 -13.44
CA SER H 26 41.79 35.21 -14.51
C SER H 26 41.10 34.92 -15.83
N GLN H 27 39.79 34.77 -15.78
CA GLN H 27 38.98 34.48 -16.95
C GLN H 27 37.62 35.12 -16.76
N SER H 28 36.89 35.33 -17.84
CA SER H 28 35.55 35.82 -17.65
C SER H 28 34.70 34.75 -16.99
N VAL H 29 33.87 35.16 -16.06
CA VAL H 29 32.95 34.29 -15.33
C VAL H 29 31.53 34.87 -15.33
N THR H 30 30.56 34.03 -15.62
CA THR H 30 29.18 34.45 -15.60
C THR H 30 28.86 34.96 -14.21
N SER H 31 28.19 36.11 -14.13
CA SER H 31 27.90 36.84 -12.89
C SER H 31 27.07 36.08 -11.89
N THR H 32 26.39 35.05 -12.33
CA THR H 32 25.55 34.23 -11.49
C THR H 32 26.40 33.46 -10.48
N PHE H 33 27.68 33.29 -10.79
CA PHE H 33 28.54 32.47 -9.98
C PHE H 33 29.48 33.18 -9.03
N LEU H 34 29.30 34.48 -8.86
CA LEU H 34 30.12 35.26 -7.94
C LEU H 34 29.40 35.46 -6.62
N ALA H 35 30.17 35.66 -5.55
CA ALA H 35 29.62 36.02 -4.25
C ALA H 35 30.62 36.86 -3.46
N TRP H 36 30.11 37.64 -2.50
CA TRP H 36 30.96 38.38 -1.57
C TRP H 36 30.64 38.02 -0.13
N TYR H 37 31.69 37.89 0.67
CA TYR H 37 31.61 37.55 2.10
C TYR H 37 32.26 38.57 3.01
N GLN H 38 31.73 38.73 4.20
CA GLN H 38 32.33 39.62 5.19
C GLN H 38 32.82 38.87 6.39
N GLN H 39 34.10 38.96 6.67
CA GLN H 39 34.62 38.29 7.83
C GLN H 39 35.08 39.27 8.89
N ARG H 40 34.36 39.29 9.98
CA ARG H 40 34.69 40.16 11.08
C ARG H 40 35.71 39.34 11.86
N PRO H 41 36.78 39.91 12.40
CA PRO H 41 37.76 39.16 13.14
C PRO H 41 37.12 38.36 14.24
N GLY H 42 37.54 37.10 14.37
CA GLY H 42 37.01 36.19 15.37
C GLY H 42 35.72 35.47 14.96
N GLN H 43 35.23 35.75 13.75
CA GLN H 43 33.98 35.15 13.29
C GLN H 43 34.11 34.45 11.93
N ALA H 44 33.20 33.48 11.71
CA ALA H 44 33.12 32.81 10.42
C ALA H 44 32.58 33.82 9.42
N PRO H 45 32.93 33.74 8.14
CA PRO H 45 32.44 34.62 7.09
C PRO H 45 30.92 34.62 6.96
N ARG H 46 30.36 35.80 6.70
CA ARG H 46 28.94 35.95 6.48
C ARG H 46 28.69 36.27 5.02
N LEU H 47 27.64 35.74 4.43
CA LEU H 47 27.36 36.08 3.04
C LEU H 47 26.67 37.40 2.93
N LEU H 48 27.17 38.27 2.06
CA LEU H 48 26.58 39.57 1.80
C LEU H 48 25.83 39.63 0.49
N ILE H 49 26.56 39.32 -0.58
CA ILE H 49 26.03 39.41 -1.93
C ILE H 49 26.17 38.09 -2.63
N TYR H 50 25.12 37.61 -3.29
CA TYR H 50 25.27 36.41 -4.05
C TYR H 50 24.99 36.71 -5.49
N GLY H 51 25.74 36.07 -6.33
CA GLY H 51 25.68 36.38 -7.71
C GLY H 51 26.50 37.64 -7.66
N ALA H 52 26.76 38.29 -8.76
CA ALA H 52 27.49 39.52 -8.62
C ALA H 52 26.72 40.58 -7.84
N SER H 53 25.36 40.60 -7.92
CA SER H 53 24.57 41.67 -7.32
C SER H 53 23.45 41.42 -6.30
N SER H 54 22.99 40.19 -6.06
CA SER H 54 21.80 40.07 -5.20
C SER H 54 22.14 40.11 -3.73
N ARG H 55 21.40 40.86 -2.95
CA ARG H 55 21.75 40.88 -1.55
C ARG H 55 21.13 39.73 -0.79
N ALA H 56 21.92 39.15 0.11
CA ALA H 56 21.55 38.05 0.97
C ALA H 56 20.60 38.49 2.07
N THR H 57 19.77 37.57 2.52
CA THR H 57 18.80 37.85 3.57
C THR H 57 19.49 38.27 4.85
N GLY H 58 19.00 39.36 5.45
CA GLY H 58 19.53 39.87 6.70
C GLY H 58 20.64 40.90 6.52
N ILE H 59 21.02 41.15 5.28
CA ILE H 59 22.08 42.09 4.98
C ILE H 59 21.40 43.39 4.55
N PRO H 60 21.76 44.55 5.15
CA PRO H 60 21.18 45.87 4.93
C PRO H 60 21.52 46.49 3.58
N ASP H 61 20.74 47.53 3.26
CA ASP H 61 20.78 48.32 2.01
C ASP H 61 22.10 49.01 1.74
N ARG H 62 22.97 49.05 2.72
CA ARG H 62 24.29 49.65 2.55
C ARG H 62 25.06 48.85 1.51
N PHE H 63 24.76 47.54 1.41
CA PHE H 63 25.49 46.67 0.51
C PHE H 63 24.80 46.40 -0.81
N SER H 64 25.60 46.48 -1.86
CA SER H 64 25.17 46.19 -3.22
C SER H 64 26.40 45.86 -4.03
N GLY H 65 26.23 45.41 -5.26
CA GLY H 65 27.41 45.15 -6.08
C GLY H 65 27.02 44.82 -7.49
N SER H 66 28.01 44.81 -8.35
CA SER H 66 27.79 44.52 -9.76
C SER H 66 29.07 44.21 -10.48
N GLY H 67 28.95 43.75 -11.72
CA GLY H 67 30.10 43.51 -12.55
C GLY H 67 29.79 42.57 -13.68
N SER H 68 30.79 42.31 -14.49
CA SER H 68 30.64 41.43 -15.63
C SER H 68 31.99 40.90 -16.06
N GLU H 69 31.97 39.89 -16.91
CA GLU H 69 33.20 39.37 -17.46
C GLU H 69 34.16 39.00 -16.34
N ALA H 70 35.30 39.67 -16.25
CA ALA H 70 36.25 39.33 -15.21
C ALA H 70 36.34 40.37 -14.12
N ASP H 71 35.59 41.46 -14.26
CA ASP H 71 35.72 42.59 -13.34
C ASP H 71 34.50 42.87 -12.50
N PHE H 72 34.63 42.66 -11.19
CA PHE H 72 33.51 42.85 -10.28
C PHE H 72 33.83 43.77 -9.12
N THR H 73 32.82 44.51 -8.64
CA THR H 73 32.97 45.41 -7.49
C THR H 73 31.89 45.30 -6.41
N LEU H 74 32.32 45.34 -5.15
CA LEU H 74 31.41 45.39 -4.00
C LEU H 74 31.31 46.82 -3.54
N THR H 75 30.10 47.33 -3.32
CA THR H 75 29.92 48.69 -2.85
C THR H 75 29.27 48.75 -1.48
N ILE H 76 29.89 49.51 -0.58
CA ILE H 76 29.36 49.71 0.76
C ILE H 76 29.12 51.20 0.98
N ASN H 77 27.86 51.61 1.04
CA ASN H 77 27.59 53.03 1.22
C ASN H 77 27.52 53.32 2.70
N ARG H 78 27.87 54.55 3.12
CA ARG H 78 27.72 54.89 4.51
C ARG H 78 28.32 53.84 5.42
N LEU H 79 29.57 53.47 5.21
CA LEU H 79 30.14 52.36 5.95
C LEU H 79 30.12 52.67 7.45
N GLU H 80 29.62 51.72 8.25
CA GLU H 80 29.46 51.91 9.69
C GLU H 80 30.57 51.21 10.49
N PRO H 81 30.79 51.50 11.79
CA PRO H 81 31.80 50.84 12.63
C PRO H 81 31.76 49.30 12.56
N GLU H 82 30.58 48.71 12.36
CA GLU H 82 30.47 47.25 12.32
C GLU H 82 30.94 46.67 11.00
N ASP H 83 31.20 47.52 10.02
CA ASP H 83 31.62 47.09 8.70
C ASP H 83 33.13 47.16 8.52
N PHE H 84 33.87 47.51 9.55
CA PHE H 84 35.32 47.55 9.37
C PHE H 84 35.89 46.14 9.59
N ALA H 85 35.75 45.35 8.52
CA ALA H 85 36.03 43.92 8.44
C ALA H 85 36.77 43.59 7.14
N VAL H 86 37.00 42.30 6.89
CA VAL H 86 37.68 41.87 5.67
C VAL H 86 36.69 41.27 4.67
N TYR H 87 36.68 41.79 3.46
CA TYR H 87 35.73 41.30 2.47
C TYR H 87 36.38 40.35 1.50
N TYR H 88 35.68 39.26 1.18
CA TYR H 88 36.24 38.29 0.25
C TYR H 88 35.39 38.11 -1.00
N CYS H 89 36.09 37.92 -2.13
CA CYS H 89 35.57 37.65 -3.46
C CYS H 89 35.64 36.14 -3.68
N GLN H 90 34.51 35.52 -3.99
CA GLN H 90 34.48 34.07 -4.20
C GLN H 90 33.71 33.67 -5.46
N GLN H 91 34.21 32.69 -6.22
CA GLN H 91 33.45 32.20 -7.37
C GLN H 91 33.29 30.68 -7.37
N TYR H 92 32.08 30.22 -7.74
CA TYR H 92 31.70 28.82 -7.77
C TYR H 92 31.30 28.29 -9.15
N ALA H 93 31.72 28.99 -10.20
CA ALA H 93 31.37 28.61 -11.58
C ALA H 93 31.94 27.27 -12.03
N THR H 94 33.16 26.97 -11.62
CA THR H 94 33.81 25.74 -12.02
C THR H 94 34.56 25.20 -10.83
N SER H 95 34.91 23.93 -10.86
CA SER H 95 35.75 23.43 -9.79
C SER H 95 37.21 23.71 -10.13
N PRO H 96 38.05 23.99 -9.13
CA PRO H 96 37.79 24.19 -7.73
C PRO H 96 37.15 25.52 -7.52
N TRP H 97 36.42 25.68 -6.43
CA TRP H 97 35.86 26.97 -6.10
C TRP H 97 37.03 27.82 -5.64
N THR H 98 36.97 29.09 -5.96
CA THR H 98 38.10 29.97 -5.71
C THR H 98 37.78 31.21 -4.88
N PHE H 99 38.75 31.62 -4.05
CA PHE H 99 38.67 32.84 -3.23
C PHE H 99 39.83 33.79 -3.49
N GLY H 100 39.59 35.09 -3.29
CA GLY H 100 40.65 36.08 -3.35
C GLY H 100 41.35 36.25 -1.99
N GLN H 101 42.28 37.20 -1.91
CA GLN H 101 43.06 37.43 -0.69
C GLN H 101 42.29 38.05 0.45
N GLY H 102 41.36 38.91 0.10
CA GLY H 102 40.53 39.62 1.05
C GLY H 102 40.96 41.07 1.21
N THR H 103 39.99 41.98 1.32
CA THR H 103 40.28 43.40 1.50
C THR H 103 39.83 43.90 2.84
N LYS H 104 40.76 44.42 3.60
CA LYS H 104 40.48 44.93 4.94
C LYS H 104 40.09 46.37 4.89
N VAL H 105 39.12 46.78 5.71
CA VAL H 105 38.79 48.20 5.76
C VAL H 105 39.19 48.79 7.14
N GLU H 106 40.02 49.84 7.11
CA GLU H 106 40.53 50.52 8.30
C GLU H 106 39.74 51.77 8.68
N ILE H 107 39.76 52.09 9.98
CA ILE H 107 39.07 53.29 10.50
C ILE H 107 39.99 54.50 10.65
N LYS H 108 39.68 55.59 9.92
CA LYS H 108 40.38 56.89 9.94
C LYS H 108 39.32 58.03 9.85
N THR I 2 -15.94 27.44 -40.84
CA THR I 2 -15.25 26.78 -41.95
C THR I 2 -14.41 25.60 -41.43
N ILE I 3 -13.47 25.82 -40.45
CA ILE I 3 -12.66 24.73 -39.83
C ILE I 3 -13.03 24.60 -38.36
N CYS I 4 -13.39 23.37 -37.91
CA CYS I 4 -13.75 23.06 -36.52
C CYS I 4 -12.85 21.97 -35.95
N ILE I 5 -12.59 22.11 -34.67
CA ILE I 5 -11.82 21.17 -33.88
C ILE I 5 -12.71 20.46 -32.89
N GLY I 6 -12.65 19.14 -32.87
CA GLY I 6 -13.52 18.39 -31.99
C GLY I 6 -13.00 17.03 -31.66
N TYR I 7 -13.86 16.24 -31.07
CA TYR I 7 -13.52 14.92 -30.64
C TYR I 7 -14.64 13.94 -30.88
N HIS I 8 -14.28 12.69 -30.96
CA HIS I 8 -15.16 11.56 -31.17
C HIS I 8 -16.22 11.32 -30.13
N ALA I 9 -17.46 11.17 -30.57
CA ALA I 9 -18.58 10.83 -29.71
C ALA I 9 -19.08 9.50 -30.17
N ASN I 10 -19.74 8.76 -29.29
CA ASN I 10 -20.14 7.41 -29.60
C ASN I 10 -21.46 7.07 -28.92
N ASN I 11 -21.96 5.86 -29.11
CA ASN I 11 -23.20 5.46 -28.48
C ASN I 11 -22.99 4.50 -27.30
N SER I 12 -21.77 4.48 -26.76
CA SER I 12 -21.42 3.65 -25.62
C SER I 12 -22.09 4.13 -24.35
N THR I 13 -22.51 3.18 -23.52
CA THR I 13 -23.13 3.44 -22.24
C THR I 13 -22.28 2.97 -21.07
N ASP I 14 -21.03 2.62 -21.34
CA ASP I 14 -20.11 2.18 -20.31
C ASP I 14 -19.70 3.34 -19.44
N THR I 15 -19.75 3.19 -18.11
CA THR I 15 -19.30 4.30 -17.27
C THR I 15 -18.14 3.95 -16.38
N VAL I 16 -17.43 4.99 -15.97
CA VAL I 16 -16.32 4.90 -15.06
C VAL I 16 -16.43 5.86 -13.90
N ASP I 17 -15.68 5.61 -12.86
CA ASP I 17 -15.61 6.53 -11.74
C ASP I 17 -14.24 7.20 -11.66
N THR I 18 -14.23 8.42 -11.13
CA THR I 18 -13.05 9.21 -10.83
C THR I 18 -13.21 9.67 -9.39
N VAL I 19 -12.28 10.46 -8.85
CA VAL I 19 -12.44 10.88 -7.48
C VAL I 19 -13.51 11.96 -7.33
N LEU I 20 -13.50 12.94 -8.22
CA LEU I 20 -14.45 14.07 -8.16
C LEU I 20 -15.85 13.75 -8.66
N GLU I 21 -15.97 12.79 -9.59
CA GLU I 21 -17.27 12.48 -10.16
C GLU I 21 -17.49 11.00 -10.36
N LYS I 22 -18.75 10.59 -10.38
CA LYS I 22 -19.11 9.18 -10.54
C LYS I 22 -19.99 8.99 -11.77
N ASN I 23 -20.02 7.75 -12.33
CA ASN I 23 -20.83 7.33 -13.48
C ASN I 23 -20.64 8.22 -14.73
N VAL I 24 -19.37 8.45 -15.13
CA VAL I 24 -18.99 9.23 -16.30
C VAL I 24 -19.04 8.31 -17.50
N THR I 25 -19.81 8.66 -18.52
CA THR I 25 -19.91 7.77 -19.67
C THR I 25 -18.71 8.01 -20.57
N VAL I 26 -18.08 6.95 -21.06
CA VAL I 26 -16.91 7.09 -21.93
C VAL I 26 -17.08 6.32 -23.24
N THR I 27 -16.29 6.70 -24.26
CA THR I 27 -16.40 6.05 -25.56
C THR I 27 -15.65 4.72 -25.65
N HIS I 28 -14.60 4.57 -24.86
CA HIS I 28 -13.82 3.35 -24.86
C HIS I 28 -13.35 3.04 -23.45
N SER I 29 -13.38 1.77 -23.08
CA SER I 29 -12.89 1.36 -21.78
C SER I 29 -12.47 -0.08 -21.76
N VAL I 30 -11.72 -0.44 -20.72
CA VAL I 30 -11.30 -1.80 -20.46
C VAL I 30 -11.75 -2.30 -19.11
N ASN I 31 -12.42 -3.43 -19.11
CA ASN I 31 -12.85 -4.03 -17.87
C ASN I 31 -11.72 -4.87 -17.34
N LEU I 32 -11.12 -4.47 -16.23
CA LEU I 32 -9.97 -5.14 -15.70
C LEU I 32 -10.30 -6.24 -14.70
N LEU I 33 -11.59 -6.41 -14.38
CA LEU I 33 -11.99 -7.36 -13.34
C LEU I 33 -12.84 -8.54 -13.85
N GLU I 34 -12.46 -9.77 -13.51
CA GLU I 34 -13.25 -10.97 -13.85
C GLU I 34 -14.24 -11.22 -12.73
N ASP I 35 -15.50 -11.42 -13.07
CA ASP I 35 -16.53 -11.64 -12.09
C ASP I 35 -17.40 -12.85 -12.33
N SER I 36 -16.91 -13.80 -13.11
CA SER I 36 -17.70 -14.98 -13.37
C SER I 36 -16.83 -16.20 -13.50
N HIS I 37 -17.47 -17.34 -13.37
CA HIS I 37 -16.86 -18.64 -13.41
C HIS I 37 -17.78 -19.63 -14.09
N ASN I 38 -17.23 -20.76 -14.56
CA ASN I 38 -18.07 -21.75 -15.25
C ASN I 38 -18.89 -22.67 -14.34
N GLY I 39 -18.48 -22.80 -13.09
CA GLY I 39 -19.16 -23.63 -12.10
C GLY I 39 -18.72 -25.08 -12.08
N LYS I 40 -17.63 -25.37 -12.76
CA LYS I 40 -17.13 -26.73 -12.87
C LYS I 40 -15.67 -26.88 -12.49
N LEU I 41 -15.28 -28.10 -12.14
CA LEU I 41 -13.88 -28.39 -11.89
C LEU I 41 -13.28 -28.78 -13.25
N CYS I 42 -12.20 -28.10 -13.65
CA CYS I 42 -11.49 -28.28 -14.92
C CYS I 42 -10.13 -28.89 -14.73
N LEU I 43 -9.57 -29.35 -15.82
CA LEU I 43 -8.23 -29.87 -15.85
C LEU I 43 -7.31 -28.67 -15.83
N LEU I 44 -6.15 -28.80 -15.24
CA LEU I 44 -5.17 -27.70 -15.32
C LEU I 44 -4.05 -28.14 -16.21
N LYS I 45 -3.93 -27.52 -17.35
CA LYS I 45 -2.91 -27.89 -18.33
C LYS I 45 -2.96 -29.38 -18.65
N GLY I 46 -4.16 -29.91 -18.84
CA GLY I 46 -4.39 -31.30 -19.18
C GLY I 46 -4.46 -32.31 -18.03
N ILE I 47 -4.20 -31.90 -16.78
CA ILE I 47 -4.23 -32.88 -15.70
C ILE I 47 -5.41 -32.71 -14.74
N ALA I 48 -6.12 -33.82 -14.53
CA ALA I 48 -7.28 -33.87 -13.65
C ALA I 48 -6.87 -33.77 -12.18
N PRO I 49 -7.75 -33.25 -11.32
CA PRO I 49 -7.59 -33.23 -9.89
C PRO I 49 -7.85 -34.58 -9.29
N LEU I 50 -7.39 -34.77 -8.09
CA LEU I 50 -7.76 -35.94 -7.35
C LEU I 50 -8.98 -35.53 -6.60
N GLN I 51 -10.07 -36.22 -6.84
CA GLN I 51 -11.30 -35.90 -6.18
C GLN I 51 -11.45 -36.91 -5.09
N LEU I 52 -11.68 -36.46 -3.89
CA LEU I 52 -11.80 -37.37 -2.77
C LEU I 52 -13.21 -37.91 -2.57
N GLY I 53 -14.17 -37.43 -3.32
CA GLY I 53 -15.50 -37.93 -3.10
C GLY I 53 -15.91 -37.61 -1.67
N ASN I 54 -16.35 -38.62 -0.89
CA ASN I 54 -16.78 -38.48 0.50
C ASN I 54 -15.63 -38.68 1.52
N CYS I 55 -14.38 -38.86 1.04
CA CYS I 55 -13.17 -39.13 1.82
C CYS I 55 -12.54 -37.85 2.33
N SER I 56 -11.98 -37.93 3.50
CA SER I 56 -11.20 -36.84 4.04
C SER I 56 -9.78 -37.11 3.62
N VAL I 57 -8.87 -36.18 3.86
CA VAL I 57 -7.48 -36.44 3.53
C VAL I 57 -6.98 -37.61 4.38
N ALA I 58 -7.36 -37.65 5.67
CA ALA I 58 -6.95 -38.75 6.52
C ALA I 58 -7.44 -40.07 5.98
N GLY I 59 -8.65 -40.09 5.45
CA GLY I 59 -9.24 -41.30 4.89
C GLY I 59 -8.41 -41.77 3.71
N TRP I 60 -8.14 -40.88 2.79
CA TRP I 60 -7.36 -41.18 1.60
C TRP I 60 -6.00 -41.79 1.91
N ILE I 61 -5.23 -41.14 2.78
CA ILE I 61 -3.88 -41.58 3.15
C ILE I 61 -3.82 -42.80 4.04
N LEU I 62 -4.70 -42.93 5.03
CA LEU I 62 -4.66 -44.11 5.88
C LEU I 62 -5.22 -45.28 5.10
N GLY I 63 -6.11 -44.97 4.20
CA GLY I 63 -6.79 -45.94 3.41
C GLY I 63 -8.08 -46.08 4.11
N ASN I 64 -9.11 -46.37 3.44
CA ASN I 64 -10.39 -46.50 4.10
C ASN I 64 -11.14 -47.43 3.24
N PRO I 65 -11.83 -48.40 3.76
CA PRO I 65 -12.55 -49.33 2.97
C PRO I 65 -13.43 -48.68 1.91
N GLU I 66 -13.98 -47.50 2.18
CA GLU I 66 -14.85 -46.78 1.24
C GLU I 66 -14.13 -45.81 0.26
N CYS I 67 -12.78 -45.71 0.37
CA CYS I 67 -11.90 -44.83 -0.39
C CYS I 67 -11.07 -45.69 -1.33
N GLU I 68 -11.55 -46.90 -1.60
CA GLU I 68 -10.84 -47.83 -2.47
C GLU I 68 -10.66 -47.30 -3.87
N LEU I 69 -11.52 -46.42 -4.33
CA LEU I 69 -11.42 -45.94 -5.68
C LEU I 69 -10.28 -44.95 -5.85
N LEU I 70 -9.67 -44.53 -4.76
CA LEU I 70 -8.58 -43.59 -4.82
C LEU I 70 -7.21 -44.28 -4.79
N ILE I 71 -7.14 -45.58 -4.47
CA ILE I 71 -5.82 -46.18 -4.24
C ILE I 71 -4.98 -46.33 -5.50
N SER I 72 -5.64 -46.33 -6.64
CA SER I 72 -5.02 -46.44 -7.94
C SER I 72 -4.60 -45.11 -8.57
N LYS I 73 -4.98 -43.96 -7.97
CA LYS I 73 -4.62 -42.71 -8.62
C LYS I 73 -3.36 -42.13 -8.02
N GLU I 74 -2.30 -42.15 -8.80
CA GLU I 74 -0.98 -41.71 -8.33
C GLU I 74 -0.57 -40.28 -8.64
N SER I 75 -1.24 -39.59 -9.55
CA SER I 75 -0.82 -38.23 -9.87
C SER I 75 -2.01 -37.33 -10.08
N TRP I 76 -1.82 -36.05 -9.76
CA TRP I 76 -2.88 -35.08 -9.87
C TRP I 76 -2.40 -33.65 -10.00
N SER I 77 -3.30 -32.77 -10.46
CA SER I 77 -2.98 -31.35 -10.52
C SER I 77 -3.34 -30.56 -9.26
N TYR I 78 -4.35 -31.01 -8.55
CA TYR I 78 -4.86 -30.41 -7.31
C TYR I 78 -5.69 -31.45 -6.61
N ILE I 79 -6.03 -31.22 -5.35
CA ILE I 79 -6.88 -32.13 -4.59
C ILE I 79 -8.18 -31.46 -4.20
N VAL I 80 -9.31 -32.13 -4.43
CA VAL I 80 -10.59 -31.56 -4.08
C VAL I 80 -11.30 -32.34 -2.99
N GLU I 81 -11.57 -31.66 -1.89
CA GLU I 81 -12.22 -32.22 -0.72
C GLU I 81 -13.62 -31.64 -0.64
N THR I 82 -14.61 -32.40 -0.19
CA THR I 82 -15.95 -31.82 -0.10
C THR I 82 -16.04 -31.02 1.20
N PRO I 83 -17.01 -30.12 1.39
CA PRO I 83 -17.20 -29.36 2.61
C PRO I 83 -17.26 -30.15 3.92
N ASN I 84 -17.85 -31.34 3.89
CA ASN I 84 -17.97 -32.16 5.10
C ASN I 84 -17.75 -33.63 4.80
N PRO I 85 -16.52 -34.08 4.60
CA PRO I 85 -16.19 -35.44 4.26
C PRO I 85 -16.61 -36.30 5.43
N GLU I 86 -17.00 -37.52 5.16
CA GLU I 86 -17.36 -38.44 6.24
C GLU I 86 -16.39 -39.62 6.41
N ASN I 87 -15.77 -40.10 5.31
CA ASN I 87 -14.92 -41.29 5.30
C ASN I 87 -13.47 -40.90 5.59
N GLY I 88 -13.21 -40.70 6.89
CA GLY I 88 -11.94 -40.30 7.50
C GLY I 88 -11.44 -41.42 8.38
N THR I 89 -11.16 -41.10 9.61
CA THR I 89 -10.66 -42.06 10.55
C THR I 89 -11.80 -42.92 11.09
N CYS I 90 -12.14 -44.03 10.37
CA CYS I 90 -13.26 -44.95 10.65
C CYS I 90 -13.12 -45.64 12.01
N TYR I 91 -11.89 -45.81 12.48
CA TYR I 91 -11.70 -46.34 13.81
C TYR I 91 -11.27 -45.08 14.57
N PRO I 92 -12.09 -44.56 15.50
CA PRO I 92 -11.90 -43.30 16.18
C PRO I 92 -10.55 -43.15 16.83
N GLY I 93 -10.02 -41.94 16.81
CA GLY I 93 -8.74 -41.66 17.44
C GLY I 93 -8.21 -40.30 17.04
N TYR I 94 -7.09 -39.94 17.62
CA TYR I 94 -6.43 -38.68 17.35
C TYR I 94 -5.42 -38.83 16.25
N PHE I 95 -5.48 -37.99 15.24
CA PHE I 95 -4.53 -38.08 14.16
C PHE I 95 -3.48 -37.02 14.46
N ALA I 96 -2.29 -37.44 14.82
CA ALA I 96 -1.27 -36.50 15.21
C ALA I 96 -0.79 -35.68 14.04
N ASP I 97 -0.60 -34.39 14.29
CA ASP I 97 -0.07 -33.53 13.27
C ASP I 97 -0.81 -33.66 11.95
N TYR I 98 -2.13 -33.71 12.02
CA TYR I 98 -2.93 -33.88 10.83
C TYR I 98 -2.87 -32.67 9.94
N GLU I 99 -2.97 -31.51 10.53
CA GLU I 99 -2.98 -30.28 9.78
C GLU I 99 -1.64 -30.08 9.11
N GLU I 100 -0.60 -30.50 9.80
CA GLU I 100 0.74 -30.40 9.29
C GLU I 100 0.92 -31.37 8.11
N LEU I 101 0.31 -32.56 8.19
CA LEU I 101 0.38 -33.49 7.07
C LEU I 101 -0.36 -32.92 5.87
N ARG I 102 -1.51 -32.28 6.09
CA ARG I 102 -2.23 -31.70 4.98
C ARG I 102 -1.37 -30.67 4.28
N GLU I 103 -0.56 -29.93 5.03
CA GLU I 103 0.32 -28.94 4.43
C GLU I 103 1.39 -29.67 3.61
N GLN I 104 1.94 -30.78 4.12
CA GLN I 104 2.97 -31.50 3.37
C GLN I 104 2.43 -32.07 2.06
N LEU I 105 1.19 -32.50 2.07
CA LEU I 105 0.57 -33.12 0.92
C LEU I 105 0.07 -32.12 -0.07
N SER I 106 0.18 -30.85 0.23
CA SER I 106 -0.28 -29.82 -0.64
C SER I 106 0.79 -29.46 -1.63
N SER I 107 1.99 -30.03 -1.48
CA SER I 107 3.05 -29.77 -2.44
C SER I 107 3.37 -31.04 -3.22
N VAL I 108 2.69 -32.13 -2.92
CA VAL I 108 2.94 -33.40 -3.57
C VAL I 108 2.17 -33.44 -4.87
N SER I 109 2.86 -33.74 -5.98
CA SER I 109 2.19 -33.79 -7.27
C SER I 109 1.85 -35.22 -7.61
N SER I 110 2.62 -36.13 -7.04
CA SER I 110 2.40 -37.55 -7.25
C SER I 110 3.08 -38.37 -6.20
N PHE I 111 2.72 -39.64 -6.15
CA PHE I 111 3.40 -40.59 -5.30
C PHE I 111 3.29 -42.02 -5.74
N GLU I 112 4.21 -42.84 -5.28
CA GLU I 112 4.14 -44.27 -5.50
C GLU I 112 3.62 -44.92 -4.24
N ARG I 113 2.52 -45.66 -4.32
CA ARG I 113 2.03 -46.32 -3.12
C ARG I 113 2.63 -47.71 -3.17
N PHE I 114 3.46 -48.07 -2.21
CA PHE I 114 4.16 -49.36 -2.30
C PHE I 114 4.20 -50.06 -0.97
N GLU I 115 4.38 -51.37 -0.97
CA GLU I 115 4.46 -52.06 0.30
C GLU I 115 5.81 -51.90 0.92
N ILE I 116 5.84 -51.62 2.20
CA ILE I 116 7.09 -51.63 2.91
C ILE I 116 7.22 -52.95 3.57
N PHE I 117 6.13 -53.37 4.19
CA PHE I 117 6.12 -54.59 4.96
C PHE I 117 4.99 -55.49 4.53
N PRO I 118 5.14 -56.26 3.44
CA PRO I 118 4.08 -57.02 2.84
C PRO I 118 3.42 -57.88 3.89
N LYS I 119 2.11 -57.90 3.86
CA LYS I 119 1.31 -58.61 4.85
C LYS I 119 1.66 -60.06 5.06
N GLU I 120 1.86 -60.79 3.98
CA GLU I 120 2.12 -62.22 4.07
C GLU I 120 3.48 -62.64 4.60
N SER I 121 4.53 -61.97 4.14
CA SER I 121 5.86 -62.36 4.53
C SER I 121 6.47 -61.63 5.71
N SER I 122 5.95 -60.47 6.08
CA SER I 122 6.61 -59.72 7.14
C SER I 122 6.33 -60.15 8.55
N TRP I 123 5.17 -60.72 8.84
CA TRP I 123 4.90 -61.06 10.22
C TRP I 123 4.39 -62.49 10.41
N PRO I 124 5.22 -63.53 10.17
CA PRO I 124 4.83 -64.93 10.20
C PRO I 124 4.36 -65.50 11.56
N ASN I 125 4.71 -64.82 12.67
CA ASN I 125 4.37 -65.22 14.05
C ASN I 125 3.39 -64.23 14.74
N HIS I 126 2.64 -63.41 13.97
CA HIS I 126 1.62 -62.49 14.48
C HIS I 126 0.39 -62.68 13.64
N THR I 127 -0.74 -62.32 14.19
CA THR I 127 -1.94 -62.40 13.38
C THR I 127 -2.05 -61.08 12.63
N VAL I 128 -2.23 -61.15 11.32
CA VAL I 128 -2.30 -59.95 10.48
C VAL I 128 -3.70 -59.74 9.97
N THR I 129 -4.61 -60.53 10.49
CA THR I 129 -6.01 -60.42 10.17
C THR I 129 -6.68 -59.83 11.37
N GLY I 130 -7.44 -58.78 11.14
CA GLY I 130 -8.16 -58.11 12.22
C GLY I 130 -8.92 -56.99 11.60
N VAL I 131 -10.17 -56.94 11.97
CA VAL I 131 -11.13 -56.01 11.46
C VAL I 131 -11.95 -55.36 12.54
N SER I 132 -12.68 -54.31 12.19
CA SER I 132 -13.58 -53.70 13.14
C SER I 132 -14.91 -53.35 12.49
N ALA I 133 -15.97 -53.37 13.29
CA ALA I 133 -17.31 -53.03 12.81
C ALA I 133 -17.38 -51.60 12.32
N SER I 134 -16.64 -50.74 12.97
CA SER I 134 -16.62 -49.32 12.65
C SER I 134 -16.01 -48.97 11.29
N CYS I 135 -15.28 -49.91 10.64
CA CYS I 135 -14.66 -49.75 9.34
C CYS I 135 -15.38 -50.69 8.38
N SER I 136 -16.61 -51.06 8.70
CA SER I 136 -17.38 -51.97 7.86
C SER I 136 -17.50 -51.51 6.42
N HIS I 137 -17.29 -52.46 5.51
CA HIS I 137 -17.33 -52.26 4.07
C HIS I 137 -18.25 -53.27 3.42
N ASN I 138 -19.30 -52.79 2.78
CA ASN I 138 -20.28 -53.68 2.14
C ASN I 138 -20.86 -54.66 3.12
N GLY I 139 -21.06 -54.23 4.36
CA GLY I 139 -21.67 -55.06 5.39
C GLY I 139 -20.70 -55.93 6.18
N LYS I 140 -19.43 -56.00 5.78
CA LYS I 140 -18.51 -56.84 6.52
C LYS I 140 -17.55 -56.01 7.31
N SER I 141 -17.11 -56.48 8.47
CA SER I 141 -16.13 -55.73 9.22
C SER I 141 -14.88 -55.61 8.38
N SER I 142 -14.18 -54.49 8.48
CA SER I 142 -12.98 -54.30 7.68
C SER I 142 -11.98 -53.40 8.36
N PHE I 143 -11.00 -52.90 7.63
CA PHE I 143 -9.99 -52.05 8.26
C PHE I 143 -9.32 -51.15 7.23
N TYR I 144 -8.42 -50.34 7.68
CA TYR I 144 -7.66 -49.40 6.87
C TYR I 144 -6.88 -50.18 5.86
N ARG I 145 -6.79 -49.66 4.64
CA ARG I 145 -6.08 -50.37 3.58
C ARG I 145 -4.58 -50.24 3.57
N ASN I 146 -4.01 -49.19 4.18
CA ASN I 146 -2.56 -49.06 4.16
C ASN I 146 -1.92 -49.48 5.48
N LEU I 147 -2.72 -49.96 6.42
CA LEU I 147 -2.30 -50.37 7.77
C LEU I 147 -2.69 -51.79 8.15
N LEU I 148 -1.94 -52.39 9.07
CA LEU I 148 -2.28 -53.70 9.63
C LEU I 148 -2.37 -53.74 11.13
N TRP I 149 -3.47 -54.27 11.61
CA TRP I 149 -3.62 -54.38 13.04
C TRP I 149 -2.98 -55.67 13.47
N LEU I 150 -1.84 -55.61 14.15
CA LEU I 150 -1.21 -56.87 14.51
C LEU I 150 -1.69 -57.27 15.86
N THR I 151 -2.03 -58.54 16.02
CA THR I 151 -2.45 -59.09 17.30
C THR I 151 -1.67 -60.36 17.56
N GLY I 152 -1.82 -60.96 18.71
CA GLY I 152 -1.05 -62.16 18.99
C GLY I 152 -1.48 -63.36 18.16
N LYS I 153 -0.64 -64.37 18.15
CA LYS I 153 -0.88 -65.62 17.43
C LYS I 153 -0.60 -66.75 18.39
N ASN I 154 -1.54 -67.67 18.52
CA ASN I 154 -1.39 -68.81 19.42
C ASN I 154 -1.09 -68.40 20.86
N GLY I 155 -1.68 -67.29 21.32
CA GLY I 155 -1.50 -66.85 22.70
C GLY I 155 -0.29 -65.96 22.94
N LEU I 156 0.54 -65.74 21.93
CA LEU I 156 1.72 -64.91 22.11
C LEU I 156 1.79 -63.68 21.24
N TYR I 157 2.45 -62.66 21.72
CA TYR I 157 2.74 -61.50 20.91
C TYR I 157 4.25 -61.31 20.99
N PRO I 158 5.04 -61.98 20.16
CA PRO I 158 6.47 -61.94 20.20
C PRO I 158 6.98 -60.54 20.06
N ASN I 159 8.07 -60.24 20.74
CA ASN I 159 8.63 -58.91 20.64
C ASN I 159 8.88 -58.67 19.18
N LEU I 160 8.40 -57.56 18.71
CA LEU I 160 8.50 -57.23 17.32
C LEU I 160 9.58 -56.24 17.02
N SER I 161 10.35 -56.50 15.97
CA SER I 161 11.36 -55.55 15.50
C SER I 161 11.49 -55.59 13.98
N LYS I 162 11.20 -54.46 13.34
CA LYS I 162 11.27 -54.30 11.88
C LYS I 162 11.94 -53.05 11.42
N SER I 163 12.56 -53.10 10.26
CA SER I 163 13.12 -51.89 9.74
C SER I 163 13.02 -51.80 8.24
N TYR I 164 13.08 -50.57 7.77
CA TYR I 164 13.07 -50.28 6.36
C TYR I 164 14.06 -49.23 5.97
N VAL I 165 14.79 -49.51 4.92
CA VAL I 165 15.78 -48.57 4.42
C VAL I 165 15.24 -47.86 3.21
N ASN I 166 15.30 -46.56 3.20
CA ASN I 166 14.74 -45.87 2.08
C ASN I 166 15.71 -45.89 0.93
N ASN I 167 15.52 -46.85 0.05
CA ASN I 167 16.40 -47.05 -1.08
C ASN I 167 15.89 -46.36 -2.31
N LYS I 168 14.91 -45.48 -2.13
CA LYS I 168 14.37 -44.70 -3.21
C LYS I 168 14.99 -43.32 -3.17
N GLU I 169 14.93 -42.59 -4.27
CA GLU I 169 15.45 -41.24 -4.33
C GLU I 169 14.47 -40.24 -3.71
N LYS I 170 13.28 -40.72 -3.44
CA LYS I 170 12.16 -39.97 -2.94
C LYS I 170 12.02 -40.05 -1.42
N GLU I 171 11.36 -39.05 -0.84
CA GLU I 171 11.03 -39.10 0.58
C GLU I 171 9.90 -40.08 0.76
N VAL I 172 9.91 -40.83 1.83
CA VAL I 172 8.82 -41.77 2.05
C VAL I 172 7.96 -41.45 3.25
N LEU I 173 6.67 -41.35 3.01
CA LEU I 173 5.73 -41.09 4.06
C LEU I 173 5.26 -42.36 4.66
N VAL I 174 5.57 -42.52 5.94
CA VAL I 174 5.25 -43.74 6.65
C VAL I 174 4.22 -43.42 7.70
N LEU I 175 3.12 -44.16 7.70
CA LEU I 175 2.09 -43.94 8.68
C LEU I 175 1.88 -45.19 9.50
N TRP I 176 1.54 -45.03 10.75
CA TRP I 176 1.28 -46.15 11.65
C TRP I 176 0.35 -45.70 12.74
N GLY I 177 -0.11 -46.60 13.58
CA GLY I 177 -0.91 -46.14 14.69
C GLY I 177 -0.65 -46.93 15.97
N VAL I 178 -1.27 -46.49 17.05
CA VAL I 178 -1.17 -47.14 18.33
C VAL I 178 -2.58 -47.38 18.87
N HIS I 179 -2.86 -48.60 19.31
CA HIS I 179 -4.17 -48.92 19.82
C HIS I 179 -4.25 -48.73 21.31
N HIS I 180 -5.33 -48.14 21.76
CA HIS I 180 -5.66 -47.85 23.14
C HIS I 180 -7.00 -48.49 23.51
N PRO I 181 -7.01 -49.74 23.98
CA PRO I 181 -8.18 -50.52 24.29
C PRO I 181 -9.03 -49.83 25.35
N PRO I 182 -10.34 -50.12 25.40
CA PRO I 182 -11.26 -49.62 26.38
C PRO I 182 -11.03 -50.18 27.77
N ASN I 183 -10.38 -51.33 27.85
CA ASN I 183 -10.18 -51.94 29.14
C ASN I 183 -9.01 -52.91 29.17
N ILE I 184 -8.78 -53.47 30.35
CA ILE I 184 -7.72 -54.41 30.58
C ILE I 184 -8.00 -55.74 29.91
N GLY I 185 -9.24 -56.19 29.95
CA GLY I 185 -9.56 -57.46 29.36
C GLY I 185 -9.25 -57.49 27.87
N ASN I 186 -9.43 -56.36 27.19
CA ASN I 186 -9.18 -56.29 25.77
C ASN I 186 -7.67 -56.25 25.52
N GLN I 187 -6.93 -55.57 26.39
CA GLN I 187 -5.48 -55.51 26.23
C GLN I 187 -4.89 -56.92 26.39
N ARG I 188 -5.43 -57.67 27.34
CA ARG I 188 -4.97 -59.03 27.61
C ARG I 188 -5.37 -59.99 26.51
N ALA I 189 -6.56 -59.81 25.94
CA ALA I 189 -7.04 -60.64 24.86
C ALA I 189 -6.28 -60.47 23.55
N LEU I 190 -5.87 -59.24 23.24
CA LEU I 190 -5.19 -58.99 21.98
C LEU I 190 -3.68 -59.06 21.99
N TYR I 191 -3.04 -58.50 23.02
CA TYR I 191 -1.59 -58.42 22.99
C TYR I 191 -0.97 -59.33 24.02
N HIS I 192 -1.75 -59.66 25.03
CA HIS I 192 -1.36 -60.54 26.13
C HIS I 192 -0.28 -59.96 27.03
N THR I 193 -0.33 -58.66 27.23
CA THR I 193 0.57 -57.95 28.13
C THR I 193 -0.12 -56.71 28.60
N GLU I 194 0.16 -56.29 29.82
CA GLU I 194 -0.41 -55.05 30.32
C GLU I 194 0.59 -53.91 30.25
N ASN I 195 1.78 -54.22 29.74
CA ASN I 195 2.86 -53.26 29.68
C ASN I 195 3.47 -53.25 28.30
N ALA I 196 2.73 -52.67 27.39
CA ALA I 196 3.15 -52.60 26.03
C ALA I 196 3.71 -51.26 25.74
N TYR I 197 4.56 -51.19 24.76
CA TYR I 197 5.07 -49.95 24.28
C TYR I 197 5.26 -50.13 22.81
N VAL I 198 5.34 -49.02 22.12
CA VAL I 198 5.67 -48.94 20.72
C VAL I 198 6.80 -47.94 20.59
N SER I 199 7.84 -48.28 19.86
CA SER I 199 8.96 -47.35 19.71
C SER I 199 9.39 -47.19 18.29
N VAL I 200 9.34 -45.95 17.81
CA VAL I 200 9.70 -45.72 16.42
C VAL I 200 10.83 -44.72 16.33
N VAL I 201 11.90 -45.13 15.65
CA VAL I 201 13.05 -44.24 15.49
C VAL I 201 13.58 -44.17 14.05
N SER I 202 14.29 -43.09 13.75
CA SER I 202 15.00 -42.91 12.48
C SER I 202 16.17 -42.03 12.83
N SER I 203 17.04 -41.65 11.91
CA SER I 203 18.19 -40.88 12.35
C SER I 203 17.80 -39.53 12.91
N HIS I 204 16.63 -39.04 12.54
CA HIS I 204 16.19 -37.73 12.98
C HIS I 204 14.78 -37.78 13.54
N TYR I 205 14.42 -38.91 14.14
CA TYR I 205 13.10 -39.08 14.72
C TYR I 205 13.13 -40.03 15.87
N SER I 206 12.47 -39.70 16.94
CA SER I 206 12.37 -40.67 17.99
C SER I 206 11.16 -40.42 18.83
N ARG I 207 10.32 -41.40 18.92
CA ARG I 207 9.14 -41.29 19.73
C ARG I 207 8.77 -42.62 20.35
N ARG I 208 8.38 -42.60 21.62
CA ARG I 208 7.96 -43.83 22.27
C ARG I 208 6.55 -43.61 22.74
N PHE I 209 5.71 -44.59 22.52
CA PHE I 209 4.31 -44.49 22.83
C PHE I 209 3.93 -45.60 23.78
N THR I 210 2.97 -45.35 24.63
CA THR I 210 2.42 -46.42 25.45
C THR I 210 0.93 -46.33 25.29
N PRO I 211 0.17 -47.42 25.45
CA PRO I 211 -1.26 -47.42 25.44
C PRO I 211 -1.81 -46.84 26.71
N GLU I 212 -2.98 -46.26 26.62
CA GLU I 212 -3.71 -45.79 27.76
C GLU I 212 -5.04 -46.51 27.82
N ILE I 213 -5.44 -46.92 29.00
CA ILE I 213 -6.69 -47.62 29.16
C ILE I 213 -7.63 -46.70 29.92
N ALA I 214 -8.81 -46.47 29.38
CA ALA I 214 -9.75 -45.55 30.00
C ALA I 214 -11.17 -45.81 29.58
N LYS I 215 -12.12 -45.39 30.41
CA LYS I 215 -13.50 -45.45 30.00
C LYS I 215 -13.69 -44.27 29.07
N ARG I 216 -14.28 -44.48 27.90
CA ARG I 216 -14.40 -43.38 26.96
C ARG I 216 -15.81 -43.31 26.40
N PRO I 217 -16.31 -42.18 25.95
CA PRO I 217 -17.58 -42.09 25.26
C PRO I 217 -17.43 -42.89 23.99
N LYS I 218 -18.49 -43.50 23.52
CA LYS I 218 -18.36 -44.20 22.24
C LYS I 218 -18.42 -43.23 21.09
N VAL I 219 -17.59 -43.50 20.10
CA VAL I 219 -17.59 -42.75 18.86
C VAL I 219 -17.74 -43.79 17.77
N ARG I 220 -18.72 -43.65 16.91
CA ARG I 220 -18.95 -44.67 15.89
C ARG I 220 -19.15 -46.04 16.53
N ASP I 221 -19.84 -46.05 17.67
CA ASP I 221 -20.19 -47.22 18.47
C ASP I 221 -18.99 -47.97 19.02
N GLN I 222 -17.81 -47.39 18.94
CA GLN I 222 -16.61 -48.02 19.39
C GLN I 222 -15.99 -47.33 20.59
N GLU I 223 -15.75 -48.08 21.65
CA GLU I 223 -15.07 -47.54 22.81
C GLU I 223 -13.61 -47.91 22.56
N GLY I 224 -12.67 -47.07 22.92
CA GLY I 224 -11.28 -47.37 22.62
C GLY I 224 -10.85 -46.52 21.44
N ARG I 225 -9.55 -46.34 21.26
CA ARG I 225 -9.08 -45.46 20.19
C ARG I 225 -7.81 -45.93 19.47
N ILE I 226 -7.62 -45.49 18.22
CA ILE I 226 -6.32 -45.68 17.54
C ILE I 226 -5.71 -44.34 17.20
N ASN I 227 -4.56 -44.04 17.72
CA ASN I 227 -3.99 -42.76 17.40
C ASN I 227 -3.14 -42.96 16.17
N TYR I 228 -3.06 -41.95 15.31
CA TYR I 228 -2.31 -42.12 14.09
C TYR I 228 -1.10 -41.20 14.08
N TYR I 229 0.00 -41.73 13.63
CA TYR I 229 1.26 -41.02 13.59
C TYR I 229 1.91 -41.16 12.24
N TRP I 230 2.77 -40.21 11.91
CA TRP I 230 3.49 -40.32 10.66
C TRP I 230 4.82 -39.62 10.69
N THR I 231 5.68 -40.00 9.77
CA THR I 231 6.95 -39.31 9.59
C THR I 231 7.44 -39.41 8.16
N LEU I 232 8.27 -38.47 7.76
CA LEU I 232 8.89 -38.53 6.43
C LEU I 232 10.30 -39.03 6.54
N LEU I 233 10.56 -40.15 5.90
CA LEU I 233 11.85 -40.79 5.92
C LEU I 233 12.67 -40.26 4.75
N GLU I 234 13.82 -39.67 5.03
CA GLU I 234 14.65 -39.10 3.99
C GLU I 234 15.34 -40.21 3.21
N PRO I 235 15.70 -40.00 1.94
CA PRO I 235 16.42 -40.97 1.14
C PRO I 235 17.67 -41.37 1.84
N GLY I 236 17.92 -42.67 1.90
CA GLY I 236 19.10 -43.21 2.52
C GLY I 236 18.94 -43.50 4.01
N ASP I 237 17.86 -43.06 4.64
CA ASP I 237 17.78 -43.34 6.06
C ASP I 237 17.06 -44.64 6.35
N THR I 238 16.97 -44.98 7.63
CA THR I 238 16.31 -46.20 8.09
C THR I 238 15.30 -45.93 9.17
N ILE I 239 14.12 -46.52 9.04
CA ILE I 239 13.12 -46.37 10.10
C ILE I 239 13.00 -47.69 10.81
N ILE I 240 13.02 -47.67 12.13
CA ILE I 240 12.93 -48.88 12.93
C ILE I 240 11.72 -48.87 13.85
N PHE I 241 10.93 -49.93 13.76
CA PHE I 241 9.74 -50.13 14.57
C PHE I 241 9.89 -51.27 15.56
N GLU I 242 9.68 -50.99 16.84
CA GLU I 242 9.74 -52.03 17.87
C GLU I 242 8.46 -52.01 18.70
N ALA I 243 7.96 -53.18 19.11
CA ALA I 243 6.77 -53.17 19.96
C ALA I 243 6.52 -54.43 20.79
N ASN I 244 5.83 -54.26 21.92
CA ASN I 244 5.34 -55.40 22.71
C ASN I 244 3.88 -55.62 22.49
N GLY I 245 3.27 -54.75 21.74
CA GLY I 245 1.85 -54.79 21.53
C GLY I 245 1.37 -53.42 21.16
N ASN I 246 0.09 -53.35 20.85
CA ASN I 246 -0.62 -52.14 20.50
C ASN I 246 -0.18 -51.45 19.23
N LEU I 247 0.55 -52.13 18.38
CA LEU I 247 0.96 -51.52 17.12
C LEU I 247 0.09 -51.86 15.94
N ILE I 248 -0.34 -50.81 15.26
CA ILE I 248 -1.05 -50.92 14.01
C ILE I 248 0.05 -50.62 13.02
N ALA I 249 0.55 -51.67 12.41
CA ALA I 249 1.75 -51.60 11.63
C ALA I 249 1.55 -50.93 10.31
N PRO I 250 2.55 -50.26 9.77
CA PRO I 250 2.51 -49.73 8.45
C PRO I 250 2.51 -50.92 7.53
N TRP I 251 1.82 -50.83 6.41
CA TRP I 251 1.85 -51.84 5.39
C TRP I 251 2.34 -51.17 4.13
N TYR I 252 1.59 -50.16 3.70
CA TYR I 252 1.91 -49.38 2.52
C TYR I 252 2.43 -48.02 2.92
N ALA I 253 3.24 -47.45 2.05
CA ALA I 253 3.82 -46.14 2.26
C ALA I 253 3.91 -45.41 0.96
N PHE I 254 4.10 -44.11 1.05
CA PHE I 254 4.11 -43.35 -0.17
C PHE I 254 5.44 -42.72 -0.50
N ALA I 255 5.97 -43.00 -1.67
CA ALA I 255 7.21 -42.36 -2.08
C ALA I 255 6.82 -41.10 -2.79
N LEU I 256 7.09 -39.98 -2.16
CA LEU I 256 6.56 -38.71 -2.62
C LEU I 256 7.40 -38.01 -3.64
N SER I 257 6.74 -37.33 -4.55
CA SER I 257 7.37 -36.51 -5.55
C SER I 257 6.72 -35.15 -5.50
N ARG I 258 7.51 -34.17 -5.12
CA ARG I 258 7.03 -32.82 -4.90
C ARG I 258 7.09 -31.97 -6.16
N GLY I 259 6.20 -31.00 -6.23
CA GLY I 259 6.14 -30.07 -7.35
C GLY I 259 5.63 -28.74 -6.87
N PHE I 260 5.18 -27.91 -7.81
CA PHE I 260 4.75 -26.58 -7.45
C PHE I 260 3.40 -26.24 -8.01
N GLY I 261 2.66 -25.39 -7.29
CA GLY I 261 1.41 -24.83 -7.75
C GLY I 261 0.15 -25.55 -7.34
N SER I 262 0.27 -26.76 -6.81
CA SER I 262 -0.88 -27.55 -6.38
C SER I 262 -1.32 -27.14 -4.99
N GLY I 263 -2.45 -27.67 -4.56
CA GLY I 263 -2.95 -27.42 -3.24
C GLY I 263 -4.25 -28.14 -3.03
N ILE I 264 -4.82 -28.01 -1.85
CA ILE I 264 -6.07 -28.67 -1.53
C ILE I 264 -7.15 -27.63 -1.41
N ILE I 265 -8.24 -27.81 -2.13
CA ILE I 265 -9.35 -26.88 -2.03
C ILE I 265 -10.58 -27.62 -1.63
N THR I 266 -11.52 -26.90 -1.06
CA THR I 266 -12.76 -27.50 -0.65
C THR I 266 -13.84 -27.04 -1.60
N SER I 267 -14.50 -27.98 -2.25
CA SER I 267 -15.48 -27.67 -3.26
C SER I 267 -16.46 -28.79 -3.50
N ASN I 268 -17.69 -28.45 -3.85
CA ASN I 268 -18.66 -29.45 -4.24
C ASN I 268 -19.09 -29.27 -5.71
N ALA I 269 -18.25 -28.58 -6.50
CA ALA I 269 -18.50 -28.38 -7.91
C ALA I 269 -18.31 -29.74 -8.61
N PRO I 270 -19.05 -30.05 -9.69
CA PRO I 270 -18.91 -31.24 -10.51
C PRO I 270 -17.68 -31.18 -11.36
N MET I 271 -17.14 -32.32 -11.74
CA MET I 271 -16.02 -32.38 -12.68
C MET I 271 -16.52 -32.42 -14.11
N ASP I 272 -15.79 -31.79 -15.02
CA ASP I 272 -16.11 -31.84 -16.43
C ASP I 272 -14.84 -32.03 -17.25
N GLU I 273 -14.98 -32.09 -18.56
CA GLU I 273 -13.86 -32.32 -19.49
C GLU I 273 -13.10 -31.05 -19.97
N CYS I 274 -13.47 -29.88 -19.41
CA CYS I 274 -12.92 -28.56 -19.67
C CYS I 274 -11.48 -28.42 -19.20
N ASP I 275 -10.84 -27.37 -19.66
CA ASP I 275 -9.46 -27.10 -19.32
C ASP I 275 -9.35 -25.63 -19.07
N ALA I 276 -8.68 -25.28 -17.99
CA ALA I 276 -8.55 -23.90 -17.59
C ALA I 276 -7.18 -23.63 -17.03
N LYS I 277 -6.80 -22.38 -17.01
CA LYS I 277 -5.52 -22.04 -16.40
C LYS I 277 -5.58 -21.72 -14.89
N CYS I 278 -6.77 -21.33 -14.38
CA CYS I 278 -7.04 -20.95 -12.98
C CYS I 278 -8.34 -21.60 -12.52
N GLN I 279 -8.27 -22.28 -11.39
CA GLN I 279 -9.41 -22.94 -10.78
C GLN I 279 -9.77 -22.37 -9.43
N THR I 280 -11.02 -21.95 -9.22
CA THR I 280 -11.36 -21.47 -7.89
C THR I 280 -12.30 -22.55 -7.36
N PRO I 281 -12.62 -22.65 -6.07
CA PRO I 281 -13.60 -23.54 -5.50
C PRO I 281 -15.01 -23.40 -6.07
N GLN I 282 -15.33 -22.27 -6.68
CA GLN I 282 -16.66 -22.13 -7.21
C GLN I 282 -16.72 -22.56 -8.66
N GLY I 283 -15.57 -22.89 -9.22
CA GLY I 283 -15.44 -23.22 -10.63
C GLY I 283 -14.27 -22.48 -11.27
N ALA I 284 -13.83 -22.96 -12.41
CA ALA I 284 -12.73 -22.33 -13.13
C ALA I 284 -13.06 -20.99 -13.72
N ILE I 285 -12.03 -20.15 -13.87
CA ILE I 285 -12.15 -18.81 -14.46
C ILE I 285 -11.16 -18.70 -15.64
N ASN I 286 -11.38 -17.69 -16.54
CA ASN I 286 -10.60 -17.50 -17.77
C ASN I 286 -9.16 -17.00 -17.57
N SER I 287 -8.88 -16.14 -16.56
CA SER I 287 -7.54 -15.57 -16.27
C SER I 287 -6.87 -14.79 -17.43
N SER I 288 -7.59 -13.80 -17.95
CA SER I 288 -7.07 -12.93 -19.01
C SER I 288 -6.94 -11.47 -18.55
N LEU I 289 -7.60 -11.11 -17.44
CA LEU I 289 -7.58 -9.76 -16.91
C LEU I 289 -6.71 -9.78 -15.66
N PRO I 290 -6.14 -8.66 -15.20
CA PRO I 290 -5.34 -8.59 -13.99
C PRO I 290 -6.05 -8.84 -12.65
N PHE I 291 -7.37 -8.66 -12.56
CA PHE I 291 -8.02 -8.85 -11.28
C PHE I 291 -9.25 -9.74 -11.38
N GLN I 292 -9.63 -10.33 -10.26
CA GLN I 292 -10.87 -11.11 -10.11
C GLN I 292 -11.58 -10.75 -8.82
N ASN I 293 -12.88 -10.94 -8.78
CA ASN I 293 -13.60 -10.85 -7.52
C ASN I 293 -14.37 -12.13 -7.26
N VAL I 294 -13.95 -13.23 -7.90
CA VAL I 294 -14.68 -14.48 -7.78
C VAL I 294 -14.39 -15.22 -6.48
N HIS I 295 -13.13 -15.46 -6.15
CA HIS I 295 -12.91 -16.15 -4.88
C HIS I 295 -11.47 -15.94 -4.44
N PRO I 296 -11.18 -15.75 -3.14
CA PRO I 296 -9.84 -15.61 -2.63
C PRO I 296 -8.92 -16.81 -2.72
N VAL I 297 -9.47 -18.02 -2.85
CA VAL I 297 -8.58 -19.19 -2.88
C VAL I 297 -8.48 -19.78 -4.23
N THR I 298 -7.32 -19.78 -4.81
CA THR I 298 -7.21 -20.33 -6.14
C THR I 298 -5.99 -21.19 -6.37
N ILE I 299 -6.10 -22.04 -7.38
CA ILE I 299 -5.01 -22.84 -7.87
C ILE I 299 -4.72 -22.58 -9.34
N GLY I 300 -3.48 -22.30 -9.66
CA GLY I 300 -3.13 -22.07 -11.06
C GLY I 300 -2.65 -20.65 -11.36
N GLU I 301 -2.58 -20.36 -12.63
CA GLU I 301 -2.06 -19.10 -13.12
C GLU I 301 -3.21 -18.10 -13.12
N CYS I 302 -3.45 -17.48 -11.95
CA CYS I 302 -4.61 -16.66 -11.59
C CYS I 302 -4.40 -15.14 -11.47
N PRO I 303 -5.49 -14.36 -11.65
CA PRO I 303 -5.60 -12.93 -11.43
C PRO I 303 -5.63 -12.61 -9.95
N LYS I 304 -5.31 -11.38 -9.59
CA LYS I 304 -5.31 -10.96 -8.19
C LYS I 304 -6.72 -10.86 -7.62
N TYR I 305 -6.94 -11.36 -6.40
CA TYR I 305 -8.27 -11.23 -5.83
C TYR I 305 -8.43 -9.88 -5.17
N VAL I 306 -9.48 -9.19 -5.57
CA VAL I 306 -9.86 -7.88 -5.11
C VAL I 306 -11.31 -7.84 -4.66
N ARG I 307 -11.58 -7.27 -3.50
CA ARG I 307 -12.98 -7.18 -3.10
C ARG I 307 -13.65 -5.92 -3.65
N SER I 308 -13.79 -5.87 -4.96
CA SER I 308 -14.37 -4.72 -5.64
C SER I 308 -15.47 -5.15 -6.55
N ALA I 309 -16.47 -4.29 -6.75
CA ALA I 309 -17.53 -4.60 -7.69
C ALA I 309 -17.11 -4.38 -9.13
N LYS I 310 -16.34 -3.32 -9.37
CA LYS I 310 -15.90 -3.04 -10.72
C LYS I 310 -14.59 -2.30 -10.73
N LEU I 311 -13.75 -2.62 -11.70
CA LEU I 311 -12.52 -1.91 -11.96
C LEU I 311 -12.45 -1.61 -13.44
N ARG I 312 -13.14 -0.58 -13.87
CA ARG I 312 -13.17 -0.26 -15.29
C ARG I 312 -12.32 0.94 -15.52
N MET I 313 -11.41 0.81 -16.48
CA MET I 313 -10.47 1.83 -16.83
C MET I 313 -10.84 2.56 -18.10
N VAL I 314 -10.71 3.87 -18.07
CA VAL I 314 -10.99 4.72 -19.22
C VAL I 314 -9.86 4.64 -20.18
N THR I 315 -10.15 4.40 -21.45
CA THR I 315 -9.08 4.45 -22.41
C THR I 315 -9.40 5.54 -23.38
N GLY I 316 -10.69 5.83 -23.52
CA GLY I 316 -11.20 6.79 -24.48
C GLY I 316 -11.62 8.12 -23.89
N LEU I 317 -12.53 8.75 -24.60
CA LEU I 317 -13.01 10.09 -24.35
C LEU I 317 -14.27 10.13 -23.54
N ARG I 318 -14.57 11.28 -22.93
CA ARG I 318 -15.83 11.41 -22.25
C ARG I 318 -16.91 11.39 -23.33
N ASN I 319 -17.91 10.58 -23.19
CA ASN I 319 -18.90 10.43 -24.25
C ASN I 319 -20.07 11.38 -24.19
N ILE I 320 -19.84 12.59 -24.63
CA ILE I 320 -20.91 13.58 -24.68
C ILE I 320 -21.12 14.09 -26.09
N PRO I 321 -22.06 13.54 -26.88
CA PRO I 321 -22.39 13.97 -28.21
C PRO I 321 -22.93 15.39 -28.18
N SER I 322 -22.64 16.19 -29.22
CA SER I 322 -23.12 17.56 -29.44
C SER I 322 -24.61 17.55 -29.77
N ILE J 10 -22.40 23.20 -36.97
CA ILE J 10 -21.58 22.13 -36.40
C ILE J 10 -20.44 22.75 -35.56
N ALA J 11 -20.64 22.83 -34.22
CA ALA J 11 -19.68 23.32 -33.22
C ALA J 11 -18.69 22.22 -32.86
N GLY J 12 -17.55 22.61 -32.31
CA GLY J 12 -16.49 21.71 -31.92
C GLY J 12 -16.54 21.24 -30.46
N PHE J 13 -15.35 20.89 -29.96
CA PHE J 13 -15.08 20.28 -28.64
C PHE J 13 -15.61 21.04 -27.45
N ILE J 14 -15.79 22.32 -27.62
CA ILE J 14 -16.26 23.15 -26.53
C ILE J 14 -17.72 22.88 -26.20
N GLU J 15 -18.53 22.43 -27.19
CA GLU J 15 -19.93 22.16 -26.91
C GLU J 15 -20.23 20.68 -26.79
N GLY J 16 -19.47 19.83 -27.49
CA GLY J 16 -19.71 18.38 -27.43
C GLY J 16 -19.01 17.66 -28.57
N GLY J 17 -19.06 16.33 -28.57
CA GLY J 17 -18.39 15.56 -29.59
C GLY J 17 -19.20 15.31 -30.86
N TRP J 18 -18.52 14.73 -31.81
CA TRP J 18 -19.04 14.43 -33.12
C TRP J 18 -19.30 12.96 -33.34
N THR J 19 -20.53 12.60 -33.67
CA THR J 19 -20.84 11.20 -33.91
C THR J 19 -20.60 10.88 -35.36
N GLY J 20 -20.26 11.91 -36.12
CA GLY J 20 -19.96 11.79 -37.52
C GLY J 20 -18.47 11.56 -37.76
N MET J 21 -17.66 11.57 -36.70
CA MET J 21 -16.23 11.39 -36.91
C MET J 21 -15.87 10.04 -36.34
N VAL J 22 -15.44 9.13 -37.21
CA VAL J 22 -15.21 7.76 -36.79
C VAL J 22 -13.82 7.19 -36.96
N ASP J 23 -12.91 7.96 -37.52
CA ASP J 23 -11.58 7.47 -37.82
C ASP J 23 -10.47 7.91 -36.86
N GLY J 24 -10.85 8.37 -35.68
CA GLY J 24 -9.88 8.76 -34.66
C GLY J 24 -10.57 9.47 -33.51
N TRP J 25 -9.83 9.68 -32.43
CA TRP J 25 -10.37 10.35 -31.26
C TRP J 25 -10.42 11.86 -31.41
N TYR J 26 -9.46 12.40 -32.12
CA TYR J 26 -9.37 13.85 -32.26
C TYR J 26 -9.42 14.16 -33.71
N GLY J 27 -9.97 15.29 -34.08
CA GLY J 27 -9.98 15.60 -35.50
C GLY J 27 -10.63 16.89 -35.89
N TYR J 28 -10.85 17.01 -37.19
CA TYR J 28 -11.37 18.20 -37.81
C TYR J 28 -12.65 18.00 -38.61
N HIS J 29 -13.40 19.06 -38.68
CA HIS J 29 -14.60 19.13 -39.51
C HIS J 29 -14.57 20.36 -40.37
N HIS J 30 -15.01 20.23 -41.62
CA HIS J 30 -15.05 21.42 -42.45
C HIS J 30 -16.25 21.59 -43.34
N GLN J 31 -16.47 22.87 -43.68
CA GLN J 31 -17.47 23.30 -44.65
C GLN J 31 -16.88 24.30 -45.64
N ASN J 32 -16.77 23.90 -46.91
CA ASN J 32 -16.17 24.74 -47.93
C ASN J 32 -16.92 24.62 -49.24
N GLU J 33 -16.49 25.34 -50.26
CA GLU J 33 -17.17 25.35 -51.55
C GLU J 33 -17.22 23.97 -52.19
N GLN J 34 -16.16 23.22 -52.00
CA GLN J 34 -15.98 21.92 -52.59
C GLN J 34 -16.70 20.79 -51.86
N GLY J 35 -17.27 21.06 -50.68
CA GLY J 35 -17.90 20.00 -49.91
C GLY J 35 -17.65 20.13 -48.42
N SER J 36 -18.02 19.10 -47.68
CA SER J 36 -17.89 19.12 -46.24
C SER J 36 -17.66 17.73 -45.70
N GLY J 37 -17.24 17.66 -44.46
CA GLY J 37 -17.05 16.35 -43.84
C GLY J 37 -16.12 16.35 -42.64
N TYR J 38 -15.84 15.15 -42.14
CA TYR J 38 -15.01 14.99 -40.97
C TYR J 38 -13.78 14.17 -41.34
N ALA J 39 -12.67 14.44 -40.69
CA ALA J 39 -11.45 13.65 -40.86
C ALA J 39 -10.66 13.67 -39.57
N ALA J 40 -10.10 12.54 -39.19
CA ALA J 40 -9.32 12.53 -37.97
C ALA J 40 -7.95 13.10 -38.10
N ASP J 41 -7.44 13.59 -36.98
CA ASP J 41 -6.05 13.97 -36.86
C ASP J 41 -5.35 12.70 -36.45
N GLN J 42 -4.73 12.05 -37.41
CA GLN J 42 -4.19 10.75 -37.17
C GLN J 42 -2.91 10.77 -36.41
N LYS J 43 -2.29 11.93 -36.26
CA LYS J 43 -1.04 11.93 -35.54
C LYS J 43 -1.33 12.23 -34.10
N SER J 44 -2.30 13.10 -33.85
CA SER J 44 -2.62 13.38 -32.46
C SER J 44 -3.30 12.15 -31.88
N THR J 45 -4.14 11.48 -32.68
CA THR J 45 -4.80 10.30 -32.20
C THR J 45 -3.82 9.19 -31.99
N GLN J 46 -2.89 8.95 -32.90
CA GLN J 46 -2.00 7.85 -32.63
C GLN J 46 -1.12 8.12 -31.44
N ASN J 47 -0.68 9.36 -31.23
CA ASN J 47 0.16 9.58 -30.07
C ASN J 47 -0.64 9.39 -28.79
N ALA J 48 -1.92 9.79 -28.80
CA ALA J 48 -2.73 9.58 -27.63
C ALA J 48 -2.91 8.10 -27.38
N ILE J 49 -3.05 7.31 -28.45
CA ILE J 49 -3.22 5.87 -28.28
C ILE J 49 -1.97 5.29 -27.70
N ASN J 50 -0.80 5.71 -28.18
CA ASN J 50 0.44 5.15 -27.67
C ASN J 50 0.53 5.38 -26.16
N GLY J 51 0.15 6.58 -25.72
CA GLY J 51 0.17 6.95 -24.31
C GLY J 51 -0.76 6.07 -23.50
N ILE J 52 -1.99 5.94 -23.97
CA ILE J 52 -3.00 5.14 -23.29
C ILE J 52 -2.60 3.69 -23.25
N THR J 53 -2.06 3.16 -24.33
CA THR J 53 -1.68 1.78 -24.35
C THR J 53 -0.61 1.56 -23.30
N ASN J 54 0.37 2.46 -23.21
CA ASN J 54 1.40 2.27 -22.19
C ASN J 54 0.80 2.35 -20.81
N LYS J 55 -0.21 3.20 -20.60
CA LYS J 55 -0.85 3.32 -19.30
C LYS J 55 -1.59 2.04 -18.92
N VAL J 56 -2.26 1.41 -19.88
CA VAL J 56 -2.96 0.17 -19.61
C VAL J 56 -1.94 -0.88 -19.24
N ASN J 57 -0.85 -0.94 -19.98
CA ASN J 57 0.17 -1.92 -19.71
C ASN J 57 0.84 -1.67 -18.38
N SER J 58 0.97 -0.41 -17.97
CA SER J 58 1.56 -0.09 -16.69
C SER J 58 0.73 -0.71 -15.55
N VAL J 59 -0.59 -0.64 -15.67
CA VAL J 59 -1.47 -1.21 -14.65
C VAL J 59 -1.31 -2.73 -14.62
N ILE J 60 -1.26 -3.35 -15.79
CA ILE J 60 -1.12 -4.80 -15.91
C ILE J 60 0.20 -5.29 -15.33
N GLU J 61 1.29 -4.61 -15.66
CA GLU J 61 2.62 -4.99 -15.19
C GLU J 61 2.80 -4.87 -13.69
N LYS J 62 2.23 -3.84 -13.07
CA LYS J 62 2.39 -3.71 -11.63
C LYS J 62 1.62 -4.77 -10.85
N MET J 63 0.42 -5.10 -11.30
CA MET J 63 -0.40 -6.05 -10.57
C MET J 63 -0.06 -7.50 -10.92
N ASN J 64 1.12 -7.92 -10.53
CA ASN J 64 1.68 -9.24 -10.77
C ASN J 64 1.42 -10.15 -9.56
N THR J 65 0.61 -11.20 -9.72
CA THR J 65 0.27 -12.03 -8.57
C THR J 65 1.09 -13.30 -8.44
N GLN J 66 1.87 -13.36 -7.37
CA GLN J 66 2.68 -14.52 -7.02
C GLN J 66 2.19 -15.11 -5.69
N PHE J 67 1.09 -14.55 -5.21
CA PHE J 67 0.49 -14.88 -3.92
C PHE J 67 -0.23 -16.21 -3.91
N THR J 68 -0.02 -17.00 -2.86
CA THR J 68 -0.74 -18.25 -2.71
C THR J 68 -1.75 -18.13 -1.59
N ALA J 69 -3.02 -18.34 -1.94
CA ALA J 69 -4.12 -18.21 -0.99
C ALA J 69 -4.68 -19.52 -0.51
N VAL J 70 -4.07 -20.63 -0.84
CA VAL J 70 -4.61 -21.90 -0.41
C VAL J 70 -4.52 -21.89 1.11
N GLY J 71 -5.62 -22.22 1.76
CA GLY J 71 -5.70 -22.12 3.20
C GLY J 71 -5.07 -23.25 3.96
N LYS J 72 -5.11 -23.11 5.27
CA LYS J 72 -4.53 -24.03 6.22
C LYS J 72 -5.54 -24.39 7.26
N GLU J 73 -5.43 -25.60 7.78
CA GLU J 73 -6.30 -26.01 8.86
C GLU J 73 -5.57 -25.80 10.16
N PHE J 74 -6.34 -25.55 11.22
CA PHE J 74 -5.78 -25.37 12.54
C PHE J 74 -6.56 -26.19 13.56
N ASN J 75 -5.92 -26.57 14.65
CA ASN J 75 -6.60 -27.31 15.71
C ASN J 75 -7.39 -26.42 16.63
N LYS J 76 -8.05 -27.06 17.58
CA LYS J 76 -8.85 -26.33 18.54
C LYS J 76 -7.99 -25.53 19.51
N LEU J 77 -6.73 -25.92 19.61
CA LEU J 77 -5.76 -25.27 20.47
C LEU J 77 -4.77 -24.42 19.69
N GLU J 78 -5.09 -24.13 18.45
CA GLU J 78 -4.24 -23.29 17.62
C GLU J 78 -4.99 -22.07 17.16
N ARG J 79 -5.93 -21.59 17.97
CA ARG J 79 -6.77 -20.47 17.62
C ARG J 79 -5.95 -19.22 17.47
N ARG J 80 -4.92 -19.04 18.29
CA ARG J 80 -4.12 -17.83 18.14
C ARG J 80 -3.44 -17.82 16.77
N MET J 81 -3.00 -18.98 16.31
CA MET J 81 -2.32 -19.07 15.03
C MET J 81 -3.31 -18.90 13.91
N GLU J 82 -4.51 -19.44 14.07
CA GLU J 82 -5.55 -19.30 13.07
C GLU J 82 -5.91 -17.86 12.89
N ASN J 83 -6.05 -17.14 14.00
CA ASN J 83 -6.40 -15.75 13.94
C ASN J 83 -5.27 -14.91 13.39
N LEU J 84 -4.02 -15.29 13.63
CA LEU J 84 -2.93 -14.56 13.01
C LEU J 84 -2.97 -14.77 11.52
N ASN J 85 -3.19 -16.01 11.09
CA ASN J 85 -3.26 -16.27 9.67
C ASN J 85 -4.40 -15.51 9.03
N LYS J 86 -5.53 -15.44 9.71
CA LYS J 86 -6.67 -14.72 9.17
C LYS J 86 -6.34 -13.25 9.05
N LYS J 87 -5.71 -12.68 10.07
CA LYS J 87 -5.33 -11.28 10.06
C LYS J 87 -4.42 -10.96 8.91
N VAL J 88 -3.47 -11.84 8.63
CA VAL J 88 -2.56 -11.63 7.53
C VAL J 88 -3.29 -11.65 6.21
N ASP J 89 -4.16 -12.63 5.99
CA ASP J 89 -4.86 -12.68 4.73
C ASP J 89 -5.81 -11.53 4.54
N ASP J 90 -6.50 -11.11 5.60
CA ASP J 90 -7.42 -10.01 5.47
C ASP J 90 -6.68 -8.72 5.27
N GLY J 91 -5.56 -8.54 5.96
CA GLY J 91 -4.81 -7.32 5.83
C GLY J 91 -4.26 -7.18 4.44
N PHE J 92 -3.74 -8.25 3.86
CA PHE J 92 -3.22 -8.13 2.53
C PHE J 92 -4.33 -7.89 1.54
N LEU J 93 -5.48 -8.50 1.76
CA LEU J 93 -6.60 -8.27 0.87
C LEU J 93 -7.06 -6.83 0.95
N ASP J 94 -7.14 -6.24 2.14
CA ASP J 94 -7.60 -4.86 2.26
C ASP J 94 -6.64 -3.92 1.58
N ILE J 95 -5.35 -4.20 1.70
CA ILE J 95 -4.35 -3.35 1.10
C ILE J 95 -4.39 -3.44 -0.40
N TRP J 96 -4.48 -4.64 -0.95
CA TRP J 96 -4.52 -4.74 -2.39
C TRP J 96 -5.83 -4.26 -2.98
N THR J 97 -6.92 -4.37 -2.23
CA THR J 97 -8.18 -3.86 -2.74
C THR J 97 -8.05 -2.34 -2.81
N TYR J 98 -7.49 -1.73 -1.76
CA TYR J 98 -7.26 -0.30 -1.71
C TYR J 98 -6.40 0.14 -2.87
N ASN J 99 -5.28 -0.55 -3.09
CA ASN J 99 -4.39 -0.16 -4.15
C ASN J 99 -5.02 -0.30 -5.52
N ALA J 100 -5.79 -1.37 -5.76
CA ALA J 100 -6.41 -1.54 -7.06
C ALA J 100 -7.45 -0.48 -7.34
N GLU J 101 -8.26 -0.15 -6.34
CA GLU J 101 -9.30 0.84 -6.56
C GLU J 101 -8.72 2.21 -6.70
N LEU J 102 -7.71 2.52 -5.91
CA LEU J 102 -7.14 3.83 -5.97
C LEU J 102 -6.40 4.03 -7.26
N LEU J 103 -5.67 3.02 -7.73
CA LEU J 103 -4.95 3.15 -8.97
C LEU J 103 -5.92 3.37 -10.10
N VAL J 104 -7.02 2.62 -10.13
CA VAL J 104 -7.95 2.82 -11.22
C VAL J 104 -8.61 4.20 -11.15
N LEU J 105 -9.03 4.68 -9.96
CA LEU J 105 -9.65 6.00 -9.92
C LEU J 105 -8.70 7.11 -10.30
N LEU J 106 -7.45 7.02 -9.86
CA LEU J 106 -6.51 8.08 -10.19
C LEU J 106 -6.17 8.05 -11.66
N GLU J 107 -6.05 6.86 -12.24
CA GLU J 107 -5.73 6.81 -13.63
C GLU J 107 -6.92 7.23 -14.47
N ASN J 108 -8.14 6.92 -14.06
CA ASN J 108 -9.26 7.35 -14.87
C ASN J 108 -9.37 8.85 -14.88
N GLU J 109 -9.08 9.47 -13.75
CA GLU J 109 -9.16 10.90 -13.71
C GLU J 109 -8.06 11.52 -14.55
N ARG J 110 -6.83 10.98 -14.48
CA ARG J 110 -5.76 11.55 -15.27
C ARG J 110 -6.00 11.32 -16.77
N THR J 111 -6.57 10.18 -17.13
CA THR J 111 -6.85 9.87 -18.52
C THR J 111 -7.82 10.84 -19.10
N LEU J 112 -8.88 11.17 -18.38
CA LEU J 112 -9.81 12.11 -18.93
C LEU J 112 -9.15 13.49 -19.07
N ASP J 113 -8.29 13.91 -18.12
CA ASP J 113 -7.64 15.21 -18.27
C ASP J 113 -6.69 15.21 -19.47
N PHE J 114 -6.01 14.09 -19.71
CA PHE J 114 -5.11 13.91 -20.82
C PHE J 114 -5.82 14.13 -22.13
N HIS J 115 -6.97 13.49 -22.28
CA HIS J 115 -7.69 13.65 -23.52
C HIS J 115 -8.22 15.06 -23.69
N ASP J 116 -8.67 15.70 -22.61
CA ASP J 116 -9.18 17.06 -22.78
C ASP J 116 -8.05 18.00 -23.15
N SER J 117 -6.86 17.76 -22.61
CA SER J 117 -5.70 18.58 -22.93
C SER J 117 -5.34 18.44 -24.40
N ASN J 118 -5.37 17.22 -24.91
CA ASN J 118 -5.04 17.00 -26.29
C ASN J 118 -6.02 17.63 -27.26
N VAL J 119 -7.32 17.65 -26.97
CA VAL J 119 -8.20 18.28 -27.95
C VAL J 119 -7.94 19.78 -27.92
N LYS J 120 -7.67 20.34 -26.74
CA LYS J 120 -7.36 21.74 -26.66
C LYS J 120 -6.12 22.03 -27.48
N ASN J 121 -5.11 21.15 -27.43
CA ASN J 121 -3.90 21.40 -28.21
C ASN J 121 -4.19 21.43 -29.70
N LEU J 122 -5.18 20.67 -30.19
CA LEU J 122 -5.47 20.76 -31.60
C LEU J 122 -6.00 22.13 -31.91
N TYR J 123 -6.81 22.65 -31.02
CA TYR J 123 -7.39 23.96 -31.24
C TYR J 123 -6.31 25.04 -31.23
N GLU J 124 -5.42 24.99 -30.25
CA GLU J 124 -4.38 25.99 -30.14
C GLU J 124 -3.41 26.00 -31.32
N LYS J 125 -3.07 24.81 -31.86
CA LYS J 125 -2.13 24.77 -32.99
C LYS J 125 -2.78 25.27 -34.26
N VAL J 126 -4.08 25.49 -34.26
CA VAL J 126 -4.75 26.04 -35.42
C VAL J 126 -4.76 27.54 -35.28
N LYS J 127 -5.09 28.08 -34.12
CA LYS J 127 -5.11 29.54 -34.06
C LYS J 127 -3.69 30.09 -34.22
N SER J 128 -2.66 29.31 -33.85
CA SER J 128 -1.28 29.75 -33.98
C SER J 128 -0.85 29.84 -35.45
N GLN J 129 -1.61 29.24 -36.35
CA GLN J 129 -1.32 29.31 -37.76
C GLN J 129 -2.20 30.31 -38.46
N LEU J 130 -3.47 30.40 -38.03
CA LEU J 130 -4.38 31.28 -38.73
C LEU J 130 -4.24 32.71 -38.30
N LYS J 131 -3.93 32.93 -37.05
CA LYS J 131 -3.74 34.26 -36.51
C LYS J 131 -4.88 35.18 -36.91
N ASN J 132 -4.59 36.27 -37.58
CA ASN J 132 -5.63 37.23 -37.91
C ASN J 132 -6.35 36.90 -39.20
N ASN J 133 -6.01 35.79 -39.82
CA ASN J 133 -6.65 35.43 -41.06
C ASN J 133 -7.95 34.68 -40.82
N ALA J 134 -8.31 34.44 -39.56
CA ALA J 134 -9.58 33.78 -39.31
C ALA J 134 -10.19 34.28 -38.03
N LYS J 135 -11.50 34.31 -38.00
CA LYS J 135 -12.21 34.72 -36.82
C LYS J 135 -12.35 33.57 -35.86
N GLU J 136 -11.93 33.78 -34.64
CA GLU J 136 -12.14 32.74 -33.65
C GLU J 136 -13.57 32.94 -33.23
N ILE J 137 -14.36 31.89 -33.27
CA ILE J 137 -15.78 32.05 -32.97
C ILE J 137 -16.15 31.92 -31.50
N GLY J 138 -15.54 30.96 -30.82
CA GLY J 138 -15.88 30.66 -29.42
C GLY J 138 -16.72 29.39 -29.26
N ASN J 139 -16.96 28.69 -30.36
CA ASN J 139 -17.73 27.45 -30.37
C ASN J 139 -16.81 26.32 -30.82
N GLY J 140 -15.49 26.50 -30.63
CA GLY J 140 -14.48 25.51 -31.04
C GLY J 140 -14.16 25.46 -32.55
N CYS J 141 -14.37 26.58 -33.29
CA CYS J 141 -14.18 26.70 -34.74
C CYS J 141 -13.58 28.06 -35.11
N PHE J 142 -13.07 28.13 -36.34
CA PHE J 142 -12.53 29.35 -36.89
C PHE J 142 -13.13 29.62 -38.28
N GLU J 143 -13.43 30.88 -38.56
CA GLU J 143 -13.96 31.27 -39.86
C GLU J 143 -12.92 32.04 -40.64
N PHE J 144 -12.46 31.49 -41.73
CA PHE J 144 -11.40 32.15 -42.48
C PHE J 144 -11.96 33.41 -43.07
N TYR J 145 -11.19 34.49 -43.04
CA TYR J 145 -11.65 35.70 -43.69
C TYR J 145 -11.46 35.61 -45.18
N HIS J 146 -10.38 34.96 -45.59
CA HIS J 146 -10.09 34.75 -46.99
C HIS J 146 -10.90 33.59 -47.47
N LYS J 147 -11.18 33.52 -48.75
CA LYS J 147 -11.83 32.32 -49.23
C LYS J 147 -10.81 31.19 -49.12
N CYS J 148 -11.20 30.02 -48.55
CA CYS J 148 -10.31 28.87 -48.40
C CYS J 148 -10.94 27.66 -49.11
N ASN J 149 -10.08 26.99 -49.88
CA ASN J 149 -10.32 25.80 -50.68
C ASN J 149 -9.83 24.53 -49.99
N ASN J 150 -9.96 23.39 -50.64
CA ASN J 150 -9.54 22.16 -49.99
C ASN J 150 -8.05 22.11 -49.71
N GLU J 151 -7.25 22.71 -50.56
CA GLU J 151 -5.81 22.67 -50.37
C GLU J 151 -5.30 23.42 -49.13
N CYS J 152 -5.83 24.64 -48.83
CA CYS J 152 -5.49 25.39 -47.60
C CYS J 152 -6.09 24.71 -46.37
N MET J 153 -7.19 23.99 -46.53
CA MET J 153 -7.73 23.29 -45.36
C MET J 153 -6.77 22.19 -44.97
N GLU J 154 -6.23 21.48 -45.97
CA GLU J 154 -5.30 20.41 -45.67
C GLU J 154 -4.02 20.98 -45.11
N SER J 155 -3.62 22.15 -45.62
CA SER J 155 -2.41 22.80 -45.17
C SER J 155 -2.51 23.18 -43.70
N VAL J 156 -3.67 23.67 -43.26
CA VAL J 156 -3.81 24.00 -41.84
C VAL J 156 -3.72 22.75 -41.00
N LYS J 157 -4.40 21.69 -41.42
CA LYS J 157 -4.40 20.44 -40.67
C LYS J 157 -2.99 19.86 -40.58
N ASN J 158 -2.18 20.05 -41.62
CA ASN J 158 -0.82 19.54 -41.67
C ASN J 158 0.19 20.40 -40.92
N GLY J 159 -0.22 21.57 -40.41
CA GLY J 159 0.71 22.45 -39.74
C GLY J 159 1.61 23.23 -40.70
N THR J 160 1.14 23.40 -41.95
CA THR J 160 1.92 24.07 -42.98
C THR J 160 1.22 25.30 -43.54
N TYR J 161 0.25 25.87 -42.84
CA TYR J 161 -0.48 26.99 -43.39
C TYR J 161 0.43 28.16 -43.72
N ASP J 162 0.26 28.66 -44.94
CA ASP J 162 1.02 29.80 -45.42
C ASP J 162 0.30 31.08 -45.08
N TYR J 163 0.56 31.62 -43.91
CA TYR J 163 -0.13 32.81 -43.50
C TYR J 163 0.06 33.97 -44.49
N PRO J 164 1.30 34.38 -44.86
CA PRO J 164 1.55 35.50 -45.76
C PRO J 164 0.77 35.43 -47.05
N LYS J 165 0.64 34.24 -47.62
CA LYS J 165 -0.08 34.05 -48.87
C LYS J 165 -1.50 34.53 -48.88
N TYR J 166 -2.19 34.43 -47.75
CA TYR J 166 -3.59 34.81 -47.74
C TYR J 166 -3.79 36.07 -46.94
N SER J 167 -2.70 36.71 -46.54
CA SER J 167 -2.78 37.86 -45.68
C SER J 167 -3.53 39.02 -46.28
N GLU J 168 -3.28 39.33 -47.56
CA GLU J 168 -3.93 40.49 -48.14
C GLU J 168 -5.43 40.29 -48.31
N GLU J 169 -5.84 39.10 -48.74
CA GLU J 169 -7.26 38.86 -48.92
C GLU J 169 -7.96 38.90 -47.59
N SER J 170 -7.32 38.29 -46.59
CA SER J 170 -7.92 38.23 -45.28
C SER J 170 -8.05 39.61 -44.70
N LYS J 171 -7.03 40.46 -44.88
CA LYS J 171 -7.12 41.80 -44.37
C LYS J 171 -8.27 42.55 -44.99
N LEU J 172 -8.45 42.43 -46.29
CA LEU J 172 -9.52 43.18 -46.89
C LEU J 172 -10.87 42.76 -46.35
N ASN J 173 -11.07 41.46 -46.18
CA ASN J 173 -12.36 41.04 -45.69
C ASN J 173 -12.52 41.34 -44.20
N ARG J 174 -11.43 41.22 -43.44
CA ARG J 174 -11.47 41.45 -42.02
C ARG J 174 -11.81 42.89 -41.70
N GLU J 175 -11.22 43.84 -42.43
CA GLU J 175 -11.51 45.24 -42.18
C GLU J 175 -12.93 45.61 -42.61
N LYS J 176 -13.41 45.07 -43.73
CA LYS J 176 -14.78 45.37 -44.17
C LYS J 176 -15.87 44.80 -43.23
N ILE J 177 -15.66 43.58 -42.68
CA ILE J 177 -16.54 42.85 -41.77
C ILE J 177 -16.40 43.50 -40.37
N GLN K 1 8.98 -2.90 -30.88
CA GLN K 1 8.91 -3.78 -32.02
C GLN K 1 8.73 -5.25 -31.56
N VAL K 2 7.62 -5.87 -32.03
CA VAL K 2 7.25 -7.26 -31.77
C VAL K 2 7.84 -8.22 -32.76
N GLN K 3 8.36 -9.31 -32.25
CA GLN K 3 8.84 -10.36 -33.11
C GLN K 3 7.94 -11.56 -32.97
N LEU K 4 7.14 -11.82 -33.99
CA LEU K 4 6.21 -12.93 -33.94
C LEU K 4 6.94 -14.19 -34.37
N VAL K 5 6.66 -15.28 -33.68
CA VAL K 5 7.22 -16.57 -34.01
C VAL K 5 6.14 -17.58 -34.26
N GLN K 6 6.19 -18.27 -35.39
CA GLN K 6 5.16 -19.25 -35.68
C GLN K 6 5.58 -20.70 -35.60
N SER K 7 4.58 -21.54 -35.40
CA SER K 7 4.68 -23.00 -35.34
C SER K 7 4.99 -23.63 -36.71
N GLY K 8 5.35 -24.92 -36.71
CA GLY K 8 5.69 -25.58 -37.97
C GLY K 8 4.46 -25.96 -38.78
N ALA K 9 4.71 -26.61 -39.92
CA ALA K 9 3.66 -27.01 -40.86
C ALA K 9 2.87 -28.19 -40.37
N GLU K 10 1.62 -28.28 -40.83
CA GLU K 10 0.73 -29.38 -40.44
C GLU K 10 0.12 -30.09 -41.65
N VAL K 11 -0.09 -31.39 -41.51
CA VAL K 11 -0.78 -32.17 -42.54
C VAL K 11 -1.96 -32.88 -41.89
N LYS K 12 -3.15 -32.63 -42.39
CA LYS K 12 -4.36 -33.16 -41.82
C LYS K 12 -5.27 -33.89 -42.79
N LYS K 13 -6.06 -34.79 -42.25
CA LYS K 13 -7.02 -35.50 -43.06
C LYS K 13 -8.35 -34.76 -42.97
N PRO K 14 -9.21 -34.80 -43.99
CA PRO K 14 -10.50 -34.15 -43.99
C PRO K 14 -11.33 -34.56 -42.80
N GLY K 15 -12.00 -33.58 -42.22
CA GLY K 15 -12.87 -33.71 -41.07
C GLY K 15 -12.18 -33.41 -39.74
N SER K 16 -10.86 -33.40 -39.71
CA SER K 16 -10.11 -33.13 -38.47
C SER K 16 -9.95 -31.64 -38.25
N SER K 17 -9.41 -31.24 -37.09
CA SER K 17 -9.14 -29.83 -36.86
C SER K 17 -7.65 -29.60 -36.73
N VAL K 18 -7.23 -28.38 -37.03
CA VAL K 18 -5.83 -28.02 -36.87
C VAL K 18 -5.66 -26.83 -35.98
N LYS K 19 -4.71 -26.90 -35.08
CA LYS K 19 -4.44 -25.75 -34.27
C LYS K 19 -3.08 -25.20 -34.63
N VAL K 20 -3.05 -23.91 -34.91
CA VAL K 20 -1.83 -23.22 -35.28
C VAL K 20 -1.61 -22.10 -34.28
N SER K 21 -0.39 -21.62 -34.17
CA SER K 21 -0.14 -20.57 -33.19
C SER K 21 1.00 -19.61 -33.53
N CYS K 22 0.98 -18.43 -32.84
CA CYS K 22 1.98 -17.36 -32.91
C CYS K 22 2.37 -16.91 -31.51
N THR K 23 3.66 -16.80 -31.27
CA THR K 23 4.15 -16.32 -30.00
C THR K 23 4.63 -14.90 -30.17
N ALA K 24 4.17 -14.01 -29.32
CA ALA K 24 4.58 -12.63 -29.39
C ALA K 24 5.73 -12.43 -28.46
N SER K 25 6.62 -11.53 -28.82
CA SER K 25 7.74 -11.23 -27.94
C SER K 25 8.15 -9.77 -28.10
N GLY K 26 8.77 -9.22 -27.06
CA GLY K 26 9.27 -7.85 -27.13
C GLY K 26 8.24 -6.76 -26.77
N GLY K 27 7.15 -7.12 -26.11
CA GLY K 27 6.13 -6.14 -25.77
C GLY K 27 5.03 -6.77 -24.94
N THR K 28 3.96 -6.04 -24.67
CA THR K 28 2.92 -6.61 -23.83
C THR K 28 1.79 -7.20 -24.65
N PHE K 29 1.68 -8.50 -24.54
CA PHE K 29 0.77 -9.33 -25.29
C PHE K 29 -0.66 -8.88 -25.25
N SER K 30 -1.12 -8.52 -24.07
CA SER K 30 -2.50 -8.20 -23.84
C SER K 30 -3.08 -7.08 -24.68
N THR K 31 -2.26 -6.12 -25.13
CA THR K 31 -2.79 -5.01 -25.88
C THR K 31 -2.49 -5.10 -27.37
N TYR K 32 -1.92 -6.21 -27.81
CA TYR K 32 -1.69 -6.34 -29.24
C TYR K 32 -2.89 -6.96 -29.84
N GLN K 33 -3.26 -6.47 -30.98
CA GLN K 33 -4.36 -7.04 -31.73
C GLN K 33 -3.79 -7.96 -32.76
N PHE K 34 -4.16 -9.23 -32.66
CA PHE K 34 -3.61 -10.27 -33.52
C PHE K 34 -4.58 -10.79 -34.56
N SER K 35 -4.26 -10.61 -35.83
CA SER K 35 -5.10 -11.09 -36.90
C SER K 35 -4.55 -12.31 -37.53
N TRP K 36 -5.43 -13.17 -37.97
CA TRP K 36 -5.04 -14.31 -38.77
C TRP K 36 -5.49 -14.07 -40.19
N VAL K 37 -4.55 -14.28 -41.10
CA VAL K 37 -4.72 -14.12 -42.54
C VAL K 37 -4.29 -15.39 -43.25
N ARG K 38 -5.09 -15.87 -44.18
CA ARG K 38 -4.76 -17.08 -44.91
C ARG K 38 -4.46 -16.80 -46.34
N GLN K 39 -3.59 -17.58 -46.94
CA GLN K 39 -3.39 -17.46 -48.38
C GLN K 39 -3.35 -18.79 -49.09
N ALA K 40 -4.37 -19.07 -49.89
CA ALA K 40 -4.43 -20.33 -50.61
C ALA K 40 -3.36 -20.28 -51.68
N PRO K 41 -2.76 -21.40 -52.10
CA PRO K 41 -1.81 -21.39 -53.18
C PRO K 41 -2.44 -20.78 -54.41
N GLY K 42 -1.75 -19.83 -55.02
CA GLY K 42 -2.22 -19.19 -56.26
C GLY K 42 -3.26 -18.09 -56.02
N GLN K 43 -3.61 -17.82 -54.77
CA GLN K 43 -4.63 -16.83 -54.47
C GLN K 43 -4.11 -15.64 -53.70
N GLY K 44 -5.00 -14.68 -53.45
CA GLY K 44 -4.63 -13.50 -52.70
C GLY K 44 -4.79 -13.76 -51.22
N LEU K 45 -4.69 -12.73 -50.42
CA LEU K 45 -4.77 -12.85 -48.97
C LEU K 45 -6.22 -12.77 -48.53
N GLU K 46 -6.58 -13.51 -47.48
CA GLU K 46 -7.92 -13.40 -46.93
C GLU K 46 -7.91 -13.32 -45.41
N TRP K 47 -8.66 -12.40 -44.85
CA TRP K 47 -8.68 -12.26 -43.40
C TRP K 47 -9.64 -13.27 -42.76
N MET K 48 -9.20 -13.92 -41.68
CA MET K 48 -10.03 -14.89 -40.98
C MET K 48 -10.60 -14.41 -39.67
N GLY K 49 -9.87 -13.58 -38.95
CA GLY K 49 -10.35 -13.12 -37.64
C GLY K 49 -9.30 -12.38 -36.80
N ARG K 50 -9.74 -11.82 -35.67
CA ARG K 50 -8.87 -11.05 -34.76
C ARG K 50 -9.13 -11.16 -33.26
N ILE K 51 -8.03 -11.21 -32.50
CA ILE K 51 -8.08 -11.20 -31.03
C ILE K 51 -7.37 -10.05 -30.37
N VAL K 52 -8.03 -9.40 -29.43
CA VAL K 52 -7.39 -8.41 -28.59
C VAL K 52 -7.55 -9.07 -27.21
N PRO K 53 -6.52 -9.71 -26.64
CA PRO K 53 -6.65 -10.50 -25.43
C PRO K 53 -7.31 -9.79 -24.26
N ILE K 54 -7.10 -8.48 -24.11
CA ILE K 54 -7.72 -7.76 -22.99
C ILE K 54 -9.04 -7.08 -23.36
N GLN K 55 -9.48 -7.20 -24.60
CA GLN K 55 -10.69 -6.48 -25.00
C GLN K 55 -11.84 -7.29 -25.65
N GLY K 56 -11.55 -8.27 -26.51
CA GLY K 56 -12.62 -8.97 -27.25
C GLY K 56 -12.17 -9.60 -28.58
N MET K 57 -13.11 -10.13 -29.36
CA MET K 57 -12.76 -10.81 -30.61
C MET K 57 -13.81 -10.71 -31.72
N ASP K 58 -13.35 -10.95 -32.96
CA ASP K 58 -14.23 -10.98 -34.13
C ASP K 58 -13.72 -11.95 -35.19
N TYR K 59 -14.61 -12.34 -36.10
CA TYR K 59 -14.32 -13.30 -37.18
C TYR K 59 -14.85 -12.91 -38.55
N ALA K 60 -14.19 -13.42 -39.58
CA ALA K 60 -14.72 -13.30 -40.92
C ALA K 60 -15.95 -14.16 -40.93
N GLN K 61 -17.01 -13.74 -41.59
CA GLN K 61 -18.23 -14.53 -41.54
C GLN K 61 -18.11 -15.93 -42.12
N LYS K 62 -17.28 -16.11 -43.12
CA LYS K 62 -17.11 -17.41 -43.76
C LYS K 62 -16.62 -18.50 -42.82
N PHE K 63 -15.91 -18.10 -41.78
CA PHE K 63 -15.34 -19.02 -40.83
C PHE K 63 -16.05 -18.97 -39.50
N ARG K 64 -17.15 -18.24 -39.42
CA ARG K 64 -17.77 -18.16 -38.13
C ARG K 64 -18.42 -19.49 -37.91
N GLY K 65 -18.12 -20.10 -36.77
CA GLY K 65 -18.64 -21.42 -36.44
C GLY K 65 -17.66 -22.55 -36.75
N ARG K 66 -16.61 -22.26 -37.54
CA ARG K 66 -15.59 -23.26 -37.86
C ARG K 66 -14.28 -22.90 -37.22
N VAL K 67 -14.03 -21.61 -37.10
CA VAL K 67 -12.76 -21.20 -36.60
C VAL K 67 -12.90 -20.51 -35.28
N THR K 68 -12.12 -20.99 -34.32
CA THR K 68 -12.06 -20.42 -33.00
C THR K 68 -10.70 -19.82 -32.77
N ILE K 69 -10.64 -18.56 -32.40
CA ILE K 69 -9.36 -17.94 -32.19
C ILE K 69 -9.33 -17.55 -30.71
N THR K 70 -8.26 -17.92 -30.03
CA THR K 70 -8.13 -17.64 -28.62
C THR K 70 -6.75 -17.14 -28.26
N ALA K 71 -6.51 -16.85 -26.99
CA ALA K 71 -5.20 -16.37 -26.58
C ALA K 71 -4.84 -16.71 -25.14
N ASP K 72 -3.54 -16.84 -24.90
CA ASP K 72 -2.97 -17.09 -23.60
C ASP K 72 -1.86 -16.11 -23.21
N LYS K 73 -2.17 -15.16 -22.32
CA LYS K 73 -1.20 -14.12 -21.98
C LYS K 73 -0.04 -14.64 -21.16
N TRP K 74 -0.20 -15.83 -20.60
CA TRP K 74 0.78 -16.41 -19.72
C TRP K 74 1.98 -16.95 -20.50
N THR K 75 1.77 -17.26 -21.78
CA THR K 75 2.80 -17.79 -22.66
C THR K 75 2.98 -16.86 -23.87
N SER K 76 2.28 -15.73 -23.81
CA SER K 76 2.22 -14.71 -24.86
C SER K 76 1.90 -15.34 -26.20
N THR K 77 0.95 -16.26 -26.22
CA THR K 77 0.65 -16.96 -27.46
C THR K 77 -0.80 -16.94 -27.89
N VAL K 78 -0.98 -16.68 -29.18
CA VAL K 78 -2.28 -16.69 -29.82
C VAL K 78 -2.47 -17.97 -30.60
N TYR K 79 -3.64 -18.56 -30.43
CA TYR K 79 -3.96 -19.81 -31.08
C TYR K 79 -5.16 -19.70 -31.99
N MET K 80 -5.14 -20.48 -33.05
CA MET K 80 -6.30 -20.59 -33.92
C MET K 80 -6.59 -22.00 -34.28
N GLU K 81 -7.84 -22.41 -34.08
CA GLU K 81 -8.23 -23.75 -34.42
C GLU K 81 -9.26 -23.76 -35.50
N VAL K 82 -8.97 -24.48 -36.56
CA VAL K 82 -9.89 -24.56 -37.68
C VAL K 82 -10.47 -25.95 -37.72
N THR K 83 -11.79 -26.06 -37.58
CA THR K 83 -12.42 -27.36 -37.53
C THR K 83 -13.03 -27.75 -38.87
N SER K 84 -13.40 -29.03 -38.95
CA SER K 84 -14.05 -29.61 -40.13
C SER K 84 -13.25 -29.30 -41.38
N LEU K 85 -11.98 -29.64 -41.37
CA LEU K 85 -11.11 -29.34 -42.50
C LEU K 85 -11.53 -30.02 -43.78
N ARG K 86 -11.35 -29.27 -44.85
CA ARG K 86 -11.70 -29.69 -46.20
C ARG K 86 -10.51 -29.53 -47.12
N SER K 87 -10.55 -30.14 -48.30
CA SER K 87 -9.41 -30.07 -49.21
C SER K 87 -9.04 -28.67 -49.67
N GLU K 88 -9.95 -27.69 -49.60
CA GLU K 88 -9.59 -26.33 -49.96
C GLU K 88 -8.70 -25.64 -48.89
N ASP K 89 -8.58 -26.24 -47.72
CA ASP K 89 -7.81 -25.63 -46.64
C ASP K 89 -6.33 -25.97 -46.77
N THR K 90 -5.70 -25.46 -47.84
CA THR K 90 -4.30 -25.74 -48.15
C THR K 90 -3.43 -24.48 -48.08
N ALA K 91 -4.02 -23.46 -47.50
CA ALA K 91 -3.47 -22.14 -47.32
C ALA K 91 -2.37 -22.04 -46.29
N VAL K 92 -1.57 -20.99 -46.45
CA VAL K 92 -0.58 -20.63 -45.46
C VAL K 92 -1.23 -19.68 -44.50
N TYR K 93 -1.13 -19.98 -43.21
CA TYR K 93 -1.76 -19.15 -42.20
C TYR K 93 -0.74 -18.27 -41.49
N TYR K 94 -0.95 -16.97 -41.56
CA TYR K 94 -0.04 -15.99 -41.01
C TYR K 94 -0.67 -15.21 -39.87
N CYS K 95 0.15 -14.78 -38.89
CA CYS K 95 -0.27 -13.77 -37.90
C CYS K 95 0.28 -12.42 -38.26
N ALA K 96 -0.48 -11.43 -37.90
CA ALA K 96 -0.01 -10.09 -38.02
C ALA K 96 -0.61 -9.24 -36.94
N THR K 97 0.12 -8.24 -36.48
CA THR K 97 -0.48 -7.37 -35.50
C THR K 97 -0.64 -6.01 -36.08
N SER K 98 -1.60 -5.31 -35.51
CA SER K 98 -1.85 -3.96 -35.90
C SER K 98 -1.01 -2.99 -35.16
N ARG K 99 -0.94 -1.79 -35.68
CA ARG K 99 -0.18 -0.76 -35.01
C ARG K 99 -0.90 -0.30 -33.78
N SER K 100 -2.18 -0.04 -33.94
CA SER K 100 -3.00 0.47 -32.87
C SER K 100 -4.45 0.04 -32.95
N MET K 101 -4.82 -1.09 -33.60
CA MET K 101 -6.26 -1.39 -33.69
C MET K 101 -6.71 -2.20 -32.54
N TYR K 102 -6.63 -1.48 -31.47
CA TYR K 102 -7.01 -1.71 -30.15
C TYR K 102 -8.21 -0.86 -30.34
N PHE K 103 -7.98 0.24 -31.11
CA PHE K 103 -9.02 1.19 -31.43
C PHE K 103 -9.20 1.47 -32.95
N TYR K 104 -8.12 1.79 -33.70
CA TYR K 104 -8.35 2.24 -35.11
C TYR K 104 -7.48 1.79 -36.32
N TYR K 105 -6.24 1.32 -36.15
CA TYR K 105 -5.30 1.23 -37.30
C TYR K 105 -4.89 -0.15 -37.99
N GLN K 106 -4.04 -0.08 -39.03
CA GLN K 106 -3.64 -1.21 -39.92
C GLN K 106 -2.69 -2.27 -39.35
N LEU K 107 -2.37 -3.32 -40.19
CA LEU K 107 -1.44 -4.43 -39.84
C LEU K 107 -0.03 -4.23 -40.33
N ASP K 108 0.93 -4.06 -39.41
CA ASP K 108 2.29 -3.77 -39.85
C ASP K 108 3.39 -4.70 -39.32
N VAL K 109 3.05 -5.72 -38.54
CA VAL K 109 4.06 -6.67 -38.11
C VAL K 109 3.58 -8.03 -38.53
N TRP K 110 4.33 -8.71 -39.38
CA TRP K 110 3.89 -10.00 -39.87
C TRP K 110 4.83 -11.13 -39.48
N GLY K 111 4.28 -12.30 -39.24
CA GLY K 111 5.06 -13.49 -38.96
C GLY K 111 5.40 -14.15 -40.29
N ARG K 112 6.02 -15.31 -40.24
CA ARG K 112 6.41 -16.00 -41.48
C ARG K 112 5.33 -16.85 -42.12
N GLY K 113 4.36 -17.32 -41.34
CA GLY K 113 3.28 -18.15 -41.83
C GLY K 113 3.52 -19.65 -41.72
N THR K 114 2.45 -20.40 -41.55
CA THR K 114 2.58 -21.85 -41.50
C THR K 114 1.67 -22.54 -42.50
N THR K 115 2.22 -23.48 -43.23
CA THR K 115 1.44 -24.17 -44.23
C THR K 115 0.64 -25.31 -43.65
N VAL K 116 -0.65 -25.37 -43.98
CA VAL K 116 -1.46 -26.50 -43.57
C VAL K 116 -1.95 -27.19 -44.83
N THR K 117 -1.70 -28.49 -44.95
CA THR K 117 -2.12 -29.28 -46.10
C THR K 117 -3.26 -30.24 -45.72
N VAL K 118 -4.34 -30.32 -46.55
CA VAL K 118 -5.50 -31.19 -46.32
C VAL K 118 -5.81 -31.86 -47.66
N GLU L 1 -20.92 -6.21 -48.21
CA GLU L 1 -19.60 -6.00 -47.65
C GLU L 1 -18.76 -5.07 -48.56
N ILE L 2 -17.51 -4.79 -48.11
CA ILE L 2 -16.53 -3.99 -48.85
C ILE L 2 -15.74 -4.97 -49.68
N VAL L 3 -15.81 -4.78 -50.97
CA VAL L 3 -15.16 -5.68 -51.89
C VAL L 3 -14.13 -4.90 -52.65
N LEU L 4 -12.92 -5.42 -52.73
CA LEU L 4 -11.86 -4.71 -53.40
C LEU L 4 -11.42 -5.36 -54.69
N THR L 5 -11.54 -4.62 -55.78
CA THR L 5 -11.13 -5.12 -57.08
C THR L 5 -9.88 -4.42 -57.54
N GLN L 6 -8.85 -5.19 -57.81
CA GLN L 6 -7.59 -4.60 -58.27
C GLN L 6 -7.44 -4.68 -59.77
N SER L 7 -6.72 -3.70 -60.31
CA SER L 7 -6.47 -3.64 -61.74
C SER L 7 -5.17 -2.89 -62.07
N PRO L 8 -4.37 -3.40 -63.01
CA PRO L 8 -4.48 -4.60 -63.81
C PRO L 8 -4.18 -5.82 -62.97
N GLY L 9 -4.56 -7.01 -63.40
CA GLY L 9 -4.12 -8.19 -62.64
C GLY L 9 -2.59 -8.27 -62.71
N THR L 10 -2.06 -8.00 -63.89
CA THR L 10 -0.63 -7.97 -64.09
C THR L 10 -0.23 -6.68 -64.82
N LEU L 11 0.78 -6.04 -64.28
CA LEU L 11 1.36 -4.82 -64.79
C LEU L 11 2.72 -5.20 -65.32
N SER L 12 3.17 -4.63 -66.42
CA SER L 12 4.47 -4.98 -66.95
C SER L 12 5.26 -3.74 -67.37
N LEU L 13 6.47 -3.61 -66.83
CA LEU L 13 7.30 -2.44 -67.15
C LEU L 13 8.80 -2.65 -67.11
N SER L 14 9.52 -1.69 -67.68
CA SER L 14 10.98 -1.73 -67.65
C SER L 14 11.43 -1.23 -66.29
N PRO L 15 12.47 -1.79 -65.67
CA PRO L 15 12.99 -1.26 -64.43
C PRO L 15 13.33 0.22 -64.65
N GLY L 16 12.98 1.04 -63.67
CA GLY L 16 13.19 2.48 -63.70
C GLY L 16 11.92 3.22 -64.11
N GLU L 17 10.95 2.49 -64.65
CA GLU L 17 9.67 2.99 -65.09
C GLU L 17 8.69 3.10 -63.91
N ARG L 18 7.73 4.00 -64.02
CA ARG L 18 6.69 4.23 -63.02
C ARG L 18 5.50 3.27 -63.12
N ALA L 19 5.12 2.67 -61.99
CA ALA L 19 3.96 1.78 -61.93
C ALA L 19 2.87 2.34 -61.08
N THR L 20 1.64 2.09 -61.49
CA THR L 20 0.53 2.41 -60.63
C THR L 20 -0.38 1.22 -60.53
N VAL L 21 -0.97 1.05 -59.35
CA VAL L 21 -1.93 -0.03 -59.15
C VAL L 21 -3.26 0.55 -58.69
N SER L 22 -4.33 0.23 -59.42
CA SER L 22 -5.64 0.75 -59.07
C SER L 22 -6.38 -0.26 -58.19
N CYS L 23 -7.27 0.25 -57.30
CA CYS L 23 -8.15 -0.55 -56.47
C CYS L 23 -9.51 0.14 -56.31
N ARG L 24 -10.58 -0.59 -56.62
CA ARG L 24 -11.92 -0.07 -56.51
C ARG L 24 -12.78 -0.80 -55.51
N ALA L 25 -13.33 -0.05 -54.57
CA ALA L 25 -14.19 -0.59 -53.54
C ALA L 25 -15.66 -0.65 -53.98
N SER L 26 -16.38 -1.62 -53.44
CA SER L 26 -17.84 -1.75 -53.63
C SER L 26 -18.65 -0.60 -53.02
N GLN L 27 -18.04 0.14 -52.11
CA GLN L 27 -18.68 1.25 -51.43
C GLN L 27 -17.62 2.28 -51.13
N SER L 28 -18.03 3.52 -50.89
CA SER L 28 -17.04 4.47 -50.48
C SER L 28 -16.54 4.12 -49.09
N VAL L 29 -15.23 4.26 -48.89
CA VAL L 29 -14.57 4.00 -47.63
C VAL L 29 -13.65 5.17 -47.25
N THR L 30 -13.73 5.59 -46.00
CA THR L 30 -12.89 6.67 -45.51
C THR L 30 -11.45 6.22 -45.69
N SER L 31 -10.61 7.12 -46.21
CA SER L 31 -9.23 6.87 -46.57
C SER L 31 -8.32 6.44 -45.45
N THR L 32 -8.75 6.68 -44.22
CA THR L 32 -8.00 6.32 -43.04
C THR L 32 -7.92 4.81 -42.90
N PHE L 33 -8.86 4.10 -43.54
CA PHE L 33 -8.96 2.67 -43.37
C PHE L 33 -8.39 1.82 -44.48
N LEU L 34 -7.65 2.41 -45.40
CA LEU L 34 -7.03 1.66 -46.49
C LEU L 34 -5.57 1.39 -46.19
N ALA L 35 -5.02 0.34 -46.77
CA ALA L 35 -3.60 0.04 -46.68
C ALA L 35 -3.14 -0.72 -47.93
N TRP L 36 -1.83 -0.62 -48.22
CA TRP L 36 -1.24 -1.41 -49.30
C TRP L 36 -0.09 -2.25 -48.78
N TYR L 37 -0.02 -3.49 -49.27
CA TYR L 37 1.01 -4.47 -48.91
C TYR L 37 1.80 -5.00 -50.09
N GLN L 38 3.06 -5.33 -49.86
CA GLN L 38 3.89 -5.92 -50.90
C GLN L 38 4.31 -7.32 -50.56
N GLN L 39 3.94 -8.27 -51.39
CA GLN L 39 4.34 -9.62 -51.13
C GLN L 39 5.31 -10.14 -52.16
N ARG L 40 6.53 -10.34 -51.72
CA ARG L 40 7.57 -10.84 -52.57
C ARG L 40 7.38 -12.34 -52.51
N PRO L 41 7.49 -13.11 -53.59
CA PRO L 41 7.30 -14.54 -53.55
C PRO L 41 8.18 -15.17 -52.49
N GLY L 42 7.58 -16.08 -51.73
CA GLY L 42 8.27 -16.79 -50.65
C GLY L 42 8.28 -16.03 -49.32
N GLN L 43 7.68 -14.85 -49.29
CA GLN L 43 7.69 -14.03 -48.08
C GLN L 43 6.30 -13.59 -47.62
N ALA L 44 6.19 -13.31 -46.32
CA ALA L 44 4.95 -12.76 -45.76
C ALA L 44 4.81 -11.34 -46.28
N PRO L 45 3.61 -10.80 -46.48
CA PRO L 45 3.37 -9.44 -46.91
C PRO L 45 4.00 -8.39 -46.01
N ARG L 46 4.54 -7.33 -46.62
CA ARG L 46 5.11 -6.21 -45.90
C ARG L 46 4.21 -5.00 -46.06
N LEU L 47 4.06 -4.22 -45.01
CA LEU L 47 3.23 -3.01 -45.16
C LEU L 47 4.00 -1.90 -45.82
N LEU L 48 3.40 -1.28 -46.84
CA LEU L 48 4.00 -0.16 -47.53
C LEU L 48 3.35 1.16 -47.17
N ILE L 49 2.05 1.22 -47.40
CA ILE L 49 1.28 2.44 -47.19
C ILE L 49 0.15 2.18 -46.24
N TYR L 50 -0.05 3.05 -45.25
CA TYR L 50 -1.19 2.87 -44.39
C TYR L 50 -2.07 4.08 -44.52
N GLY L 51 -3.33 3.83 -44.48
CA GLY L 51 -4.27 4.86 -44.72
C GLY L 51 -4.13 4.88 -46.23
N ALA L 52 -4.86 5.70 -46.93
CA ALA L 52 -4.63 5.70 -48.35
C ALA L 52 -3.23 6.20 -48.72
N SER L 53 -2.63 7.12 -47.93
CA SER L 53 -1.36 7.73 -48.30
C SER L 53 -0.12 7.71 -47.39
N SER L 54 -0.18 7.30 -46.12
CA SER L 54 1.01 7.47 -45.29
C SER L 54 2.01 6.37 -45.48
N ARG L 55 3.28 6.69 -45.62
CA ARG L 55 4.21 5.61 -45.80
C ARG L 55 4.67 5.00 -44.47
N ALA L 56 4.76 3.68 -44.46
CA ALA L 56 5.19 2.88 -43.32
C ALA L 56 6.68 3.01 -43.08
N THR L 57 7.08 2.84 -41.83
CA THR L 57 8.47 2.92 -41.45
C THR L 57 9.31 1.89 -42.16
N GLY L 58 10.43 2.33 -42.73
CA GLY L 58 11.36 1.45 -43.42
C GLY L 58 11.09 1.31 -44.90
N ILE L 59 10.02 1.95 -45.37
CA ILE L 59 9.65 1.88 -46.77
C ILE L 59 10.15 3.18 -47.42
N PRO L 60 10.89 3.11 -48.54
CA PRO L 60 11.52 4.21 -49.26
C PRO L 60 10.54 5.11 -50.00
N ASP L 61 11.06 6.28 -50.37
CA ASP L 61 10.38 7.38 -51.06
C ASP L 61 9.80 7.02 -52.42
N ARG L 62 10.17 5.87 -52.95
CA ARG L 62 9.62 5.41 -54.22
C ARG L 62 8.13 5.20 -54.06
N PHE L 63 7.69 4.87 -52.85
CA PHE L 63 6.28 4.56 -52.61
C PHE L 63 5.47 5.71 -52.02
N SER L 64 4.30 5.88 -52.60
CA SER L 64 3.33 6.86 -52.15
C SER L 64 1.97 6.43 -52.64
N GLY L 65 0.91 7.09 -52.21
CA GLY L 65 -0.40 6.72 -52.73
C GLY L 65 -1.44 7.71 -52.29
N SER L 66 -2.61 7.59 -52.89
CA SER L 66 -3.71 8.49 -52.57
C SER L 66 -5.02 7.97 -53.11
N GLY L 67 -6.11 8.60 -52.70
CA GLY L 67 -7.41 8.28 -53.23
C GLY L 67 -8.51 8.75 -52.31
N SER L 68 -9.74 8.50 -52.73
CA SER L 68 -10.90 8.91 -51.97
C SER L 68 -12.10 8.08 -52.37
N GLU L 69 -13.14 8.15 -51.58
CA GLU L 69 -14.37 7.47 -51.91
C GLU L 69 -14.11 6.00 -52.15
N ALA L 70 -14.32 5.52 -53.37
CA ALA L 70 -14.11 4.10 -53.63
C ALA L 70 -12.88 3.85 -54.49
N ASP L 71 -12.21 4.90 -54.91
CA ASP L 71 -11.11 4.77 -55.87
C ASP L 71 -9.74 5.16 -55.34
N PHE L 72 -8.87 4.16 -55.21
CA PHE L 72 -7.55 4.39 -54.66
C PHE L 72 -6.43 3.88 -55.56
N THR L 73 -5.28 4.57 -55.53
CA THR L 73 -4.10 4.17 -56.31
C THR L 73 -2.77 4.15 -55.54
N LEU L 74 -1.98 3.09 -55.79
CA LEU L 74 -0.61 2.99 -55.27
C LEU L 74 0.35 3.42 -56.34
N THR L 75 1.30 4.29 -56.01
CA THR L 75 2.30 4.74 -56.98
C THR L 75 3.71 4.32 -56.60
N ILE L 76 4.41 3.70 -57.55
CA ILE L 76 5.79 3.31 -57.34
C ILE L 76 6.67 4.00 -58.39
N ASN L 77 7.48 4.95 -57.98
CA ASN L 77 8.30 5.66 -58.94
C ASN L 77 9.62 4.93 -59.08
N ARG L 78 10.25 4.99 -60.25
CA ARG L 78 11.56 4.38 -60.41
C ARG L 78 11.56 2.95 -59.90
N LEU L 79 10.64 2.11 -60.36
CA LEU L 79 10.51 0.78 -59.78
C LEU L 79 11.82 0.01 -59.97
N GLU L 80 12.32 -0.60 -58.89
CA GLU L 80 13.61 -1.31 -58.91
C GLU L 80 13.41 -2.82 -58.99
N PRO L 81 14.44 -3.64 -59.31
CA PRO L 81 14.35 -5.10 -59.35
C PRO L 81 13.72 -5.74 -58.10
N GLU L 82 13.90 -5.13 -56.93
CA GLU L 82 13.36 -5.69 -55.71
C GLU L 82 11.86 -5.44 -55.54
N ASP L 83 11.30 -4.61 -56.42
CA ASP L 83 9.90 -4.26 -56.36
C ASP L 83 9.05 -5.07 -57.33
N PHE L 84 9.64 -6.03 -58.01
CA PHE L 84 8.82 -6.83 -58.92
C PHE L 84 8.15 -7.97 -58.13
N ALA L 85 7.08 -7.57 -57.44
CA ALA L 85 6.33 -8.35 -56.47
C ALA L 85 4.83 -8.17 -56.68
N VAL L 86 4.00 -8.76 -55.80
CA VAL L 86 2.55 -8.61 -55.90
C VAL L 86 2.01 -7.64 -54.85
N TYR L 87 1.28 -6.64 -55.30
CA TYR L 87 0.78 -5.65 -54.37
C TYR L 87 -0.67 -5.89 -54.02
N TYR L 88 -1.02 -5.74 -52.75
CA TYR L 88 -2.40 -5.94 -52.33
C TYR L 88 -3.04 -4.71 -51.72
N CYS L 89 -4.33 -4.55 -52.02
CA CYS L 89 -5.22 -3.51 -51.53
C CYS L 89 -6.02 -4.12 -50.36
N GLN L 90 -5.95 -3.48 -49.20
CA GLN L 90 -6.68 -3.98 -48.03
C GLN L 90 -7.44 -2.89 -47.29
N GLN L 91 -8.66 -3.18 -46.82
CA GLN L 91 -9.39 -2.20 -46.01
C GLN L 91 -9.91 -2.79 -44.70
N TYR L 92 -9.78 -2.00 -43.63
CA TYR L 92 -10.18 -2.37 -42.26
C TYR L 92 -11.27 -1.49 -41.65
N ALA L 93 -12.03 -0.79 -42.49
CA ALA L 93 -13.08 0.11 -42.01
C ALA L 93 -14.23 -0.58 -41.29
N THR L 94 -14.62 -1.75 -41.77
CA THR L 94 -15.73 -2.48 -41.19
C THR L 94 -15.37 -3.93 -41.17
N SER L 95 -16.06 -4.73 -40.36
CA SER L 95 -15.81 -6.15 -40.43
C SER L 95 -16.68 -6.75 -41.54
N PRO L 96 -16.20 -7.77 -42.23
CA PRO L 96 -14.90 -8.40 -42.19
C PRO L 96 -13.90 -7.51 -42.88
N TRP L 97 -12.64 -7.65 -42.53
CA TRP L 97 -11.60 -6.92 -43.23
C TRP L 97 -11.47 -7.56 -44.58
N THR L 98 -11.21 -6.74 -45.58
CA THR L 98 -11.20 -7.22 -46.96
C THR L 98 -9.92 -6.97 -47.73
N PHE L 99 -9.58 -7.92 -48.61
CA PHE L 99 -8.42 -7.82 -49.52
C PHE L 99 -8.81 -7.98 -50.98
N GLY L 100 -8.03 -7.35 -51.87
CA GLY L 100 -8.20 -7.54 -53.31
C GLY L 100 -7.42 -8.76 -53.82
N GLN L 101 -7.43 -8.98 -55.13
CA GLN L 101 -6.77 -10.13 -55.75
C GLN L 101 -5.25 -10.06 -55.75
N GLY L 102 -4.74 -8.86 -55.88
CA GLY L 102 -3.31 -8.60 -55.94
C GLY L 102 -2.83 -8.31 -57.35
N THR L 103 -1.93 -7.34 -57.49
CA THR L 103 -1.37 -6.99 -58.80
C THR L 103 0.10 -7.32 -58.89
N LYS L 104 0.44 -8.16 -59.84
CA LYS L 104 1.82 -8.56 -60.04
C LYS L 104 2.54 -7.63 -60.97
N VAL L 105 3.81 -7.33 -60.69
CA VAL L 105 4.57 -6.51 -61.63
C VAL L 105 5.67 -7.35 -62.30
N GLU L 106 5.66 -7.39 -63.64
CA GLU L 106 6.62 -8.14 -64.45
C GLU L 106 7.78 -7.31 -64.97
N ILE L 107 8.92 -7.98 -65.19
CA ILE L 107 10.13 -7.32 -65.72
C ILE L 107 10.26 -7.45 -67.24
N LYS L 108 10.28 -6.31 -67.97
CA LYS L 108 10.46 -6.18 -69.42
C LYS L 108 11.35 -4.94 -69.70
#